data_5IEU
# 
_entry.id   5IEU 
# 
_audit_conform.dict_name       mmcif_pdbx.dic 
_audit_conform.dict_version    5.387 
_audit_conform.dict_location   http://mmcif.pdb.org/dictionaries/ascii/mmcif_pdbx.dic 
# 
loop_
_database_2.database_id 
_database_2.database_code 
_database_2.pdbx_database_accession 
_database_2.pdbx_DOI 
PDB   5IEU         pdb_00005ieu 10.2210/pdb5ieu/pdb 
WWPDB D_1000218058 ?            ?                   
# 
loop_
_pdbx_audit_revision_history.ordinal 
_pdbx_audit_revision_history.data_content_type 
_pdbx_audit_revision_history.major_revision 
_pdbx_audit_revision_history.minor_revision 
_pdbx_audit_revision_history.revision_date 
1 'Structure model' 1 0 2016-03-30 
2 'Structure model' 1 1 2016-04-06 
3 'Structure model' 1 2 2016-06-29 
4 'Structure model' 1 3 2017-09-27 
5 'Structure model' 1 4 2019-12-11 
6 'Structure model' 1 5 2024-03-06 
# 
_pdbx_audit_revision_details.ordinal             1 
_pdbx_audit_revision_details.revision_ordinal    1 
_pdbx_audit_revision_details.data_content_type   'Structure model' 
_pdbx_audit_revision_details.provider            repository 
_pdbx_audit_revision_details.type                'Initial release' 
_pdbx_audit_revision_details.description         ? 
_pdbx_audit_revision_details.details             ? 
# 
loop_
_pdbx_audit_revision_group.ordinal 
_pdbx_audit_revision_group.revision_ordinal 
_pdbx_audit_revision_group.data_content_type 
_pdbx_audit_revision_group.group 
1 2 'Structure model' 'Database references'        
2 3 'Structure model' 'Database references'        
3 4 'Structure model' 'Author supporting evidence' 
4 4 'Structure model' 'Database references'        
5 4 'Structure model' 'Derived calculations'       
6 5 'Structure model' 'Author supporting evidence' 
7 6 'Structure model' 'Data collection'            
8 6 'Structure model' 'Database references'        
# 
loop_
_pdbx_audit_revision_category.ordinal 
_pdbx_audit_revision_category.revision_ordinal 
_pdbx_audit_revision_category.data_content_type 
_pdbx_audit_revision_category.category 
1 4 'Structure model' citation              
2 4 'Structure model' pdbx_audit_support    
3 4 'Structure model' pdbx_struct_oper_list 
4 5 'Structure model' pdbx_audit_support    
5 6 'Structure model' chem_comp_atom        
6 6 'Structure model' chem_comp_bond        
7 6 'Structure model' database_2            
# 
loop_
_pdbx_audit_revision_item.ordinal 
_pdbx_audit_revision_item.revision_ordinal 
_pdbx_audit_revision_item.data_content_type 
_pdbx_audit_revision_item.item 
1 4 'Structure model' '_citation.journal_id_CSD'                  
2 4 'Structure model' '_pdbx_audit_support.funding_organization'  
3 4 'Structure model' '_pdbx_struct_oper_list.symmetry_operation' 
4 5 'Structure model' '_pdbx_audit_support.funding_organization'  
5 6 'Structure model' '_database_2.pdbx_DOI'                      
6 6 'Structure model' '_database_2.pdbx_database_accession'       
# 
_pdbx_database_status.status_code                     REL 
_pdbx_database_status.status_code_sf                  REL 
_pdbx_database_status.status_code_mr                  ? 
_pdbx_database_status.entry_id                        5IEU 
_pdbx_database_status.recvd_initial_deposition_date   2016-02-25 
_pdbx_database_status.SG_entry                        N 
_pdbx_database_status.deposit_site                    RCSB 
_pdbx_database_status.process_site                    RCSB 
_pdbx_database_status.status_code_cs                  ? 
_pdbx_database_status.methods_development_category    ? 
_pdbx_database_status.pdb_format_compatible           Y 
_pdbx_database_status.status_code_nmr_data            ? 
# 
_pdbx_database_related.content_type   unspecified 
_pdbx_database_related.db_id          5IET 
_pdbx_database_related.db_name        PDB 
_pdbx_database_related.details        . 
# 
loop_
_audit_author.name 
_audit_author.pdbx_ordinal 
_audit_author.identifier_ORCID 
'Bai, L.'       1 ? 
'Hu, K.'        2 ? 
'Wang, T.'      3 ? 
'Jastrab, J.B.' 4 ? 
'Darwin, K.H.'  5 ? 
'Li, H.'        6 ? 
# 
_citation.abstract                  ? 
_citation.abstract_id_CAS           ? 
_citation.book_id_ISBN              ? 
_citation.book_publisher            ? 
_citation.book_publisher_city       ? 
_citation.book_title                ? 
_citation.coordinate_linkage        ? 
_citation.country                   US 
_citation.database_id_Medline       ? 
_citation.details                   ? 
_citation.id                        primary 
_citation.journal_abbrev            Proc.Natl.Acad.Sci.USA 
_citation.journal_id_ASTM           PNASA6 
_citation.journal_id_CSD            0040 
_citation.journal_id_ISSN           1091-6490 
_citation.journal_full              ? 
_citation.journal_issue             ? 
_citation.journal_volume            113 
_citation.language                  ? 
_citation.page_first                E1983 
_citation.page_last                 E1992 
_citation.title                     
'Structural analysis of the dodecameric proteasome activator PafE in Mycobacterium tuberculosis.' 
_citation.year                      2016 
_citation.database_id_CSD           ? 
_citation.pdbx_database_id_DOI      10.1073/pnas.1512094113 
_citation.pdbx_database_id_PubMed   27001842 
_citation.unpublished_flag          ? 
# 
loop_
_citation_author.citation_id 
_citation_author.name 
_citation_author.ordinal 
_citation_author.identifier_ORCID 
primary 'Bai, L.'       1 ? 
primary 'Hu, K.'        2 ? 
primary 'Wang, T.'      3 ? 
primary 'Jastrab, J.B.' 4 ? 
primary 'Darwin, K.H.'  5 ? 
primary 'Li, H.'        6 ? 
# 
loop_
_entity.id 
_entity.type 
_entity.src_method 
_entity.pdbx_description 
_entity.formula_weight 
_entity.pdbx_number_of_molecules 
_entity.pdbx_ec 
_entity.pdbx_mutation 
_entity.pdbx_fragment 
_entity.details 
1 polymer man 'Bacterial proteasome activator' 13787.726 2 ? ? 'residues 48-157' ? 
2 water   nat water                            18.015    2 ? ? ?                 ? 
# 
_entity_poly.entity_id                      1 
_entity_poly.type                           'polypeptide(L)' 
_entity_poly.nstd_linkage                   no 
_entity_poly.nstd_monomer                   no 
_entity_poly.pdbx_seq_one_letter_code       
;MPAKVMRIGTMIKQLLEEVRAAPLDEASRNRLRDIHATSIRELEDGLAPELREELDRLTLPFNEDAVPSDAELRIAQAQL
VGWLEGLFHGIQTALFAQQMAARAQLQQMRQAALEHHHHHH
;
_entity_poly.pdbx_seq_one_letter_code_can   
;MPAKVMRIGTMIKQLLEEVRAAPLDEASRNRLRDIHATSIRELEDGLAPELREELDRLTLPFNEDAVPSDAELRIAQAQL
VGWLEGLFHGIQTALFAQQMAARAQLQQMRQAALEHHHHHH
;
_entity_poly.pdbx_strand_id                 A,B 
_entity_poly.pdbx_target_identifier         ? 
# 
_pdbx_entity_nonpoly.entity_id   2 
_pdbx_entity_nonpoly.name        water 
_pdbx_entity_nonpoly.comp_id     HOH 
# 
loop_
_entity_poly_seq.entity_id 
_entity_poly_seq.num 
_entity_poly_seq.mon_id 
_entity_poly_seq.hetero 
1 1   MET n 
1 2   PRO n 
1 3   ALA n 
1 4   LYS n 
1 5   VAL n 
1 6   MET n 
1 7   ARG n 
1 8   ILE n 
1 9   GLY n 
1 10  THR n 
1 11  MET n 
1 12  ILE n 
1 13  LYS n 
1 14  GLN n 
1 15  LEU n 
1 16  LEU n 
1 17  GLU n 
1 18  GLU n 
1 19  VAL n 
1 20  ARG n 
1 21  ALA n 
1 22  ALA n 
1 23  PRO n 
1 24  LEU n 
1 25  ASP n 
1 26  GLU n 
1 27  ALA n 
1 28  SER n 
1 29  ARG n 
1 30  ASN n 
1 31  ARG n 
1 32  LEU n 
1 33  ARG n 
1 34  ASP n 
1 35  ILE n 
1 36  HIS n 
1 37  ALA n 
1 38  THR n 
1 39  SER n 
1 40  ILE n 
1 41  ARG n 
1 42  GLU n 
1 43  LEU n 
1 44  GLU n 
1 45  ASP n 
1 46  GLY n 
1 47  LEU n 
1 48  ALA n 
1 49  PRO n 
1 50  GLU n 
1 51  LEU n 
1 52  ARG n 
1 53  GLU n 
1 54  GLU n 
1 55  LEU n 
1 56  ASP n 
1 57  ARG n 
1 58  LEU n 
1 59  THR n 
1 60  LEU n 
1 61  PRO n 
1 62  PHE n 
1 63  ASN n 
1 64  GLU n 
1 65  ASP n 
1 66  ALA n 
1 67  VAL n 
1 68  PRO n 
1 69  SER n 
1 70  ASP n 
1 71  ALA n 
1 72  GLU n 
1 73  LEU n 
1 74  ARG n 
1 75  ILE n 
1 76  ALA n 
1 77  GLN n 
1 78  ALA n 
1 79  GLN n 
1 80  LEU n 
1 81  VAL n 
1 82  GLY n 
1 83  TRP n 
1 84  LEU n 
1 85  GLU n 
1 86  GLY n 
1 87  LEU n 
1 88  PHE n 
1 89  HIS n 
1 90  GLY n 
1 91  ILE n 
1 92  GLN n 
1 93  THR n 
1 94  ALA n 
1 95  LEU n 
1 96  PHE n 
1 97  ALA n 
1 98  GLN n 
1 99  GLN n 
1 100 MET n 
1 101 ALA n 
1 102 ALA n 
1 103 ARG n 
1 104 ALA n 
1 105 GLN n 
1 106 LEU n 
1 107 GLN n 
1 108 GLN n 
1 109 MET n 
1 110 ARG n 
1 111 GLN n 
1 112 ALA n 
1 113 ALA n 
1 114 LEU n 
1 115 GLU n 
1 116 HIS n 
1 117 HIS n 
1 118 HIS n 
1 119 HIS n 
1 120 HIS n 
1 121 HIS n 
# 
_entity_src_gen.entity_id                          1 
_entity_src_gen.pdbx_src_id                        1 
_entity_src_gen.pdbx_alt_source_flag               sample 
_entity_src_gen.pdbx_seq_type                      'Biological sequence' 
_entity_src_gen.pdbx_beg_seq_num                   1 
_entity_src_gen.pdbx_end_seq_num                   121 
_entity_src_gen.gene_src_common_name               ? 
_entity_src_gen.gene_src_genus                     ? 
_entity_src_gen.pdbx_gene_src_gene                 AFL40_3934 
_entity_src_gen.gene_src_species                   ? 
_entity_src_gen.gene_src_strain                    ? 
_entity_src_gen.gene_src_tissue                    ? 
_entity_src_gen.gene_src_tissue_fraction           ? 
_entity_src_gen.gene_src_details                   ? 
_entity_src_gen.pdbx_gene_src_fragment             ? 
_entity_src_gen.pdbx_gene_src_scientific_name      'Mycobacterium tuberculosis' 
_entity_src_gen.pdbx_gene_src_ncbi_taxonomy_id     1773 
_entity_src_gen.pdbx_gene_src_variant              ? 
_entity_src_gen.pdbx_gene_src_cell_line            ? 
_entity_src_gen.pdbx_gene_src_atcc                 ? 
_entity_src_gen.pdbx_gene_src_organ                ? 
_entity_src_gen.pdbx_gene_src_organelle            ? 
_entity_src_gen.pdbx_gene_src_cell                 ? 
_entity_src_gen.pdbx_gene_src_cellular_location    ? 
_entity_src_gen.host_org_common_name               ? 
_entity_src_gen.pdbx_host_org_scientific_name      'Escherichia coli' 
_entity_src_gen.pdbx_host_org_ncbi_taxonomy_id     562 
_entity_src_gen.host_org_genus                     ? 
_entity_src_gen.pdbx_host_org_gene                 ? 
_entity_src_gen.pdbx_host_org_organ                ? 
_entity_src_gen.host_org_species                   ? 
_entity_src_gen.pdbx_host_org_tissue               ? 
_entity_src_gen.pdbx_host_org_tissue_fraction      ? 
_entity_src_gen.pdbx_host_org_strain               ? 
_entity_src_gen.pdbx_host_org_variant              ? 
_entity_src_gen.pdbx_host_org_cell_line            ? 
_entity_src_gen.pdbx_host_org_atcc                 ? 
_entity_src_gen.pdbx_host_org_culture_collection   ? 
_entity_src_gen.pdbx_host_org_cell                 ? 
_entity_src_gen.pdbx_host_org_organelle            ? 
_entity_src_gen.pdbx_host_org_cellular_location    ? 
_entity_src_gen.pdbx_host_org_vector_type          ? 
_entity_src_gen.pdbx_host_org_vector               ? 
_entity_src_gen.host_org_details                   ? 
_entity_src_gen.expression_system_id               ? 
_entity_src_gen.plasmid_name                       ? 
_entity_src_gen.plasmid_details                    ? 
_entity_src_gen.pdbx_description                   ? 
# 
loop_
_chem_comp.id 
_chem_comp.type 
_chem_comp.mon_nstd_flag 
_chem_comp.name 
_chem_comp.pdbx_synonyms 
_chem_comp.formula 
_chem_comp.formula_weight 
ALA 'L-peptide linking' y ALANINE         ? 'C3 H7 N O2'     89.093  
ARG 'L-peptide linking' y ARGININE        ? 'C6 H15 N4 O2 1' 175.209 
ASN 'L-peptide linking' y ASPARAGINE      ? 'C4 H8 N2 O3'    132.118 
ASP 'L-peptide linking' y 'ASPARTIC ACID' ? 'C4 H7 N O4'     133.103 
GLN 'L-peptide linking' y GLUTAMINE       ? 'C5 H10 N2 O3'   146.144 
GLU 'L-peptide linking' y 'GLUTAMIC ACID' ? 'C5 H9 N O4'     147.129 
GLY 'peptide linking'   y GLYCINE         ? 'C2 H5 N O2'     75.067  
HIS 'L-peptide linking' y HISTIDINE       ? 'C6 H10 N3 O2 1' 156.162 
HOH non-polymer         . WATER           ? 'H2 O'           18.015  
ILE 'L-peptide linking' y ISOLEUCINE      ? 'C6 H13 N O2'    131.173 
LEU 'L-peptide linking' y LEUCINE         ? 'C6 H13 N O2'    131.173 
LYS 'L-peptide linking' y LYSINE          ? 'C6 H15 N2 O2 1' 147.195 
MET 'L-peptide linking' y METHIONINE      ? 'C5 H11 N O2 S'  149.211 
PHE 'L-peptide linking' y PHENYLALANINE   ? 'C9 H11 N O2'    165.189 
PRO 'L-peptide linking' y PROLINE         ? 'C5 H9 N O2'     115.130 
SER 'L-peptide linking' y SERINE          ? 'C3 H7 N O3'     105.093 
THR 'L-peptide linking' y THREONINE       ? 'C4 H9 N O3'     119.119 
TRP 'L-peptide linking' y TRYPTOPHAN      ? 'C11 H12 N2 O2'  204.225 
VAL 'L-peptide linking' y VALINE          ? 'C5 H11 N O2'    117.146 
# 
loop_
_pdbx_poly_seq_scheme.asym_id 
_pdbx_poly_seq_scheme.entity_id 
_pdbx_poly_seq_scheme.seq_id 
_pdbx_poly_seq_scheme.mon_id 
_pdbx_poly_seq_scheme.ndb_seq_num 
_pdbx_poly_seq_scheme.pdb_seq_num 
_pdbx_poly_seq_scheme.auth_seq_num 
_pdbx_poly_seq_scheme.pdb_mon_id 
_pdbx_poly_seq_scheme.auth_mon_id 
_pdbx_poly_seq_scheme.pdb_strand_id 
_pdbx_poly_seq_scheme.pdb_ins_code 
_pdbx_poly_seq_scheme.hetero 
A 1 1   MET 1   43  ?   ?   ?   A . n 
A 1 2   PRO 2   44  ?   ?   ?   A . n 
A 1 3   ALA 3   45  ?   ?   ?   A . n 
A 1 4   LYS 4   46  46  LYS LYS A . n 
A 1 5   VAL 5   47  47  VAL VAL A . n 
A 1 6   MET 6   48  48  MET MET A . n 
A 1 7   ARG 7   49  49  ARG ARG A . n 
A 1 8   ILE 8   50  50  ILE ILE A . n 
A 1 9   GLY 9   51  51  GLY GLY A . n 
A 1 10  THR 10  52  52  THR THR A . n 
A 1 11  MET 11  53  53  MET MET A . n 
A 1 12  ILE 12  54  54  ILE ILE A . n 
A 1 13  LYS 13  55  55  LYS LYS A . n 
A 1 14  GLN 14  56  56  GLN GLN A . n 
A 1 15  LEU 15  57  57  LEU LEU A . n 
A 1 16  LEU 16  58  58  LEU LEU A . n 
A 1 17  GLU 17  59  59  GLU GLU A . n 
A 1 18  GLU 18  60  60  GLU GLU A . n 
A 1 19  VAL 19  61  61  VAL VAL A . n 
A 1 20  ARG 20  62  62  ARG ARG A . n 
A 1 21  ALA 21  63  63  ALA ALA A . n 
A 1 22  ALA 22  64  64  ALA ALA A . n 
A 1 23  PRO 23  65  65  PRO PRO A . n 
A 1 24  LEU 24  66  ?   ?   ?   A . n 
A 1 25  ASP 25  67  ?   ?   ?   A . n 
A 1 26  GLU 26  68  ?   ?   ?   A . n 
A 1 27  ALA 27  69  ?   ?   ?   A . n 
A 1 28  SER 28  70  70  SER SER A . n 
A 1 29  ARG 29  71  71  ARG ARG A . n 
A 1 30  ASN 30  72  72  ASN ASN A . n 
A 1 31  ARG 31  73  73  ARG ARG A . n 
A 1 32  LEU 32  74  74  LEU LEU A . n 
A 1 33  ARG 33  75  75  ARG ARG A . n 
A 1 34  ASP 34  76  76  ASP ASP A . n 
A 1 35  ILE 35  77  77  ILE ILE A . n 
A 1 36  HIS 36  78  78  HIS HIS A . n 
A 1 37  ALA 37  79  79  ALA ALA A . n 
A 1 38  THR 38  80  80  THR THR A . n 
A 1 39  SER 39  81  81  SER SER A . n 
A 1 40  ILE 40  82  82  ILE ILE A . n 
A 1 41  ARG 41  83  83  ARG ARG A . n 
A 1 42  GLU 42  84  84  GLU GLU A . n 
A 1 43  LEU 43  85  85  LEU LEU A . n 
A 1 44  GLU 44  86  86  GLU GLU A . n 
A 1 45  ASP 45  87  87  ASP ASP A . n 
A 1 46  GLY 46  88  88  GLY GLY A . n 
A 1 47  LEU 47  89  89  LEU LEU A . n 
A 1 48  ALA 48  90  90  ALA ALA A . n 
A 1 49  PRO 49  91  91  PRO PRO A . n 
A 1 50  GLU 50  92  92  GLU GLU A . n 
A 1 51  LEU 51  93  93  LEU LEU A . n 
A 1 52  ARG 52  94  94  ARG ARG A . n 
A 1 53  GLU 53  95  95  GLU GLU A . n 
A 1 54  GLU 54  96  96  GLU GLU A . n 
A 1 55  LEU 55  97  97  LEU LEU A . n 
A 1 56  ASP 56  98  98  ASP ASP A . n 
A 1 57  ARG 57  99  99  ARG ARG A . n 
A 1 58  LEU 58  100 100 LEU LEU A . n 
A 1 59  THR 59  101 101 THR THR A . n 
A 1 60  LEU 60  102 102 LEU LEU A . n 
A 1 61  PRO 61  103 103 PRO PRO A . n 
A 1 62  PHE 62  104 ?   ?   ?   A . n 
A 1 63  ASN 63  105 ?   ?   ?   A . n 
A 1 64  GLU 64  106 ?   ?   ?   A . n 
A 1 65  ASP 65  107 ?   ?   ?   A . n 
A 1 66  ALA 66  108 ?   ?   ?   A . n 
A 1 67  VAL 67  109 109 VAL VAL A . n 
A 1 68  PRO 68  110 110 PRO PRO A . n 
A 1 69  SER 69  111 111 SER SER A . n 
A 1 70  ASP 70  112 112 ASP ASP A . n 
A 1 71  ALA 71  113 113 ALA ALA A . n 
A 1 72  GLU 72  114 114 GLU GLU A . n 
A 1 73  LEU 73  115 115 LEU LEU A . n 
A 1 74  ARG 74  116 116 ARG ARG A . n 
A 1 75  ILE 75  117 117 ILE ILE A . n 
A 1 76  ALA 76  118 118 ALA ALA A . n 
A 1 77  GLN 77  119 119 GLN GLN A . n 
A 1 78  ALA 78  120 120 ALA ALA A . n 
A 1 79  GLN 79  121 121 GLN GLN A . n 
A 1 80  LEU 80  122 122 LEU LEU A . n 
A 1 81  VAL 81  123 123 VAL VAL A . n 
A 1 82  GLY 82  124 124 GLY GLY A . n 
A 1 83  TRP 83  125 125 TRP TRP A . n 
A 1 84  LEU 84  126 126 LEU LEU A . n 
A 1 85  GLU 85  127 127 GLU GLU A . n 
A 1 86  GLY 86  128 128 GLY GLY A . n 
A 1 87  LEU 87  129 129 LEU LEU A . n 
A 1 88  PHE 88  130 130 PHE PHE A . n 
A 1 89  HIS 89  131 131 HIS HIS A . n 
A 1 90  GLY 90  132 132 GLY GLY A . n 
A 1 91  ILE 91  133 133 ILE ILE A . n 
A 1 92  GLN 92  134 134 GLN GLN A . n 
A 1 93  THR 93  135 135 THR THR A . n 
A 1 94  ALA 94  136 136 ALA ALA A . n 
A 1 95  LEU 95  137 137 LEU LEU A . n 
A 1 96  PHE 96  138 138 PHE PHE A . n 
A 1 97  ALA 97  139 139 ALA ALA A . n 
A 1 98  GLN 98  140 140 GLN GLN A . n 
A 1 99  GLN 99  141 141 GLN GLN A . n 
A 1 100 MET 100 142 142 MET MET A . n 
A 1 101 ALA 101 143 143 ALA ALA A . n 
A 1 102 ALA 102 144 144 ALA ALA A . n 
A 1 103 ARG 103 145 145 ARG ARG A . n 
A 1 104 ALA 104 146 146 ALA ALA A . n 
A 1 105 GLN 105 147 147 GLN GLN A . n 
A 1 106 LEU 106 148 148 LEU LEU A . n 
A 1 107 GLN 107 149 149 GLN GLN A . n 
A 1 108 GLN 108 150 150 GLN GLN A . n 
A 1 109 MET 109 151 151 MET MET A . n 
A 1 110 ARG 110 152 152 ARG ARG A . n 
A 1 111 GLN 111 153 153 GLN GLN A . n 
A 1 112 ALA 112 154 ?   ?   ?   A . n 
A 1 113 ALA 113 155 ?   ?   ?   A . n 
A 1 114 LEU 114 156 ?   ?   ?   A . n 
A 1 115 GLU 115 157 ?   ?   ?   A . n 
A 1 116 HIS 116 158 ?   ?   ?   A . n 
A 1 117 HIS 117 159 ?   ?   ?   A . n 
A 1 118 HIS 118 160 ?   ?   ?   A . n 
A 1 119 HIS 119 161 ?   ?   ?   A . n 
A 1 120 HIS 120 162 ?   ?   ?   A . n 
A 1 121 HIS 121 163 ?   ?   ?   A . n 
B 1 1   MET 1   43  ?   ?   ?   B . n 
B 1 2   PRO 2   44  ?   ?   ?   B . n 
B 1 3   ALA 3   45  ?   ?   ?   B . n 
B 1 4   LYS 4   46  ?   ?   ?   B . n 
B 1 5   VAL 5   47  47  VAL VAL B . n 
B 1 6   MET 6   48  48  MET MET B . n 
B 1 7   ARG 7   49  49  ARG ARG B . n 
B 1 8   ILE 8   50  50  ILE ILE B . n 
B 1 9   GLY 9   51  51  GLY GLY B . n 
B 1 10  THR 10  52  52  THR THR B . n 
B 1 11  MET 11  53  53  MET MET B . n 
B 1 12  ILE 12  54  54  ILE ILE B . n 
B 1 13  LYS 13  55  55  LYS LYS B . n 
B 1 14  GLN 14  56  56  GLN GLN B . n 
B 1 15  LEU 15  57  57  LEU LEU B . n 
B 1 16  LEU 16  58  58  LEU LEU B . n 
B 1 17  GLU 17  59  59  GLU GLU B . n 
B 1 18  GLU 18  60  60  GLU GLU B . n 
B 1 19  VAL 19  61  61  VAL VAL B . n 
B 1 20  ARG 20  62  62  ARG ARG B . n 
B 1 21  ALA 21  63  63  ALA ALA B . n 
B 1 22  ALA 22  64  64  ALA ALA B . n 
B 1 23  PRO 23  65  ?   ?   ?   B . n 
B 1 24  LEU 24  66  ?   ?   ?   B . n 
B 1 25  ASP 25  67  ?   ?   ?   B . n 
B 1 26  GLU 26  68  ?   ?   ?   B . n 
B 1 27  ALA 27  69  ?   ?   ?   B . n 
B 1 28  SER 28  70  ?   ?   ?   B . n 
B 1 29  ARG 29  71  71  ARG ARG B . n 
B 1 30  ASN 30  72  72  ASN ASN B . n 
B 1 31  ARG 31  73  73  ARG ARG B . n 
B 1 32  LEU 32  74  74  LEU LEU B . n 
B 1 33  ARG 33  75  75  ARG ARG B . n 
B 1 34  ASP 34  76  76  ASP ASP B . n 
B 1 35  ILE 35  77  77  ILE ILE B . n 
B 1 36  HIS 36  78  78  HIS HIS B . n 
B 1 37  ALA 37  79  79  ALA ALA B . n 
B 1 38  THR 38  80  80  THR THR B . n 
B 1 39  SER 39  81  81  SER SER B . n 
B 1 40  ILE 40  82  82  ILE ILE B . n 
B 1 41  ARG 41  83  83  ARG ARG B . n 
B 1 42  GLU 42  84  84  GLU GLU B . n 
B 1 43  LEU 43  85  85  LEU LEU B . n 
B 1 44  GLU 44  86  86  GLU GLU B . n 
B 1 45  ASP 45  87  87  ASP ASP B . n 
B 1 46  GLY 46  88  88  GLY GLY B . n 
B 1 47  LEU 47  89  89  LEU LEU B . n 
B 1 48  ALA 48  90  90  ALA ALA B . n 
B 1 49  PRO 49  91  91  PRO PRO B . n 
B 1 50  GLU 50  92  92  GLU GLU B . n 
B 1 51  LEU 51  93  93  LEU LEU B . n 
B 1 52  ARG 52  94  94  ARG ARG B . n 
B 1 53  GLU 53  95  95  GLU GLU B . n 
B 1 54  GLU 54  96  96  GLU GLU B . n 
B 1 55  LEU 55  97  97  LEU LEU B . n 
B 1 56  ASP 56  98  98  ASP ASP B . n 
B 1 57  ARG 57  99  99  ARG ARG B . n 
B 1 58  LEU 58  100 100 LEU LEU B . n 
B 1 59  THR 59  101 101 THR THR B . n 
B 1 60  LEU 60  102 102 LEU LEU B . n 
B 1 61  PRO 61  103 103 PRO PRO B . n 
B 1 62  PHE 62  104 104 PHE PHE B . n 
B 1 63  ASN 63  105 ?   ?   ?   B . n 
B 1 64  GLU 64  106 ?   ?   ?   B . n 
B 1 65  ASP 65  107 ?   ?   ?   B . n 
B 1 66  ALA 66  108 ?   ?   ?   B . n 
B 1 67  VAL 67  109 ?   ?   ?   B . n 
B 1 68  PRO 68  110 110 PRO PRO B . n 
B 1 69  SER 69  111 111 SER SER B . n 
B 1 70  ASP 70  112 112 ASP ASP B . n 
B 1 71  ALA 71  113 113 ALA ALA B . n 
B 1 72  GLU 72  114 114 GLU GLU B . n 
B 1 73  LEU 73  115 115 LEU LEU B . n 
B 1 74  ARG 74  116 116 ARG ARG B . n 
B 1 75  ILE 75  117 117 ILE ILE B . n 
B 1 76  ALA 76  118 118 ALA ALA B . n 
B 1 77  GLN 77  119 119 GLN GLN B . n 
B 1 78  ALA 78  120 120 ALA ALA B . n 
B 1 79  GLN 79  121 121 GLN GLN B . n 
B 1 80  LEU 80  122 122 LEU LEU B . n 
B 1 81  VAL 81  123 123 VAL VAL B . n 
B 1 82  GLY 82  124 124 GLY GLY B . n 
B 1 83  TRP 83  125 125 TRP TRP B . n 
B 1 84  LEU 84  126 126 LEU LEU B . n 
B 1 85  GLU 85  127 127 GLU GLU B . n 
B 1 86  GLY 86  128 128 GLY GLY B . n 
B 1 87  LEU 87  129 129 LEU LEU B . n 
B 1 88  PHE 88  130 130 PHE PHE B . n 
B 1 89  HIS 89  131 131 HIS HIS B . n 
B 1 90  GLY 90  132 132 GLY GLY B . n 
B 1 91  ILE 91  133 133 ILE ILE B . n 
B 1 92  GLN 92  134 134 GLN GLN B . n 
B 1 93  THR 93  135 135 THR THR B . n 
B 1 94  ALA 94  136 136 ALA ALA B . n 
B 1 95  LEU 95  137 137 LEU LEU B . n 
B 1 96  PHE 96  138 138 PHE PHE B . n 
B 1 97  ALA 97  139 139 ALA ALA B . n 
B 1 98  GLN 98  140 140 GLN GLN B . n 
B 1 99  GLN 99  141 141 GLN GLN B . n 
B 1 100 MET 100 142 142 MET MET B . n 
B 1 101 ALA 101 143 143 ALA ALA B . n 
B 1 102 ALA 102 144 144 ALA ALA B . n 
B 1 103 ARG 103 145 145 ARG ARG B . n 
B 1 104 ALA 104 146 146 ALA ALA B . n 
B 1 105 GLN 105 147 147 GLN GLN B . n 
B 1 106 LEU 106 148 148 LEU LEU B . n 
B 1 107 GLN 107 149 149 GLN GLN B . n 
B 1 108 GLN 108 150 150 GLN GLN B . n 
B 1 109 MET 109 151 151 MET MET B . n 
B 1 110 ARG 110 152 152 ARG ARG B . n 
B 1 111 GLN 111 153 ?   ?   ?   B . n 
B 1 112 ALA 112 154 ?   ?   ?   B . n 
B 1 113 ALA 113 155 ?   ?   ?   B . n 
B 1 114 LEU 114 156 ?   ?   ?   B . n 
B 1 115 GLU 115 157 ?   ?   ?   B . n 
B 1 116 HIS 116 158 ?   ?   ?   B . n 
B 1 117 HIS 117 159 ?   ?   ?   B . n 
B 1 118 HIS 118 160 ?   ?   ?   B . n 
B 1 119 HIS 119 161 ?   ?   ?   B . n 
B 1 120 HIS 120 162 ?   ?   ?   B . n 
B 1 121 HIS 121 163 ?   ?   ?   B . n 
# 
loop_
_pdbx_nonpoly_scheme.asym_id 
_pdbx_nonpoly_scheme.entity_id 
_pdbx_nonpoly_scheme.mon_id 
_pdbx_nonpoly_scheme.ndb_seq_num 
_pdbx_nonpoly_scheme.pdb_seq_num 
_pdbx_nonpoly_scheme.auth_seq_num 
_pdbx_nonpoly_scheme.pdb_mon_id 
_pdbx_nonpoly_scheme.auth_mon_id 
_pdbx_nonpoly_scheme.pdb_strand_id 
_pdbx_nonpoly_scheme.pdb_ins_code 
C 2 HOH 1 201 1 HOH HOH A . 
D 2 HOH 1 201 2 HOH HOH B . 
# 
loop_
_software.citation_id 
_software.classification 
_software.compiler_name 
_software.compiler_version 
_software.contact_author 
_software.contact_author_email 
_software.date 
_software.description 
_software.dependencies 
_software.hardware 
_software.language 
_software.location 
_software.mods 
_software.name 
_software.os 
_software.os_version 
_software.type 
_software.version 
_software.pdbx_ordinal 
? refinement       ? ? ? ? ? ? ? ? ? ? ? REFMAC   ? ? ? 5.7.0029 1 
? 'data reduction' ? ? ? ? ? ? ? ? ? ? ? HKL-2000 ? ? ? .        2 
? 'data scaling'   ? ? ? ? ? ? ? ? ? ? ? HKL-2000 ? ? ? .        3 
? phasing          ? ? ? ? ? ? ? ? ? ? ? PHENIX   ? ? ? .        4 
# 
_cell.angle_alpha                  90.00 
_cell.angle_alpha_esd              ? 
_cell.angle_beta                   90.00 
_cell.angle_beta_esd               ? 
_cell.angle_gamma                  90.00 
_cell.angle_gamma_esd              ? 
_cell.entry_id                     5IEU 
_cell.details                      ? 
_cell.formula_units_Z              ? 
_cell.length_a                     47.040 
_cell.length_a_esd                 ? 
_cell.length_b                     63.540 
_cell.length_b_esd                 ? 
_cell.length_c                     129.460 
_cell.length_c_esd                 ? 
_cell.volume                       ? 
_cell.volume_esd                   ? 
_cell.Z_PDB                        16 
_cell.reciprocal_angle_alpha       ? 
_cell.reciprocal_angle_beta        ? 
_cell.reciprocal_angle_gamma       ? 
_cell.reciprocal_angle_alpha_esd   ? 
_cell.reciprocal_angle_beta_esd    ? 
_cell.reciprocal_angle_gamma_esd   ? 
_cell.reciprocal_length_a          ? 
_cell.reciprocal_length_b          ? 
_cell.reciprocal_length_c          ? 
_cell.reciprocal_length_a_esd      ? 
_cell.reciprocal_length_b_esd      ? 
_cell.reciprocal_length_c_esd      ? 
_cell.pdbx_unique_axis             ? 
# 
_symmetry.entry_id                         5IEU 
_symmetry.cell_setting                     ? 
_symmetry.Int_Tables_number                20 
_symmetry.space_group_name_Hall            ? 
_symmetry.space_group_name_H-M             'C 2 2 21' 
_symmetry.pdbx_full_space_group_name_H-M   ? 
# 
_exptl.absorpt_coefficient_mu     ? 
_exptl.absorpt_correction_T_max   ? 
_exptl.absorpt_correction_T_min   ? 
_exptl.absorpt_correction_type    ? 
_exptl.absorpt_process_details    ? 
_exptl.entry_id                   5IEU 
_exptl.crystals_number            1 
_exptl.details                    ? 
_exptl.method                     'X-RAY DIFFRACTION' 
_exptl.method_details             ? 
# 
_exptl_crystal.colour                      ? 
_exptl_crystal.density_diffrn              ? 
_exptl_crystal.density_Matthews            1.74 
_exptl_crystal.density_method              ? 
_exptl_crystal.density_percent_sol         29.39 
_exptl_crystal.description                 ? 
_exptl_crystal.F_000                       ? 
_exptl_crystal.id                          1 
_exptl_crystal.preparation                 ? 
_exptl_crystal.size_max                    ? 
_exptl_crystal.size_mid                    ? 
_exptl_crystal.size_min                    ? 
_exptl_crystal.size_rad                    ? 
_exptl_crystal.colour_lustre               ? 
_exptl_crystal.colour_modifier             ? 
_exptl_crystal.colour_primary              ? 
_exptl_crystal.density_meas                ? 
_exptl_crystal.density_meas_esd            ? 
_exptl_crystal.density_meas_gt             ? 
_exptl_crystal.density_meas_lt             ? 
_exptl_crystal.density_meas_temp           ? 
_exptl_crystal.density_meas_temp_esd       ? 
_exptl_crystal.density_meas_temp_gt        ? 
_exptl_crystal.density_meas_temp_lt        ? 
_exptl_crystal.pdbx_crystal_image_url      ? 
_exptl_crystal.pdbx_crystal_image_format   ? 
_exptl_crystal.pdbx_mosaicity              ? 
_exptl_crystal.pdbx_mosaicity_esd          ? 
# 
_exptl_crystal_grow.apparatus       ? 
_exptl_crystal_grow.atmosphere      ? 
_exptl_crystal_grow.crystal_id      1 
_exptl_crystal_grow.details         ? 
_exptl_crystal_grow.method          'VAPOR DIFFUSION, SITTING DROP' 
_exptl_crystal_grow.method_ref      ? 
_exptl_crystal_grow.pH              8.3 
_exptl_crystal_grow.pressure        ? 
_exptl_crystal_grow.pressure_esd    ? 
_exptl_crystal_grow.seeding         ? 
_exptl_crystal_grow.seeding_ref     ? 
_exptl_crystal_grow.temp            293 
_exptl_crystal_grow.temp_details    ? 
_exptl_crystal_grow.temp_esd        ? 
_exptl_crystal_grow.time            ? 
_exptl_crystal_grow.pdbx_details    '0.1 M Tris-HCl and 2 M ammonium sulfate' 
_exptl_crystal_grow.pdbx_pH_range   ? 
# 
_diffrn.ambient_environment    ? 
_diffrn.ambient_temp           100 
_diffrn.ambient_temp_details   ? 
_diffrn.ambient_temp_esd       ? 
_diffrn.crystal_id             1 
_diffrn.crystal_support        ? 
_diffrn.crystal_treatment      ? 
_diffrn.details                ? 
_diffrn.id                     1 
_diffrn.ambient_pressure       ? 
_diffrn.ambient_pressure_esd   ? 
_diffrn.ambient_pressure_gt    ? 
_diffrn.ambient_pressure_lt    ? 
_diffrn.ambient_temp_gt        ? 
_diffrn.ambient_temp_lt        ? 
# 
_diffrn_detector.details                      ? 
_diffrn_detector.detector                     CCD 
_diffrn_detector.diffrn_id                    1 
_diffrn_detector.type                         'ADSC QUANTUM 315r' 
_diffrn_detector.area_resol_mean              ? 
_diffrn_detector.dtime                        ? 
_diffrn_detector.pdbx_frames_total            ? 
_diffrn_detector.pdbx_collection_time_total   ? 
_diffrn_detector.pdbx_collection_date         2014-08-28 
# 
_diffrn_radiation.collimation                      ? 
_diffrn_radiation.diffrn_id                        1 
_diffrn_radiation.filter_edge                      ? 
_diffrn_radiation.inhomogeneity                    ? 
_diffrn_radiation.monochromator                    ? 
_diffrn_radiation.polarisn_norm                    ? 
_diffrn_radiation.polarisn_ratio                   ? 
_diffrn_radiation.probe                            ? 
_diffrn_radiation.type                             ? 
_diffrn_radiation.xray_symbol                      ? 
_diffrn_radiation.wavelength_id                    1 
_diffrn_radiation.pdbx_monochromatic_or_laue_m_l   M 
_diffrn_radiation.pdbx_wavelength_list             ? 
_diffrn_radiation.pdbx_wavelength                  ? 
_diffrn_radiation.pdbx_diffrn_protocol             'SINGLE WAVELENGTH' 
_diffrn_radiation.pdbx_analyzer                    ? 
_diffrn_radiation.pdbx_scattering_type             x-ray 
# 
_diffrn_radiation_wavelength.id           1 
_diffrn_radiation_wavelength.wavelength   0.9791 
_diffrn_radiation_wavelength.wt           1.0 
# 
_diffrn_source.current                     ? 
_diffrn_source.details                     ? 
_diffrn_source.diffrn_id                   1 
_diffrn_source.power                       ? 
_diffrn_source.size                        ? 
_diffrn_source.source                      SYNCHROTRON 
_diffrn_source.target                      ? 
_diffrn_source.type                        'NSLS BEAMLINE X25' 
_diffrn_source.voltage                     ? 
_diffrn_source.take-off_angle              ? 
_diffrn_source.pdbx_wavelength_list        0.9791 
_diffrn_source.pdbx_wavelength             ? 
_diffrn_source.pdbx_synchrotron_beamline   X25 
_diffrn_source.pdbx_synchrotron_site       NSLS 
# 
_reflns.B_iso_Wilson_estimate            ? 
_reflns.entry_id                         5IEU 
_reflns.data_reduction_details           ? 
_reflns.data_reduction_method            ? 
_reflns.d_resolution_high                2.8 
_reflns.d_resolution_low                 38 
_reflns.details                          ? 
_reflns.limit_h_max                      ? 
_reflns.limit_h_min                      ? 
_reflns.limit_k_max                      ? 
_reflns.limit_k_min                      ? 
_reflns.limit_l_max                      ? 
_reflns.limit_l_min                      ? 
_reflns.number_all                       ? 
_reflns.number_obs                       5953 
_reflns.observed_criterion               ? 
_reflns.observed_criterion_F_max         ? 
_reflns.observed_criterion_F_min         ? 
_reflns.observed_criterion_I_max         ? 
_reflns.observed_criterion_I_min         ? 
_reflns.observed_criterion_sigma_F       ? 
_reflns.observed_criterion_sigma_I       ? 
_reflns.percent_possible_obs             99.7 
_reflns.R_free_details                   ? 
_reflns.Rmerge_F_all                     ? 
_reflns.Rmerge_F_obs                     ? 
_reflns.Friedel_coverage                 ? 
_reflns.number_gt                        ? 
_reflns.threshold_expression             ? 
_reflns.pdbx_redundancy                  6 
_reflns.pdbx_Rmerge_I_obs                0.076 
_reflns.pdbx_Rmerge_I_all                ? 
_reflns.pdbx_Rsym_value                  ? 
_reflns.pdbx_netI_over_av_sigmaI         ? 
_reflns.pdbx_netI_over_sigmaI            6.1 
_reflns.pdbx_res_netI_over_av_sigmaI_2   ? 
_reflns.pdbx_res_netI_over_sigmaI_2      ? 
_reflns.pdbx_chi_squared                 ? 
_reflns.pdbx_scaling_rejects             ? 
_reflns.pdbx_d_res_high_opt              ? 
_reflns.pdbx_d_res_low_opt               ? 
_reflns.pdbx_d_res_opt_method            ? 
_reflns.phase_calculation_details        ? 
_reflns.pdbx_Rrim_I_all                  ? 
_reflns.pdbx_Rpim_I_all                  ? 
_reflns.pdbx_d_opt                       ? 
_reflns.pdbx_number_measured_all         ? 
_reflns.pdbx_diffrn_id                   1 
_reflns.pdbx_ordinal                     1 
_reflns.pdbx_CC_half                     ? 
_reflns.pdbx_R_split                     ? 
# 
_reflns_shell.d_res_high                  2.8 
_reflns_shell.d_res_low                   2.86 
_reflns_shell.meanI_over_sigI_all         ? 
_reflns_shell.meanI_over_sigI_obs         4.8 
_reflns_shell.number_measured_all         ? 
_reflns_shell.number_measured_obs         ? 
_reflns_shell.number_possible             ? 
_reflns_shell.number_unique_all           ? 
_reflns_shell.number_unique_obs           ? 
_reflns_shell.percent_possible_all        96.7 
_reflns_shell.percent_possible_obs        ? 
_reflns_shell.Rmerge_F_all                ? 
_reflns_shell.Rmerge_F_obs                ? 
_reflns_shell.Rmerge_I_all                ? 
_reflns_shell.Rmerge_I_obs                0.392 
_reflns_shell.meanI_over_sigI_gt          ? 
_reflns_shell.meanI_over_uI_all           ? 
_reflns_shell.meanI_over_uI_gt            ? 
_reflns_shell.number_measured_gt          ? 
_reflns_shell.number_unique_gt            ? 
_reflns_shell.percent_possible_gt         ? 
_reflns_shell.Rmerge_F_gt                 ? 
_reflns_shell.Rmerge_I_gt                 ? 
_reflns_shell.pdbx_redundancy             4.3 
_reflns_shell.pdbx_Rsym_value             ? 
_reflns_shell.pdbx_chi_squared            ? 
_reflns_shell.pdbx_netI_over_sigmaI_all   ? 
_reflns_shell.pdbx_netI_over_sigmaI_obs   ? 
_reflns_shell.pdbx_Rrim_I_all             ? 
_reflns_shell.pdbx_Rpim_I_all             ? 
_reflns_shell.pdbx_rejects                ? 
_reflns_shell.pdbx_ordinal                1 
_reflns_shell.pdbx_diffrn_id              1 
_reflns_shell.pdbx_CC_half                ? 
_reflns_shell.pdbx_R_split                ? 
# 
_refine.aniso_B[1][1]                            0.06 
_refine.aniso_B[1][2]                            0.00 
_refine.aniso_B[1][3]                            0.00 
_refine.aniso_B[2][2]                            0.14 
_refine.aniso_B[2][3]                            0.00 
_refine.aniso_B[3][3]                            -0.20 
_refine.B_iso_max                                ? 
_refine.B_iso_mean                               84.442 
_refine.B_iso_min                                ? 
_refine.correlation_coeff_Fo_to_Fc               0.919 
_refine.correlation_coeff_Fo_to_Fc_free          0.921 
_refine.details                                  'HYDROGENS HAVE BEEN ADDED IN THE RIDING POSITIONS' 
_refine.diff_density_max                         ? 
_refine.diff_density_max_esd                     ? 
_refine.diff_density_min                         ? 
_refine.diff_density_min_esd                     ? 
_refine.diff_density_rms                         ? 
_refine.diff_density_rms_esd                     ? 
_refine.entry_id                                 5IEU 
_refine.pdbx_refine_id                           'X-RAY DIFFRACTION' 
_refine.ls_abs_structure_details                 ? 
_refine.ls_abs_structure_Flack                   ? 
_refine.ls_abs_structure_Flack_esd               ? 
_refine.ls_abs_structure_Rogers                  ? 
_refine.ls_abs_structure_Rogers_esd              ? 
_refine.ls_d_res_high                            2.80 
_refine.ls_d_res_low                             37.81 
_refine.ls_extinction_coef                       ? 
_refine.ls_extinction_coef_esd                   ? 
_refine.ls_extinction_expression                 ? 
_refine.ls_extinction_method                     ? 
_refine.ls_goodness_of_fit_all                   ? 
_refine.ls_goodness_of_fit_all_esd               ? 
_refine.ls_goodness_of_fit_obs                   ? 
_refine.ls_goodness_of_fit_obs_esd               ? 
_refine.ls_hydrogen_treatment                    ? 
_refine.ls_matrix_type                           ? 
_refine.ls_number_constraints                    ? 
_refine.ls_number_parameters                     ? 
_refine.ls_number_reflns_all                     ? 
_refine.ls_number_reflns_obs                     4807 
_refine.ls_number_reflns_R_free                  227 
_refine.ls_number_reflns_R_work                  ? 
_refine.ls_number_restraints                     ? 
_refine.ls_percent_reflns_obs                    99.98 
_refine.ls_percent_reflns_R_free                 4.5 
_refine.ls_R_factor_all                          ? 
_refine.ls_R_factor_obs                          0.25913 
_refine.ls_R_factor_R_free                       0.28211 
_refine.ls_R_factor_R_free_error                 ? 
_refine.ls_R_factor_R_free_error_details         ? 
_refine.ls_R_factor_R_work                       0.25811 
_refine.ls_R_Fsqd_factor_obs                     ? 
_refine.ls_R_I_factor_obs                        ? 
_refine.ls_redundancy_reflns_all                 ? 
_refine.ls_redundancy_reflns_obs                 ? 
_refine.ls_restrained_S_all                      ? 
_refine.ls_restrained_S_obs                      ? 
_refine.ls_shift_over_esd_max                    ? 
_refine.ls_shift_over_esd_mean                   ? 
_refine.ls_structure_factor_coef                 ? 
_refine.ls_weighting_details                     ? 
_refine.ls_weighting_scheme                      ? 
_refine.ls_wR_factor_all                         ? 
_refine.ls_wR_factor_obs                         ? 
_refine.ls_wR_factor_R_free                      ? 
_refine.ls_wR_factor_R_work                      ? 
_refine.occupancy_max                            ? 
_refine.occupancy_min                            ? 
_refine.solvent_model_details                    ? 
_refine.solvent_model_param_bsol                 ? 
_refine.solvent_model_param_ksol                 ? 
_refine.ls_R_factor_gt                           ? 
_refine.ls_goodness_of_fit_gt                    ? 
_refine.ls_goodness_of_fit_ref                   ? 
_refine.ls_shift_over_su_max                     ? 
_refine.ls_shift_over_su_max_lt                  ? 
_refine.ls_shift_over_su_mean                    ? 
_refine.ls_shift_over_su_mean_lt                 ? 
_refine.pdbx_ls_sigma_I                          ? 
_refine.pdbx_ls_sigma_F                          ? 
_refine.pdbx_ls_sigma_Fsqd                       ? 
_refine.pdbx_data_cutoff_high_absF               ? 
_refine.pdbx_data_cutoff_high_rms_absF           ? 
_refine.pdbx_data_cutoff_low_absF                ? 
_refine.pdbx_isotropic_thermal_model             ? 
_refine.pdbx_ls_cross_valid_method               THROUGHOUT 
_refine.pdbx_method_to_determine_struct          SAD 
_refine.pdbx_starting_model                      ? 
_refine.pdbx_stereochemistry_target_values       ? 
_refine.pdbx_R_Free_selection_details            RANDOM 
_refine.pdbx_stereochem_target_val_spec_case     ? 
_refine.pdbx_overall_ESU_R                       0.418 
_refine.pdbx_overall_ESU_R_Free                  0.457 
_refine.pdbx_solvent_vdw_probe_radii             1.20 
_refine.pdbx_solvent_ion_probe_radii             0.80 
_refine.pdbx_solvent_shrinkage_radii             0.80 
_refine.pdbx_real_space_R                        ? 
_refine.pdbx_density_correlation                 ? 
_refine.pdbx_pd_number_of_powder_patterns        ? 
_refine.pdbx_pd_number_of_points                 ? 
_refine.pdbx_pd_meas_number_of_points            ? 
_refine.pdbx_pd_proc_ls_prof_R_factor            ? 
_refine.pdbx_pd_proc_ls_prof_wR_factor           ? 
_refine.pdbx_pd_Marquardt_correlation_coeff      ? 
_refine.pdbx_pd_Fsqrd_R_factor                   ? 
_refine.pdbx_pd_ls_matrix_band_width             ? 
_refine.pdbx_overall_phase_error                 ? 
_refine.pdbx_overall_SU_R_free_Cruickshank_DPI   ? 
_refine.pdbx_overall_SU_R_free_Blow_DPI          ? 
_refine.pdbx_overall_SU_R_Blow_DPI               ? 
_refine.pdbx_TLS_residual_ADP_flag               ? 
_refine.pdbx_diffrn_id                           1 
_refine.overall_SU_B                             0.014 
_refine.overall_SU_ML                            0.000 
_refine.overall_SU_R_Cruickshank_DPI             ? 
_refine.overall_SU_R_free                        ? 
_refine.overall_FOM_free_R_set                   ? 
_refine.overall_FOM_work_R_set                   ? 
_refine.pdbx_average_fsc_overall                 ? 
_refine.pdbx_average_fsc_work                    ? 
_refine.pdbx_average_fsc_free                    ? 
# 
_refine_hist.pdbx_refine_id                   'X-RAY DIFFRACTION' 
_refine_hist.cycle_id                         1 
_refine_hist.pdbx_number_atoms_protein        1549 
_refine_hist.pdbx_number_atoms_nucleic_acid   0 
_refine_hist.pdbx_number_atoms_ligand         0 
_refine_hist.number_atoms_solvent             2 
_refine_hist.number_atoms_total               1551 
_refine_hist.d_res_high                       2.80 
_refine_hist.d_res_low                        37.81 
# 
_refine_ls_shell.pdbx_refine_id                   'X-RAY DIFFRACTION' 
_refine_ls_shell.d_res_high                       2.800 
_refine_ls_shell.d_res_low                        2.873 
_refine_ls_shell.number_reflns_all                ? 
_refine_ls_shell.number_reflns_obs                ? 
_refine_ls_shell.number_reflns_R_free             13 
_refine_ls_shell.number_reflns_R_work             347 
_refine_ls_shell.percent_reflns_obs               100.00 
_refine_ls_shell.percent_reflns_R_free            ? 
_refine_ls_shell.R_factor_all                     ? 
_refine_ls_shell.R_factor_obs                     ? 
_refine_ls_shell.R_factor_R_free                  0.416 
_refine_ls_shell.R_factor_R_free_error            ? 
_refine_ls_shell.R_factor_R_work                  0.353 
_refine_ls_shell.redundancy_reflns_all            ? 
_refine_ls_shell.redundancy_reflns_obs            ? 
_refine_ls_shell.wR_factor_all                    ? 
_refine_ls_shell.wR_factor_obs                    ? 
_refine_ls_shell.wR_factor_R_free                 ? 
_refine_ls_shell.wR_factor_R_work                 ? 
_refine_ls_shell.pdbx_total_number_of_bins_used   20 
_refine_ls_shell.pdbx_phase_error                 ? 
_refine_ls_shell.pdbx_fsc_work                    ? 
_refine_ls_shell.pdbx_fsc_free                    ? 
# 
_struct.entry_id                     5IEU 
_struct.title                        
'Crystal Structure of Mycobacterium Tuberculosis ATP-independent Proteasome Activator Tetramer' 
_struct.pdbx_model_details           ? 
_struct.pdbx_formula_weight          ? 
_struct.pdbx_formula_weight_method   ? 
_struct.pdbx_model_type_details      ? 
_struct.pdbx_CASP_flag               ? 
# 
_struct_keywords.entry_id        5IEU 
_struct_keywords.text            'Activator, GENE REGULATION' 
_struct_keywords.pdbx_keywords   'GENE REGULATION' 
# 
loop_
_struct_asym.id 
_struct_asym.pdbx_blank_PDB_chainid_flag 
_struct_asym.pdbx_modified 
_struct_asym.entity_id 
_struct_asym.details 
A N N 1 ? 
B N N 1 ? 
C N N 2 ? 
D N N 2 ? 
# 
_struct_ref.id                         1 
_struct_ref.db_name                    UNP 
_struct_ref.db_code                    A0A0K2KYP6_MYCTX 
_struct_ref.pdbx_db_accession          A0A0K2KYP6 
_struct_ref.pdbx_db_isoform            ? 
_struct_ref.entity_id                  1 
_struct_ref.pdbx_seq_one_letter_code   
;PAKVMRIGTMIKQLLEEVRAAPLDEASRNRLRDIHATSIRELEDGLAPELREELDRLTLPFNEDAVPSDAELRIAQAQLV
GWLEGLFHGIQTALFAQQMAARAQLQQMRQ
;
_struct_ref.pdbx_align_begin           48 
# 
loop_
_struct_ref_seq.align_id 
_struct_ref_seq.ref_id 
_struct_ref_seq.pdbx_PDB_id_code 
_struct_ref_seq.pdbx_strand_id 
_struct_ref_seq.seq_align_beg 
_struct_ref_seq.pdbx_seq_align_beg_ins_code 
_struct_ref_seq.seq_align_end 
_struct_ref_seq.pdbx_seq_align_end_ins_code 
_struct_ref_seq.pdbx_db_accession 
_struct_ref_seq.db_align_beg 
_struct_ref_seq.pdbx_db_align_beg_ins_code 
_struct_ref_seq.db_align_end 
_struct_ref_seq.pdbx_db_align_end_ins_code 
_struct_ref_seq.pdbx_auth_seq_align_beg 
_struct_ref_seq.pdbx_auth_seq_align_end 
1 1 5IEU A 2 ? 111 ? A0A0K2KYP6 48 ? 157 ? 44 153 
2 1 5IEU B 2 ? 111 ? A0A0K2KYP6 48 ? 157 ? 44 153 
# 
loop_
_struct_ref_seq_dif.align_id 
_struct_ref_seq_dif.pdbx_pdb_id_code 
_struct_ref_seq_dif.mon_id 
_struct_ref_seq_dif.pdbx_pdb_strand_id 
_struct_ref_seq_dif.seq_num 
_struct_ref_seq_dif.pdbx_pdb_ins_code 
_struct_ref_seq_dif.pdbx_seq_db_name 
_struct_ref_seq_dif.pdbx_seq_db_accession_code 
_struct_ref_seq_dif.db_mon_id 
_struct_ref_seq_dif.pdbx_seq_db_seq_num 
_struct_ref_seq_dif.details 
_struct_ref_seq_dif.pdbx_auth_seq_num 
_struct_ref_seq_dif.pdbx_ordinal 
1 5IEU MET A 1   ? UNP A0A0K2KYP6 ? ? 'initiating methionine' 43  1  
1 5IEU ALA A 112 ? UNP A0A0K2KYP6 ? ? 'expression tag'        154 2  
1 5IEU ALA A 113 ? UNP A0A0K2KYP6 ? ? 'expression tag'        155 3  
1 5IEU LEU A 114 ? UNP A0A0K2KYP6 ? ? 'expression tag'        156 4  
1 5IEU GLU A 115 ? UNP A0A0K2KYP6 ? ? 'expression tag'        157 5  
1 5IEU HIS A 116 ? UNP A0A0K2KYP6 ? ? 'expression tag'        158 6  
1 5IEU HIS A 117 ? UNP A0A0K2KYP6 ? ? 'expression tag'        159 7  
1 5IEU HIS A 118 ? UNP A0A0K2KYP6 ? ? 'expression tag'        160 8  
1 5IEU HIS A 119 ? UNP A0A0K2KYP6 ? ? 'expression tag'        161 9  
1 5IEU HIS A 120 ? UNP A0A0K2KYP6 ? ? 'expression tag'        162 10 
1 5IEU HIS A 121 ? UNP A0A0K2KYP6 ? ? 'expression tag'        163 11 
2 5IEU MET B 1   ? UNP A0A0K2KYP6 ? ? 'initiating methionine' 43  12 
2 5IEU ALA B 112 ? UNP A0A0K2KYP6 ? ? 'expression tag'        154 13 
2 5IEU ALA B 113 ? UNP A0A0K2KYP6 ? ? 'expression tag'        155 14 
2 5IEU LEU B 114 ? UNP A0A0K2KYP6 ? ? 'expression tag'        156 15 
2 5IEU GLU B 115 ? UNP A0A0K2KYP6 ? ? 'expression tag'        157 16 
2 5IEU HIS B 116 ? UNP A0A0K2KYP6 ? ? 'expression tag'        158 17 
2 5IEU HIS B 117 ? UNP A0A0K2KYP6 ? ? 'expression tag'        159 18 
2 5IEU HIS B 118 ? UNP A0A0K2KYP6 ? ? 'expression tag'        160 19 
2 5IEU HIS B 119 ? UNP A0A0K2KYP6 ? ? 'expression tag'        161 20 
2 5IEU HIS B 120 ? UNP A0A0K2KYP6 ? ? 'expression tag'        162 21 
2 5IEU HIS B 121 ? UNP A0A0K2KYP6 ? ? 'expression tag'        163 22 
# 
_pdbx_struct_assembly.id                   1 
_pdbx_struct_assembly.details              author_and_software_defined_assembly 
_pdbx_struct_assembly.method_details       PISA 
_pdbx_struct_assembly.oligomeric_details   tetrameric 
_pdbx_struct_assembly.oligomeric_count     4 
# 
loop_
_pdbx_struct_assembly_prop.biol_id 
_pdbx_struct_assembly_prop.type 
_pdbx_struct_assembly_prop.value 
_pdbx_struct_assembly_prop.details 
1 'ABSA (A^2)' 9030  ? 
1 MORE         -67   ? 
1 'SSA (A^2)'  21440 ? 
# 
_pdbx_struct_assembly_gen.assembly_id       1 
_pdbx_struct_assembly_gen.oper_expression   1,2 
_pdbx_struct_assembly_gen.asym_id_list      A,B,C,D 
# 
loop_
_pdbx_struct_oper_list.id 
_pdbx_struct_oper_list.type 
_pdbx_struct_oper_list.name 
_pdbx_struct_oper_list.symmetry_operation 
_pdbx_struct_oper_list.matrix[1][1] 
_pdbx_struct_oper_list.matrix[1][2] 
_pdbx_struct_oper_list.matrix[1][3] 
_pdbx_struct_oper_list.vector[1] 
_pdbx_struct_oper_list.matrix[2][1] 
_pdbx_struct_oper_list.matrix[2][2] 
_pdbx_struct_oper_list.matrix[2][3] 
_pdbx_struct_oper_list.vector[2] 
_pdbx_struct_oper_list.matrix[3][1] 
_pdbx_struct_oper_list.matrix[3][2] 
_pdbx_struct_oper_list.matrix[3][3] 
_pdbx_struct_oper_list.vector[3] 
1 'identity operation'         1_555 x,y,z       1.0000000000  0.0000000000 0.0000000000 0.0000000000  0.0000000000 1.0000000000 0.0000000000 0.0000000000   0.0000000000 0.0000000000 1.0000000000  0.0000000000  
2 'crystal symmetry operation' 3_555 -x,y,-z+1/2 -0.5011071374 0.8162145442 0.2875507861 12.7996385837 0.8162145442 0.3353692390 0.4704479688 -19.1702068432 0.2875507861 0.4704479688 -0.8342621016 32.2077134079 
# 
loop_
_struct_conf.conf_type_id 
_struct_conf.id 
_struct_conf.pdbx_PDB_helix_id 
_struct_conf.beg_label_comp_id 
_struct_conf.beg_label_asym_id 
_struct_conf.beg_label_seq_id 
_struct_conf.pdbx_beg_PDB_ins_code 
_struct_conf.end_label_comp_id 
_struct_conf.end_label_asym_id 
_struct_conf.end_label_seq_id 
_struct_conf.pdbx_end_PDB_ins_code 
_struct_conf.beg_auth_comp_id 
_struct_conf.beg_auth_asym_id 
_struct_conf.beg_auth_seq_id 
_struct_conf.end_auth_comp_id 
_struct_conf.end_auth_asym_id 
_struct_conf.end_auth_seq_id 
_struct_conf.pdbx_PDB_helix_class 
_struct_conf.details 
_struct_conf.pdbx_PDB_helix_length 
HELX_P HELX_P1 AA1 LYS A 4  ? ALA A 21  ? LYS A 46  ALA A 63  1 ? 18 
HELX_P HELX_P2 AA2 ASN A 30 ? GLU A 44  ? ASN A 72  GLU A 86  1 ? 15 
HELX_P HELX_P3 AA3 GLU A 50 ? LEU A 55  ? GLU A 92  LEU A 97  1 ? 6  
HELX_P HELX_P4 AA4 ASP A 70 ? MET A 109 ? ASP A 112 MET A 151 1 ? 40 
HELX_P HELX_P5 AA5 ARG B 7  ? GLU B 18  ? ARG B 49  GLU B 60  1 ? 12 
HELX_P HELX_P6 AA6 ASN B 30 ? ASP B 45  ? ASN B 72  ASP B 87  1 ? 16 
HELX_P HELX_P7 AA7 GLU B 50 ? LEU B 55  ? GLU B 92  LEU B 97  1 ? 6  
HELX_P HELX_P8 AA8 ASP B 70 ? GLN B 108 ? ASP B 112 GLN B 150 1 ? 39 
# 
_struct_conf_type.id          HELX_P 
_struct_conf_type.criteria    ? 
_struct_conf_type.reference   ? 
# 
loop_
_pdbx_validate_close_contact.id 
_pdbx_validate_close_contact.PDB_model_num 
_pdbx_validate_close_contact.auth_atom_id_1 
_pdbx_validate_close_contact.auth_asym_id_1 
_pdbx_validate_close_contact.auth_comp_id_1 
_pdbx_validate_close_contact.auth_seq_id_1 
_pdbx_validate_close_contact.PDB_ins_code_1 
_pdbx_validate_close_contact.label_alt_id_1 
_pdbx_validate_close_contact.auth_atom_id_2 
_pdbx_validate_close_contact.auth_asym_id_2 
_pdbx_validate_close_contact.auth_comp_id_2 
_pdbx_validate_close_contact.auth_seq_id_2 
_pdbx_validate_close_contact.PDB_ins_code_2 
_pdbx_validate_close_contact.label_alt_id_2 
_pdbx_validate_close_contact.dist 
1 1 O   B LEU 58 ? ? CG2 B VAL 61 ? ? 1.61 
2 1 NH1 B ARG 94 ? ? OD2 B ASP 98 ? ? 2.17 
# 
loop_
_pdbx_validate_rmsd_angle.id 
_pdbx_validate_rmsd_angle.PDB_model_num 
_pdbx_validate_rmsd_angle.auth_atom_id_1 
_pdbx_validate_rmsd_angle.auth_asym_id_1 
_pdbx_validate_rmsd_angle.auth_comp_id_1 
_pdbx_validate_rmsd_angle.auth_seq_id_1 
_pdbx_validate_rmsd_angle.PDB_ins_code_1 
_pdbx_validate_rmsd_angle.label_alt_id_1 
_pdbx_validate_rmsd_angle.auth_atom_id_2 
_pdbx_validate_rmsd_angle.auth_asym_id_2 
_pdbx_validate_rmsd_angle.auth_comp_id_2 
_pdbx_validate_rmsd_angle.auth_seq_id_2 
_pdbx_validate_rmsd_angle.PDB_ins_code_2 
_pdbx_validate_rmsd_angle.label_alt_id_2 
_pdbx_validate_rmsd_angle.auth_atom_id_3 
_pdbx_validate_rmsd_angle.auth_asym_id_3 
_pdbx_validate_rmsd_angle.auth_comp_id_3 
_pdbx_validate_rmsd_angle.auth_seq_id_3 
_pdbx_validate_rmsd_angle.PDB_ins_code_3 
_pdbx_validate_rmsd_angle.label_alt_id_3 
_pdbx_validate_rmsd_angle.angle_value 
_pdbx_validate_rmsd_angle.angle_target_value 
_pdbx_validate_rmsd_angle.angle_deviation 
_pdbx_validate_rmsd_angle.angle_standard_deviation 
_pdbx_validate_rmsd_angle.linker_flag 
1 1 CB A LEU 97  ? ? CA A LEU 97  ? ? C  A LEU 97  ? ? 98.00  110.20 -12.20 1.90 N 
2 1 C  A LEU 102 ? ? N  A PRO 103 ? ? CD A PRO 103 ? ? 111.00 128.40 -17.40 2.10 Y 
3 1 N  B ASP 87  ? ? CA B ASP 87  ? ? C  B ASP 87  ? ? 92.17  111.00 -18.83 2.70 N 
# 
loop_
_pdbx_validate_torsion.id 
_pdbx_validate_torsion.PDB_model_num 
_pdbx_validate_torsion.auth_comp_id 
_pdbx_validate_torsion.auth_asym_id 
_pdbx_validate_torsion.auth_seq_id 
_pdbx_validate_torsion.PDB_ins_code 
_pdbx_validate_torsion.label_alt_id 
_pdbx_validate_torsion.phi 
_pdbx_validate_torsion.psi 
1 1 ALA A 90  ? ? 44.12  -134.85 
2 1 ARG A 99  ? ? 50.88  -114.74 
3 1 SER A 111 ? ? -68.72 -178.67 
4 1 ASP B 87  ? ? 49.35  -120.68 
5 1 PRO B 91  ? ? -52.74 -4.47   
6 1 GLN B 149 ? ? -49.87 -19.18  
# 
loop_
_pdbx_unobs_or_zero_occ_residues.id 
_pdbx_unobs_or_zero_occ_residues.PDB_model_num 
_pdbx_unobs_or_zero_occ_residues.polymer_flag 
_pdbx_unobs_or_zero_occ_residues.occupancy_flag 
_pdbx_unobs_or_zero_occ_residues.auth_asym_id 
_pdbx_unobs_or_zero_occ_residues.auth_comp_id 
_pdbx_unobs_or_zero_occ_residues.auth_seq_id 
_pdbx_unobs_or_zero_occ_residues.PDB_ins_code 
_pdbx_unobs_or_zero_occ_residues.label_asym_id 
_pdbx_unobs_or_zero_occ_residues.label_comp_id 
_pdbx_unobs_or_zero_occ_residues.label_seq_id 
1  1 Y 1 A MET 43  ? A MET 1   
2  1 Y 1 A PRO 44  ? A PRO 2   
3  1 Y 1 A ALA 45  ? A ALA 3   
4  1 Y 1 A LEU 66  ? A LEU 24  
5  1 Y 1 A ASP 67  ? A ASP 25  
6  1 Y 1 A GLU 68  ? A GLU 26  
7  1 Y 1 A ALA 69  ? A ALA 27  
8  1 Y 1 A PHE 104 ? A PHE 62  
9  1 Y 1 A ASN 105 ? A ASN 63  
10 1 Y 1 A GLU 106 ? A GLU 64  
11 1 Y 1 A ASP 107 ? A ASP 65  
12 1 Y 1 A ALA 108 ? A ALA 66  
13 1 Y 1 A ALA 154 ? A ALA 112 
14 1 Y 1 A ALA 155 ? A ALA 113 
15 1 Y 1 A LEU 156 ? A LEU 114 
16 1 Y 1 A GLU 157 ? A GLU 115 
17 1 Y 1 A HIS 158 ? A HIS 116 
18 1 Y 1 A HIS 159 ? A HIS 117 
19 1 Y 1 A HIS 160 ? A HIS 118 
20 1 Y 1 A HIS 161 ? A HIS 119 
21 1 Y 1 A HIS 162 ? A HIS 120 
22 1 Y 1 A HIS 163 ? A HIS 121 
23 1 Y 1 B MET 43  ? B MET 1   
24 1 Y 1 B PRO 44  ? B PRO 2   
25 1 Y 1 B ALA 45  ? B ALA 3   
26 1 Y 1 B LYS 46  ? B LYS 4   
27 1 Y 1 B PRO 65  ? B PRO 23  
28 1 Y 1 B LEU 66  ? B LEU 24  
29 1 Y 1 B ASP 67  ? B ASP 25  
30 1 Y 1 B GLU 68  ? B GLU 26  
31 1 Y 1 B ALA 69  ? B ALA 27  
32 1 Y 1 B SER 70  ? B SER 28  
33 1 Y 1 B ASN 105 ? B ASN 63  
34 1 Y 1 B GLU 106 ? B GLU 64  
35 1 Y 1 B ASP 107 ? B ASP 65  
36 1 Y 1 B ALA 108 ? B ALA 66  
37 1 Y 1 B VAL 109 ? B VAL 67  
38 1 Y 1 B GLN 153 ? B GLN 111 
39 1 Y 1 B ALA 154 ? B ALA 112 
40 1 Y 1 B ALA 155 ? B ALA 113 
41 1 Y 1 B LEU 156 ? B LEU 114 
42 1 Y 1 B GLU 157 ? B GLU 115 
43 1 Y 1 B HIS 158 ? B HIS 116 
44 1 Y 1 B HIS 159 ? B HIS 117 
45 1 Y 1 B HIS 160 ? B HIS 118 
46 1 Y 1 B HIS 161 ? B HIS 119 
47 1 Y 1 B HIS 162 ? B HIS 120 
48 1 Y 1 B HIS 163 ? B HIS 121 
# 
loop_
_chem_comp_atom.comp_id 
_chem_comp_atom.atom_id 
_chem_comp_atom.type_symbol 
_chem_comp_atom.pdbx_aromatic_flag 
_chem_comp_atom.pdbx_stereo_config 
_chem_comp_atom.pdbx_ordinal 
ALA N    N N N 1   
ALA CA   C N S 2   
ALA C    C N N 3   
ALA O    O N N 4   
ALA CB   C N N 5   
ALA OXT  O N N 6   
ALA H    H N N 7   
ALA H2   H N N 8   
ALA HA   H N N 9   
ALA HB1  H N N 10  
ALA HB2  H N N 11  
ALA HB3  H N N 12  
ALA HXT  H N N 13  
ARG N    N N N 14  
ARG CA   C N S 15  
ARG C    C N N 16  
ARG O    O N N 17  
ARG CB   C N N 18  
ARG CG   C N N 19  
ARG CD   C N N 20  
ARG NE   N N N 21  
ARG CZ   C N N 22  
ARG NH1  N N N 23  
ARG NH2  N N N 24  
ARG OXT  O N N 25  
ARG H    H N N 26  
ARG H2   H N N 27  
ARG HA   H N N 28  
ARG HB2  H N N 29  
ARG HB3  H N N 30  
ARG HG2  H N N 31  
ARG HG3  H N N 32  
ARG HD2  H N N 33  
ARG HD3  H N N 34  
ARG HE   H N N 35  
ARG HH11 H N N 36  
ARG HH12 H N N 37  
ARG HH21 H N N 38  
ARG HH22 H N N 39  
ARG HXT  H N N 40  
ASN N    N N N 41  
ASN CA   C N S 42  
ASN C    C N N 43  
ASN O    O N N 44  
ASN CB   C N N 45  
ASN CG   C N N 46  
ASN OD1  O N N 47  
ASN ND2  N N N 48  
ASN OXT  O N N 49  
ASN H    H N N 50  
ASN H2   H N N 51  
ASN HA   H N N 52  
ASN HB2  H N N 53  
ASN HB3  H N N 54  
ASN HD21 H N N 55  
ASN HD22 H N N 56  
ASN HXT  H N N 57  
ASP N    N N N 58  
ASP CA   C N S 59  
ASP C    C N N 60  
ASP O    O N N 61  
ASP CB   C N N 62  
ASP CG   C N N 63  
ASP OD1  O N N 64  
ASP OD2  O N N 65  
ASP OXT  O N N 66  
ASP H    H N N 67  
ASP H2   H N N 68  
ASP HA   H N N 69  
ASP HB2  H N N 70  
ASP HB3  H N N 71  
ASP HD2  H N N 72  
ASP HXT  H N N 73  
GLN N    N N N 74  
GLN CA   C N S 75  
GLN C    C N N 76  
GLN O    O N N 77  
GLN CB   C N N 78  
GLN CG   C N N 79  
GLN CD   C N N 80  
GLN OE1  O N N 81  
GLN NE2  N N N 82  
GLN OXT  O N N 83  
GLN H    H N N 84  
GLN H2   H N N 85  
GLN HA   H N N 86  
GLN HB2  H N N 87  
GLN HB3  H N N 88  
GLN HG2  H N N 89  
GLN HG3  H N N 90  
GLN HE21 H N N 91  
GLN HE22 H N N 92  
GLN HXT  H N N 93  
GLU N    N N N 94  
GLU CA   C N S 95  
GLU C    C N N 96  
GLU O    O N N 97  
GLU CB   C N N 98  
GLU CG   C N N 99  
GLU CD   C N N 100 
GLU OE1  O N N 101 
GLU OE2  O N N 102 
GLU OXT  O N N 103 
GLU H    H N N 104 
GLU H2   H N N 105 
GLU HA   H N N 106 
GLU HB2  H N N 107 
GLU HB3  H N N 108 
GLU HG2  H N N 109 
GLU HG3  H N N 110 
GLU HE2  H N N 111 
GLU HXT  H N N 112 
GLY N    N N N 113 
GLY CA   C N N 114 
GLY C    C N N 115 
GLY O    O N N 116 
GLY OXT  O N N 117 
GLY H    H N N 118 
GLY H2   H N N 119 
GLY HA2  H N N 120 
GLY HA3  H N N 121 
GLY HXT  H N N 122 
HIS N    N N N 123 
HIS CA   C N S 124 
HIS C    C N N 125 
HIS O    O N N 126 
HIS CB   C N N 127 
HIS CG   C Y N 128 
HIS ND1  N Y N 129 
HIS CD2  C Y N 130 
HIS CE1  C Y N 131 
HIS NE2  N Y N 132 
HIS OXT  O N N 133 
HIS H    H N N 134 
HIS H2   H N N 135 
HIS HA   H N N 136 
HIS HB2  H N N 137 
HIS HB3  H N N 138 
HIS HD1  H N N 139 
HIS HD2  H N N 140 
HIS HE1  H N N 141 
HIS HE2  H N N 142 
HIS HXT  H N N 143 
HOH O    O N N 144 
HOH H1   H N N 145 
HOH H2   H N N 146 
ILE N    N N N 147 
ILE CA   C N S 148 
ILE C    C N N 149 
ILE O    O N N 150 
ILE CB   C N S 151 
ILE CG1  C N N 152 
ILE CG2  C N N 153 
ILE CD1  C N N 154 
ILE OXT  O N N 155 
ILE H    H N N 156 
ILE H2   H N N 157 
ILE HA   H N N 158 
ILE HB   H N N 159 
ILE HG12 H N N 160 
ILE HG13 H N N 161 
ILE HG21 H N N 162 
ILE HG22 H N N 163 
ILE HG23 H N N 164 
ILE HD11 H N N 165 
ILE HD12 H N N 166 
ILE HD13 H N N 167 
ILE HXT  H N N 168 
LEU N    N N N 169 
LEU CA   C N S 170 
LEU C    C N N 171 
LEU O    O N N 172 
LEU CB   C N N 173 
LEU CG   C N N 174 
LEU CD1  C N N 175 
LEU CD2  C N N 176 
LEU OXT  O N N 177 
LEU H    H N N 178 
LEU H2   H N N 179 
LEU HA   H N N 180 
LEU HB2  H N N 181 
LEU HB3  H N N 182 
LEU HG   H N N 183 
LEU HD11 H N N 184 
LEU HD12 H N N 185 
LEU HD13 H N N 186 
LEU HD21 H N N 187 
LEU HD22 H N N 188 
LEU HD23 H N N 189 
LEU HXT  H N N 190 
LYS N    N N N 191 
LYS CA   C N S 192 
LYS C    C N N 193 
LYS O    O N N 194 
LYS CB   C N N 195 
LYS CG   C N N 196 
LYS CD   C N N 197 
LYS CE   C N N 198 
LYS NZ   N N N 199 
LYS OXT  O N N 200 
LYS H    H N N 201 
LYS H2   H N N 202 
LYS HA   H N N 203 
LYS HB2  H N N 204 
LYS HB3  H N N 205 
LYS HG2  H N N 206 
LYS HG3  H N N 207 
LYS HD2  H N N 208 
LYS HD3  H N N 209 
LYS HE2  H N N 210 
LYS HE3  H N N 211 
LYS HZ1  H N N 212 
LYS HZ2  H N N 213 
LYS HZ3  H N N 214 
LYS HXT  H N N 215 
MET N    N N N 216 
MET CA   C N S 217 
MET C    C N N 218 
MET O    O N N 219 
MET CB   C N N 220 
MET CG   C N N 221 
MET SD   S N N 222 
MET CE   C N N 223 
MET OXT  O N N 224 
MET H    H N N 225 
MET H2   H N N 226 
MET HA   H N N 227 
MET HB2  H N N 228 
MET HB3  H N N 229 
MET HG2  H N N 230 
MET HG3  H N N 231 
MET HE1  H N N 232 
MET HE2  H N N 233 
MET HE3  H N N 234 
MET HXT  H N N 235 
PHE N    N N N 236 
PHE CA   C N S 237 
PHE C    C N N 238 
PHE O    O N N 239 
PHE CB   C N N 240 
PHE CG   C Y N 241 
PHE CD1  C Y N 242 
PHE CD2  C Y N 243 
PHE CE1  C Y N 244 
PHE CE2  C Y N 245 
PHE CZ   C Y N 246 
PHE OXT  O N N 247 
PHE H    H N N 248 
PHE H2   H N N 249 
PHE HA   H N N 250 
PHE HB2  H N N 251 
PHE HB3  H N N 252 
PHE HD1  H N N 253 
PHE HD2  H N N 254 
PHE HE1  H N N 255 
PHE HE2  H N N 256 
PHE HZ   H N N 257 
PHE HXT  H N N 258 
PRO N    N N N 259 
PRO CA   C N S 260 
PRO C    C N N 261 
PRO O    O N N 262 
PRO CB   C N N 263 
PRO CG   C N N 264 
PRO CD   C N N 265 
PRO OXT  O N N 266 
PRO H    H N N 267 
PRO HA   H N N 268 
PRO HB2  H N N 269 
PRO HB3  H N N 270 
PRO HG2  H N N 271 
PRO HG3  H N N 272 
PRO HD2  H N N 273 
PRO HD3  H N N 274 
PRO HXT  H N N 275 
SER N    N N N 276 
SER CA   C N S 277 
SER C    C N N 278 
SER O    O N N 279 
SER CB   C N N 280 
SER OG   O N N 281 
SER OXT  O N N 282 
SER H    H N N 283 
SER H2   H N N 284 
SER HA   H N N 285 
SER HB2  H N N 286 
SER HB3  H N N 287 
SER HG   H N N 288 
SER HXT  H N N 289 
THR N    N N N 290 
THR CA   C N S 291 
THR C    C N N 292 
THR O    O N N 293 
THR CB   C N R 294 
THR OG1  O N N 295 
THR CG2  C N N 296 
THR OXT  O N N 297 
THR H    H N N 298 
THR H2   H N N 299 
THR HA   H N N 300 
THR HB   H N N 301 
THR HG1  H N N 302 
THR HG21 H N N 303 
THR HG22 H N N 304 
THR HG23 H N N 305 
THR HXT  H N N 306 
TRP N    N N N 307 
TRP CA   C N S 308 
TRP C    C N N 309 
TRP O    O N N 310 
TRP CB   C N N 311 
TRP CG   C Y N 312 
TRP CD1  C Y N 313 
TRP CD2  C Y N 314 
TRP NE1  N Y N 315 
TRP CE2  C Y N 316 
TRP CE3  C Y N 317 
TRP CZ2  C Y N 318 
TRP CZ3  C Y N 319 
TRP CH2  C Y N 320 
TRP OXT  O N N 321 
TRP H    H N N 322 
TRP H2   H N N 323 
TRP HA   H N N 324 
TRP HB2  H N N 325 
TRP HB3  H N N 326 
TRP HD1  H N N 327 
TRP HE1  H N N 328 
TRP HE3  H N N 329 
TRP HZ2  H N N 330 
TRP HZ3  H N N 331 
TRP HH2  H N N 332 
TRP HXT  H N N 333 
VAL N    N N N 334 
VAL CA   C N S 335 
VAL C    C N N 336 
VAL O    O N N 337 
VAL CB   C N N 338 
VAL CG1  C N N 339 
VAL CG2  C N N 340 
VAL OXT  O N N 341 
VAL H    H N N 342 
VAL H2   H N N 343 
VAL HA   H N N 344 
VAL HB   H N N 345 
VAL HG11 H N N 346 
VAL HG12 H N N 347 
VAL HG13 H N N 348 
VAL HG21 H N N 349 
VAL HG22 H N N 350 
VAL HG23 H N N 351 
VAL HXT  H N N 352 
# 
loop_
_chem_comp_bond.comp_id 
_chem_comp_bond.atom_id_1 
_chem_comp_bond.atom_id_2 
_chem_comp_bond.value_order 
_chem_comp_bond.pdbx_aromatic_flag 
_chem_comp_bond.pdbx_stereo_config 
_chem_comp_bond.pdbx_ordinal 
ALA N   CA   sing N N 1   
ALA N   H    sing N N 2   
ALA N   H2   sing N N 3   
ALA CA  C    sing N N 4   
ALA CA  CB   sing N N 5   
ALA CA  HA   sing N N 6   
ALA C   O    doub N N 7   
ALA C   OXT  sing N N 8   
ALA CB  HB1  sing N N 9   
ALA CB  HB2  sing N N 10  
ALA CB  HB3  sing N N 11  
ALA OXT HXT  sing N N 12  
ARG N   CA   sing N N 13  
ARG N   H    sing N N 14  
ARG N   H2   sing N N 15  
ARG CA  C    sing N N 16  
ARG CA  CB   sing N N 17  
ARG CA  HA   sing N N 18  
ARG C   O    doub N N 19  
ARG C   OXT  sing N N 20  
ARG CB  CG   sing N N 21  
ARG CB  HB2  sing N N 22  
ARG CB  HB3  sing N N 23  
ARG CG  CD   sing N N 24  
ARG CG  HG2  sing N N 25  
ARG CG  HG3  sing N N 26  
ARG CD  NE   sing N N 27  
ARG CD  HD2  sing N N 28  
ARG CD  HD3  sing N N 29  
ARG NE  CZ   sing N N 30  
ARG NE  HE   sing N N 31  
ARG CZ  NH1  sing N N 32  
ARG CZ  NH2  doub N N 33  
ARG NH1 HH11 sing N N 34  
ARG NH1 HH12 sing N N 35  
ARG NH2 HH21 sing N N 36  
ARG NH2 HH22 sing N N 37  
ARG OXT HXT  sing N N 38  
ASN N   CA   sing N N 39  
ASN N   H    sing N N 40  
ASN N   H2   sing N N 41  
ASN CA  C    sing N N 42  
ASN CA  CB   sing N N 43  
ASN CA  HA   sing N N 44  
ASN C   O    doub N N 45  
ASN C   OXT  sing N N 46  
ASN CB  CG   sing N N 47  
ASN CB  HB2  sing N N 48  
ASN CB  HB3  sing N N 49  
ASN CG  OD1  doub N N 50  
ASN CG  ND2  sing N N 51  
ASN ND2 HD21 sing N N 52  
ASN ND2 HD22 sing N N 53  
ASN OXT HXT  sing N N 54  
ASP N   CA   sing N N 55  
ASP N   H    sing N N 56  
ASP N   H2   sing N N 57  
ASP CA  C    sing N N 58  
ASP CA  CB   sing N N 59  
ASP CA  HA   sing N N 60  
ASP C   O    doub N N 61  
ASP C   OXT  sing N N 62  
ASP CB  CG   sing N N 63  
ASP CB  HB2  sing N N 64  
ASP CB  HB3  sing N N 65  
ASP CG  OD1  doub N N 66  
ASP CG  OD2  sing N N 67  
ASP OD2 HD2  sing N N 68  
ASP OXT HXT  sing N N 69  
GLN N   CA   sing N N 70  
GLN N   H    sing N N 71  
GLN N   H2   sing N N 72  
GLN CA  C    sing N N 73  
GLN CA  CB   sing N N 74  
GLN CA  HA   sing N N 75  
GLN C   O    doub N N 76  
GLN C   OXT  sing N N 77  
GLN CB  CG   sing N N 78  
GLN CB  HB2  sing N N 79  
GLN CB  HB3  sing N N 80  
GLN CG  CD   sing N N 81  
GLN CG  HG2  sing N N 82  
GLN CG  HG3  sing N N 83  
GLN CD  OE1  doub N N 84  
GLN CD  NE2  sing N N 85  
GLN NE2 HE21 sing N N 86  
GLN NE2 HE22 sing N N 87  
GLN OXT HXT  sing N N 88  
GLU N   CA   sing N N 89  
GLU N   H    sing N N 90  
GLU N   H2   sing N N 91  
GLU CA  C    sing N N 92  
GLU CA  CB   sing N N 93  
GLU CA  HA   sing N N 94  
GLU C   O    doub N N 95  
GLU C   OXT  sing N N 96  
GLU CB  CG   sing N N 97  
GLU CB  HB2  sing N N 98  
GLU CB  HB3  sing N N 99  
GLU CG  CD   sing N N 100 
GLU CG  HG2  sing N N 101 
GLU CG  HG3  sing N N 102 
GLU CD  OE1  doub N N 103 
GLU CD  OE2  sing N N 104 
GLU OE2 HE2  sing N N 105 
GLU OXT HXT  sing N N 106 
GLY N   CA   sing N N 107 
GLY N   H    sing N N 108 
GLY N   H2   sing N N 109 
GLY CA  C    sing N N 110 
GLY CA  HA2  sing N N 111 
GLY CA  HA3  sing N N 112 
GLY C   O    doub N N 113 
GLY C   OXT  sing N N 114 
GLY OXT HXT  sing N N 115 
HIS N   CA   sing N N 116 
HIS N   H    sing N N 117 
HIS N   H2   sing N N 118 
HIS CA  C    sing N N 119 
HIS CA  CB   sing N N 120 
HIS CA  HA   sing N N 121 
HIS C   O    doub N N 122 
HIS C   OXT  sing N N 123 
HIS CB  CG   sing N N 124 
HIS CB  HB2  sing N N 125 
HIS CB  HB3  sing N N 126 
HIS CG  ND1  sing Y N 127 
HIS CG  CD2  doub Y N 128 
HIS ND1 CE1  doub Y N 129 
HIS ND1 HD1  sing N N 130 
HIS CD2 NE2  sing Y N 131 
HIS CD2 HD2  sing N N 132 
HIS CE1 NE2  sing Y N 133 
HIS CE1 HE1  sing N N 134 
HIS NE2 HE2  sing N N 135 
HIS OXT HXT  sing N N 136 
HOH O   H1   sing N N 137 
HOH O   H2   sing N N 138 
ILE N   CA   sing N N 139 
ILE N   H    sing N N 140 
ILE N   H2   sing N N 141 
ILE CA  C    sing N N 142 
ILE CA  CB   sing N N 143 
ILE CA  HA   sing N N 144 
ILE C   O    doub N N 145 
ILE C   OXT  sing N N 146 
ILE CB  CG1  sing N N 147 
ILE CB  CG2  sing N N 148 
ILE CB  HB   sing N N 149 
ILE CG1 CD1  sing N N 150 
ILE CG1 HG12 sing N N 151 
ILE CG1 HG13 sing N N 152 
ILE CG2 HG21 sing N N 153 
ILE CG2 HG22 sing N N 154 
ILE CG2 HG23 sing N N 155 
ILE CD1 HD11 sing N N 156 
ILE CD1 HD12 sing N N 157 
ILE CD1 HD13 sing N N 158 
ILE OXT HXT  sing N N 159 
LEU N   CA   sing N N 160 
LEU N   H    sing N N 161 
LEU N   H2   sing N N 162 
LEU CA  C    sing N N 163 
LEU CA  CB   sing N N 164 
LEU CA  HA   sing N N 165 
LEU C   O    doub N N 166 
LEU C   OXT  sing N N 167 
LEU CB  CG   sing N N 168 
LEU CB  HB2  sing N N 169 
LEU CB  HB3  sing N N 170 
LEU CG  CD1  sing N N 171 
LEU CG  CD2  sing N N 172 
LEU CG  HG   sing N N 173 
LEU CD1 HD11 sing N N 174 
LEU CD1 HD12 sing N N 175 
LEU CD1 HD13 sing N N 176 
LEU CD2 HD21 sing N N 177 
LEU CD2 HD22 sing N N 178 
LEU CD2 HD23 sing N N 179 
LEU OXT HXT  sing N N 180 
LYS N   CA   sing N N 181 
LYS N   H    sing N N 182 
LYS N   H2   sing N N 183 
LYS CA  C    sing N N 184 
LYS CA  CB   sing N N 185 
LYS CA  HA   sing N N 186 
LYS C   O    doub N N 187 
LYS C   OXT  sing N N 188 
LYS CB  CG   sing N N 189 
LYS CB  HB2  sing N N 190 
LYS CB  HB3  sing N N 191 
LYS CG  CD   sing N N 192 
LYS CG  HG2  sing N N 193 
LYS CG  HG3  sing N N 194 
LYS CD  CE   sing N N 195 
LYS CD  HD2  sing N N 196 
LYS CD  HD3  sing N N 197 
LYS CE  NZ   sing N N 198 
LYS CE  HE2  sing N N 199 
LYS CE  HE3  sing N N 200 
LYS NZ  HZ1  sing N N 201 
LYS NZ  HZ2  sing N N 202 
LYS NZ  HZ3  sing N N 203 
LYS OXT HXT  sing N N 204 
MET N   CA   sing N N 205 
MET N   H    sing N N 206 
MET N   H2   sing N N 207 
MET CA  C    sing N N 208 
MET CA  CB   sing N N 209 
MET CA  HA   sing N N 210 
MET C   O    doub N N 211 
MET C   OXT  sing N N 212 
MET CB  CG   sing N N 213 
MET CB  HB2  sing N N 214 
MET CB  HB3  sing N N 215 
MET CG  SD   sing N N 216 
MET CG  HG2  sing N N 217 
MET CG  HG3  sing N N 218 
MET SD  CE   sing N N 219 
MET CE  HE1  sing N N 220 
MET CE  HE2  sing N N 221 
MET CE  HE3  sing N N 222 
MET OXT HXT  sing N N 223 
PHE N   CA   sing N N 224 
PHE N   H    sing N N 225 
PHE N   H2   sing N N 226 
PHE CA  C    sing N N 227 
PHE CA  CB   sing N N 228 
PHE CA  HA   sing N N 229 
PHE C   O    doub N N 230 
PHE C   OXT  sing N N 231 
PHE CB  CG   sing N N 232 
PHE CB  HB2  sing N N 233 
PHE CB  HB3  sing N N 234 
PHE CG  CD1  doub Y N 235 
PHE CG  CD2  sing Y N 236 
PHE CD1 CE1  sing Y N 237 
PHE CD1 HD1  sing N N 238 
PHE CD2 CE2  doub Y N 239 
PHE CD2 HD2  sing N N 240 
PHE CE1 CZ   doub Y N 241 
PHE CE1 HE1  sing N N 242 
PHE CE2 CZ   sing Y N 243 
PHE CE2 HE2  sing N N 244 
PHE CZ  HZ   sing N N 245 
PHE OXT HXT  sing N N 246 
PRO N   CA   sing N N 247 
PRO N   CD   sing N N 248 
PRO N   H    sing N N 249 
PRO CA  C    sing N N 250 
PRO CA  CB   sing N N 251 
PRO CA  HA   sing N N 252 
PRO C   O    doub N N 253 
PRO C   OXT  sing N N 254 
PRO CB  CG   sing N N 255 
PRO CB  HB2  sing N N 256 
PRO CB  HB3  sing N N 257 
PRO CG  CD   sing N N 258 
PRO CG  HG2  sing N N 259 
PRO CG  HG3  sing N N 260 
PRO CD  HD2  sing N N 261 
PRO CD  HD3  sing N N 262 
PRO OXT HXT  sing N N 263 
SER N   CA   sing N N 264 
SER N   H    sing N N 265 
SER N   H2   sing N N 266 
SER CA  C    sing N N 267 
SER CA  CB   sing N N 268 
SER CA  HA   sing N N 269 
SER C   O    doub N N 270 
SER C   OXT  sing N N 271 
SER CB  OG   sing N N 272 
SER CB  HB2  sing N N 273 
SER CB  HB3  sing N N 274 
SER OG  HG   sing N N 275 
SER OXT HXT  sing N N 276 
THR N   CA   sing N N 277 
THR N   H    sing N N 278 
THR N   H2   sing N N 279 
THR CA  C    sing N N 280 
THR CA  CB   sing N N 281 
THR CA  HA   sing N N 282 
THR C   O    doub N N 283 
THR C   OXT  sing N N 284 
THR CB  OG1  sing N N 285 
THR CB  CG2  sing N N 286 
THR CB  HB   sing N N 287 
THR OG1 HG1  sing N N 288 
THR CG2 HG21 sing N N 289 
THR CG2 HG22 sing N N 290 
THR CG2 HG23 sing N N 291 
THR OXT HXT  sing N N 292 
TRP N   CA   sing N N 293 
TRP N   H    sing N N 294 
TRP N   H2   sing N N 295 
TRP CA  C    sing N N 296 
TRP CA  CB   sing N N 297 
TRP CA  HA   sing N N 298 
TRP C   O    doub N N 299 
TRP C   OXT  sing N N 300 
TRP CB  CG   sing N N 301 
TRP CB  HB2  sing N N 302 
TRP CB  HB3  sing N N 303 
TRP CG  CD1  doub Y N 304 
TRP CG  CD2  sing Y N 305 
TRP CD1 NE1  sing Y N 306 
TRP CD1 HD1  sing N N 307 
TRP CD2 CE2  doub Y N 308 
TRP CD2 CE3  sing Y N 309 
TRP NE1 CE2  sing Y N 310 
TRP NE1 HE1  sing N N 311 
TRP CE2 CZ2  sing Y N 312 
TRP CE3 CZ3  doub Y N 313 
TRP CE3 HE3  sing N N 314 
TRP CZ2 CH2  doub Y N 315 
TRP CZ2 HZ2  sing N N 316 
TRP CZ3 CH2  sing Y N 317 
TRP CZ3 HZ3  sing N N 318 
TRP CH2 HH2  sing N N 319 
TRP OXT HXT  sing N N 320 
VAL N   CA   sing N N 321 
VAL N   H    sing N N 322 
VAL N   H2   sing N N 323 
VAL CA  C    sing N N 324 
VAL CA  CB   sing N N 325 
VAL CA  HA   sing N N 326 
VAL C   O    doub N N 327 
VAL C   OXT  sing N N 328 
VAL CB  CG1  sing N N 329 
VAL CB  CG2  sing N N 330 
VAL CB  HB   sing N N 331 
VAL CG1 HG11 sing N N 332 
VAL CG1 HG12 sing N N 333 
VAL CG1 HG13 sing N N 334 
VAL CG2 HG21 sing N N 335 
VAL CG2 HG22 sing N N 336 
VAL CG2 HG23 sing N N 337 
VAL OXT HXT  sing N N 338 
# 
_pdbx_audit_support.funding_organization   
'National Institutes of Health/National Institute Of Allergy and Infectious Diseases (NIH/NIAID)' 
_pdbx_audit_support.country                'United States' 
_pdbx_audit_support.grant_number           AI070285 
_pdbx_audit_support.ordinal                1 
# 
_atom_sites.entry_id                    5IEU 
_atom_sites.fract_transf_matrix[1][1]   0.01691727 
_atom_sites.fract_transf_matrix[1][2]   -0.01199126 
_atom_sites.fract_transf_matrix[1][3]   0.00468624 
_atom_sites.fract_transf_matrix[2][1]   0.00786028 
_atom_sites.fract_transf_matrix[2][2]   0.01285983 
_atom_sites.fract_transf_matrix[2][3]   0.00453049 
_atom_sites.fract_transf_matrix[3][1]   -0.00264544 
_atom_sites.fract_transf_matrix[3][2]   -0.00091902 
_atom_sites.fract_transf_matrix[3][3]   0.00719842 
_atom_sites.fract_transf_vector[1]      -0.298671 
_atom_sites.fract_transf_vector[2]      -0.127384 
_atom_sites.fract_transf_vector[3]      0.142186 
# 
loop_
_atom_type.symbol 
C 
N 
O 
S 
# 
loop_
_atom_site.group_PDB 
_atom_site.id 
_atom_site.type_symbol 
_atom_site.label_atom_id 
_atom_site.label_alt_id 
_atom_site.label_comp_id 
_atom_site.label_asym_id 
_atom_site.label_entity_id 
_atom_site.label_seq_id 
_atom_site.pdbx_PDB_ins_code 
_atom_site.Cartn_x 
_atom_site.Cartn_y 
_atom_site.Cartn_z 
_atom_site.occupancy 
_atom_site.B_iso_or_equiv 
_atom_site.pdbx_formal_charge 
_atom_site.auth_seq_id 
_atom_site.auth_comp_id 
_atom_site.auth_asym_id 
_atom_site.auth_atom_id 
_atom_site.pdbx_PDB_model_num 
ATOM   1    N N   . LYS A 1 4   ? -3.950  1.783   16.612  1.00 70.87  ? 46  LYS A N   1 
ATOM   2    C CA  . LYS A 1 4   ? -3.427  0.427   16.272  1.00 66.38  ? 46  LYS A CA  1 
ATOM   3    C C   . LYS A 1 4   ? -3.513  0.152   14.777  1.00 56.12  ? 46  LYS A C   1 
ATOM   4    O O   . LYS A 1 4   ? -4.060  0.921   14.003  1.00 52.76  ? 46  LYS A O   1 
ATOM   5    C CB  . LYS A 1 4   ? -4.198  -0.685  17.030  1.00 74.37  ? 46  LYS A CB  1 
ATOM   6    C CG  . LYS A 1 4   ? -3.312  -1.894  17.335  1.00 85.16  ? 46  LYS A CG  1 
ATOM   7    C CD  . LYS A 1 4   ? -4.070  -3.092  17.868  1.00 87.46  ? 46  LYS A CD  1 
ATOM   8    C CE  . LYS A 1 4   ? -3.280  -3.764  18.994  1.00 88.11  ? 46  LYS A CE  1 
ATOM   9    N NZ  . LYS A 1 4   ? -4.099  -4.780  19.714  1.00 78.19  ? 46  LYS A NZ  1 
ATOM   10   N N   . VAL A 1 5   ? -3.000  -0.998  14.398  1.00 53.11  ? 47  VAL A N   1 
ATOM   11   C CA  . VAL A 1 5   ? -2.931  -1.420  13.006  1.00 56.26  ? 47  VAL A CA  1 
ATOM   12   C C   . VAL A 1 5   ? -4.286  -1.865  12.423  1.00 58.03  ? 47  VAL A C   1 
ATOM   13   O O   . VAL A 1 5   ? -4.559  -1.735  11.215  1.00 52.97  ? 47  VAL A O   1 
ATOM   14   C CB  . VAL A 1 5   ? -1.869  -2.539  12.857  1.00 55.34  ? 47  VAL A CB  1 
ATOM   15   C CG1 . VAL A 1 5   ? -2.276  -3.543  11.795  1.00 52.19  ? 47  VAL A CG1 1 
ATOM   16   C CG2 . VAL A 1 5   ? -0.500  -1.932  12.535  1.00 57.22  ? 47  VAL A CG2 1 
ATOM   17   N N   . MET A 1 6   ? -5.107  -2.446  13.280  1.00 60.94  ? 48  MET A N   1 
ATOM   18   C CA  . MET A 1 6   ? -6.485  -2.719  12.936  1.00 55.64  ? 48  MET A CA  1 
ATOM   19   C C   . MET A 1 6   ? -7.279  -1.455  12.691  1.00 54.62  ? 48  MET A C   1 
ATOM   20   O O   . MET A 1 6   ? -8.085  -1.385  11.776  1.00 50.64  ? 48  MET A O   1 
ATOM   21   C CB  . MET A 1 6   ? -7.117  -3.496  14.066  1.00 67.77  ? 48  MET A CB  1 
ATOM   22   C CG  . MET A 1 6   ? -6.705  -4.937  14.006  1.00 79.13  ? 48  MET A CG  1 
ATOM   23   S SD  . MET A 1 6   ? -6.764  -5.423  12.261  1.00 103.08 ? 48  MET A SD  1 
ATOM   24   C CE  . MET A 1 6   ? -5.050  -5.883  12.027  1.00 86.93  ? 48  MET A CE  1 
ATOM   25   N N   . ARG A 1 7   ? -7.055  -0.448  13.515  1.00 56.58  ? 49  ARG A N   1 
ATOM   26   C CA  . ARG A 1 7   ? -7.727  0.819   13.309  1.00 58.53  ? 49  ARG A CA  1 
ATOM   27   C C   . ARG A 1 7   ? -7.380  1.352   11.905  1.00 57.78  ? 49  ARG A C   1 
ATOM   28   O O   . ARG A 1 7   ? -8.267  1.852   11.189  1.00 53.03  ? 49  ARG A O   1 
ATOM   29   C CB  . ARG A 1 7   ? -7.327  1.823   14.399  1.00 61.42  ? 49  ARG A CB  1 
ATOM   30   C CG  . ARG A 1 7   ? -7.759  1.429   15.799  1.00 64.20  ? 49  ARG A CG  1 
ATOM   31   C CD  . ARG A 1 7   ? -7.566  2.552   16.808  1.00 71.95  ? 49  ARG A CD  1 
ATOM   32   N NE  . ARG A 1 7   ? -7.725  2.078   18.181  1.00 78.22  ? 49  ARG A NE  1 
ATOM   33   C CZ  . ARG A 1 7   ? -7.548  2.831   19.267  1.00 81.58  ? 49  ARG A CZ  1 
ATOM   34   N NH1 . ARG A 1 7   ? -7.227  4.119   19.140  1.00 76.48  ? 49  ARG A NH1 1 
ATOM   35   N NH2 . ARG A 1 7   ? -7.699  2.296   20.486  1.00 76.43  ? 49  ARG A NH2 1 
ATOM   36   N N   . ILE A 1 8   ? -6.096  1.246   11.521  1.00 53.07  ? 50  ILE A N   1 
ATOM   37   C CA  . ILE A 1 8   ? -5.639  1.771   10.219  1.00 50.15  ? 50  ILE A CA  1 
ATOM   38   C C   . ILE A 1 8   ? -6.346  1.050   9.071   1.00 52.45  ? 50  ILE A C   1 
ATOM   39   O O   . ILE A 1 8   ? -6.889  1.714   8.173   1.00 47.62  ? 50  ILE A O   1 
ATOM   40   C CB  . ILE A 1 8   ? -4.113  1.684   10.066  1.00 48.33  ? 50  ILE A CB  1 
ATOM   41   C CG1 . ILE A 1 8   ? -3.457  2.799   10.883  1.00 48.32  ? 50  ILE A CG1 1 
ATOM   42   C CG2 . ILE A 1 8   ? -3.714  1.820   8.616   1.00 48.46  ? 50  ILE A CG2 1 
ATOM   43   C CD1 . ILE A 1 8   ? -1.952  2.728   10.890  1.00 52.82  ? 50  ILE A CD1 1 
ATOM   44   N N   . GLY A 1 9   ? -6.373  -0.295  9.124   1.00 51.18  ? 51  GLY A N   1 
ATOM   45   C CA  . GLY A 1 9   ? -6.968  -1.123  8.055   1.00 49.32  ? 51  GLY A CA  1 
ATOM   46   C C   . GLY A 1 9   ? -8.448  -0.879  7.769   1.00 57.76  ? 51  GLY A C   1 
ATOM   47   O O   . GLY A 1 9   ? -8.872  -0.771  6.617   1.00 60.10  ? 51  GLY A O   1 
ATOM   48   N N   . THR A 1 10  ? -9.242  -0.818  8.832   1.00 61.72  ? 52  THR A N   1 
ATOM   49   C CA  . THR A 1 10  ? -10.695 -0.675  8.727   1.00 58.73  ? 52  THR A CA  1 
ATOM   50   C C   . THR A 1 10  ? -11.133 0.669   8.148   1.00 51.82  ? 52  THR A C   1 
ATOM   51   O O   . THR A 1 10  ? -12.118 0.748   7.423   1.00 51.25  ? 52  THR A O   1 
ATOM   52   C CB  . THR A 1 10  ? -11.358 -0.883  10.121  1.00 64.18  ? 52  THR A CB  1 
ATOM   53   O OG1 . THR A 1 10  ? -12.754 -0.599  10.034  1.00 71.90  ? 52  THR A OG1 1 
ATOM   54   C CG2 . THR A 1 10  ? -10.796 0.054   11.175  1.00 64.90  ? 52  THR A CG2 1 
ATOM   55   N N   . MET A 1 11  ? -10.409 1.724   8.513   1.00 56.10  ? 53  MET A N   1 
ATOM   56   C CA  . MET A 1 11  ? -10.583 3.077   7.938   1.00 57.29  ? 53  MET A CA  1 
ATOM   57   C C   . MET A 1 11  ? -10.294 3.121   6.437   1.00 53.08  ? 53  MET A C   1 
ATOM   58   O O   . MET A 1 11  ? -11.082 3.654   5.633   1.00 49.00  ? 53  MET A O   1 
ATOM   59   C CB  . MET A 1 11  ? -9.634  4.060   8.616   1.00 65.11  ? 53  MET A CB  1 
ATOM   60   C CG  . MET A 1 11  ? -9.973  5.534   8.334   1.00 86.86  ? 53  MET A CG  1 
ATOM   61   S SD  . MET A 1 11  ? -11.637 6.124   8.822   1.00 95.38  ? 53  MET A SD  1 
ATOM   62   C CE  . MET A 1 11  ? -11.471 7.856   8.372   1.00 93.24  ? 53  MET A CE  1 
ATOM   63   N N   . ILE A 1 12  ? -9.146  2.548   6.081   1.00 49.34  ? 54  ILE A N   1 
ATOM   64   C CA  . ILE A 1 12  ? -8.817  2.276   4.700   1.00 48.47  ? 54  ILE A CA  1 
ATOM   65   C C   . ILE A 1 12  ? -9.927  1.515   3.953   1.00 49.78  ? 54  ILE A C   1 
ATOM   66   O O   . ILE A 1 12  ? -10.364 1.923   2.879   1.00 53.53  ? 54  ILE A O   1 
ATOM   67   C CB  . ILE A 1 12  ? -7.562  1.412   4.591   1.00 49.97  ? 54  ILE A CB  1 
ATOM   68   C CG1 . ILE A 1 12  ? -6.291  2.199   4.943   1.00 46.19  ? 54  ILE A CG1 1 
ATOM   69   C CG2 . ILE A 1 12  ? -7.437  0.856   3.169   1.00 53.11  ? 54  ILE A CG2 1 
ATOM   70   C CD1 . ILE A 1 12  ? -5.037  1.314   4.913   1.00 44.30  ? 54  ILE A CD1 1 
ATOM   71   N N   . LYS A 1 13  ? -10.385 0.402   4.503   1.00 48.62  ? 55  LYS A N   1 
ATOM   72   C CA  . LYS A 1 13  ? -11.426 -0.326  3.810   1.00 53.13  ? 55  LYS A CA  1 
ATOM   73   C C   . LYS A 1 13  ? -12.544 0.646   3.471   1.00 51.71  ? 55  LYS A C   1 
ATOM   74   O O   . LYS A 1 13  ? -13.214 0.521   2.432   1.00 63.83  ? 55  LYS A O   1 
ATOM   75   C CB  . LYS A 1 13  ? -11.907 -1.534  4.615   1.00 57.16  ? 55  LYS A CB  1 
ATOM   76   C CG  . LYS A 1 13  ? -10.961 -2.724  4.423   1.00 71.16  ? 55  LYS A CG  1 
ATOM   77   C CD  . LYS A 1 13  ? -11.588 -4.082  4.753   1.00 79.61  ? 55  LYS A CD  1 
ATOM   78   C CE  . LYS A 1 13  ? -11.521 -4.441  6.238   1.00 77.05  ? 55  LYS A CE  1 
ATOM   79   N NZ  . LYS A 1 13  ? -11.863 -5.883  6.425   1.00 82.92  ? 55  LYS A NZ  1 
ATOM   80   N N   . GLN A 1 14  ? -12.695 1.648   4.323   1.00 48.42  ? 56  GLN A N   1 
ATOM   81   C CA  . GLN A 1 14  ? -13.784 2.602   4.222   1.00 53.79  ? 56  GLN A CA  1 
ATOM   82   C C   . GLN A 1 14  ? -13.490 3.709   3.249   1.00 49.42  ? 56  GLN A C   1 
ATOM   83   O O   . GLN A 1 14  ? -14.353 4.075   2.412   1.00 45.45  ? 56  GLN A O   1 
ATOM   84   C CB  . GLN A 1 14  ? -14.062 3.230   5.587   1.00 60.37  ? 56  GLN A CB  1 
ATOM   85   C CG  . GLN A 1 14  ? -15.553 3.301   5.891   1.00 73.63  ? 56  GLN A CG  1 
ATOM   86   C CD  . GLN A 1 14  ? -16.234 4.525   5.289   1.00 79.28  ? 56  GLN A CD  1 
ATOM   87   O OE1 . GLN A 1 14  ? -15.699 5.646   5.330   1.00 79.83  ? 56  GLN A OE1 1 
ATOM   88   N NE2 . GLN A 1 14  ? -17.443 4.318   4.751   1.00 79.23  ? 56  GLN A NE2 1 
ATOM   89   N N   . LEU A 1 15  ? -12.297 4.283   3.377   1.00 42.69  ? 57  LEU A N   1 
ATOM   90   C CA  . LEU A 1 15  ? -11.864 5.279   2.417   1.00 43.45  ? 57  LEU A CA  1 
ATOM   91   C C   . LEU A 1 15  ? -11.898 4.735   0.951   1.00 43.79  ? 57  LEU A C   1 
ATOM   92   O O   . LEU A 1 15  ? -12.264 5.431   0.001   1.00 34.90  ? 57  LEU A O   1 
ATOM   93   C CB  . LEU A 1 15  ? -10.475 5.770   2.789   1.00 46.79  ? 57  LEU A CB  1 
ATOM   94   C CG  . LEU A 1 15  ? -10.297 6.671   4.021   1.00 46.75  ? 57  LEU A CG  1 
ATOM   95   C CD1 . LEU A 1 15  ? -8.838  7.056   4.239   1.00 43.72  ? 57  LEU A CD1 1 
ATOM   96   C CD2 . LEU A 1 15  ? -11.156 7.911   3.930   1.00 45.08  ? 57  LEU A CD2 1 
ATOM   97   N N   . LEU A 1 16  ? -11.560 3.461   0.811   1.00 45.95  ? 58  LEU A N   1 
ATOM   98   C CA  . LEU A 1 16  ? -11.570 2.793   -0.461  1.00 48.50  ? 58  LEU A CA  1 
ATOM   99   C C   . LEU A 1 16  ? -12.967 2.714   -1.048  1.00 53.20  ? 58  LEU A C   1 
ATOM   100  O O   . LEU A 1 16  ? -13.160 2.827   -2.255  1.00 58.38  ? 58  LEU A O   1 
ATOM   101  C CB  . LEU A 1 16  ? -11.008 1.378   -0.296  1.00 57.32  ? 58  LEU A CB  1 
ATOM   102  C CG  . LEU A 1 16  ? -10.384 0.678   -1.514  1.00 59.40  ? 58  LEU A CG  1 
ATOM   103  C CD1 . LEU A 1 16  ? -9.693  1.629   -2.489  1.00 65.00  ? 58  LEU A CD1 1 
ATOM   104  C CD2 . LEU A 1 16  ? -9.392  -0.388  -1.053  1.00 60.37  ? 58  LEU A CD2 1 
ATOM   105  N N   . GLU A 1 17  ? -13.959 2.525   -0.209  1.00 57.56  ? 59  GLU A N   1 
ATOM   106  C CA  . GLU A 1 17  ? -15.310 2.465   -0.724  1.00 65.85  ? 59  GLU A CA  1 
ATOM   107  C C   . GLU A 1 17  ? -15.866 3.865   -0.937  1.00 60.37  ? 59  GLU A C   1 
ATOM   108  O O   . GLU A 1 17  ? -16.797 4.074   -1.702  1.00 61.99  ? 59  GLU A O   1 
ATOM   109  C CB  . GLU A 1 17  ? -16.210 1.642   0.199   1.00 69.87  ? 59  GLU A CB  1 
ATOM   110  C CG  . GLU A 1 17  ? -15.718 0.219   0.574   1.00 79.93  ? 59  GLU A CG  1 
ATOM   111  C CD  . GLU A 1 17  ? -14.705 -0.480  -0.374  1.00 85.72  ? 59  GLU A CD  1 
ATOM   112  O OE1 . GLU A 1 17  ? -14.854 -0.473  -1.643  1.00 77.32  ? 59  GLU A OE1 1 
ATOM   113  O OE2 . GLU A 1 17  ? -13.757 -1.099  0.187   1.00 73.67  ? 59  GLU A OE2 1 
ATOM   114  N N   . GLU A 1 18  ? -15.276 4.833   -0.243  1.00 63.90  ? 60  GLU A N   1 
ATOM   115  C CA  . GLU A 1 18  ? -15.704 6.223   -0.349  1.00 69.91  ? 60  GLU A CA  1 
ATOM   116  C C   . GLU A 1 18  ? -15.283 6.827   -1.685  1.00 65.99  ? 60  GLU A C   1 
ATOM   117  O O   . GLU A 1 18  ? -15.932 7.739   -2.197  1.00 65.77  ? 60  GLU A O   1 
ATOM   118  C CB  . GLU A 1 18  ? -15.133 7.049   0.805   1.00 69.31  ? 60  GLU A CB  1 
ATOM   119  C CG  . GLU A 1 18  ? -16.188 7.631   1.732   1.00 73.98  ? 60  GLU A CG  1 
ATOM   120  C CD  . GLU A 1 18  ? -15.587 8.469   2.843   1.00 91.16  ? 60  GLU A CD  1 
ATOM   121  O OE1 . GLU A 1 18  ? -15.227 9.636   2.582   1.00 89.29  ? 60  GLU A OE1 1 
ATOM   122  O OE2 . GLU A 1 18  ? -15.473 7.960   3.978   1.00 83.36  ? 60  GLU A OE2 1 
ATOM   123  N N   . VAL A 1 19  ? -14.193 6.311   -2.244  1.00 64.22  ? 61  VAL A N   1 
ATOM   124  C CA  . VAL A 1 19  ? -13.684 6.798   -3.521  1.00 70.08  ? 61  VAL A CA  1 
ATOM   125  C C   . VAL A 1 19  ? -14.303 6.036   -4.688  1.00 68.45  ? 61  VAL A C   1 
ATOM   126  O O   . VAL A 1 19  ? -14.679 6.628   -5.699  1.00 81.18  ? 61  VAL A O   1 
ATOM   127  C CB  . VAL A 1 19  ? -12.151 6.681   -3.599  1.00 70.95  ? 61  VAL A CB  1 
ATOM   128  C CG1 . VAL A 1 19  ? -11.646 7.205   -4.935  1.00 74.49  ? 61  VAL A CG1 1 
ATOM   129  C CG2 . VAL A 1 19  ? -11.502 7.429   -2.445  1.00 77.67  ? 61  VAL A CG2 1 
ATOM   130  N N   . ARG A 1 20  ? -14.405 4.719   -4.541  1.00 66.77  ? 62  ARG A N   1 
ATOM   131  C CA  . ARG A 1 20  ? -14.977 3.873   -5.581  1.00 78.50  ? 62  ARG A CA  1 
ATOM   132  C C   . ARG A 1 20  ? -16.212 4.490   -6.229  1.00 81.23  ? 62  ARG A C   1 
ATOM   133  O O   . ARG A 1 20  ? -16.399 4.401   -7.442  1.00 89.54  ? 62  ARG A O   1 
ATOM   134  C CB  . ARG A 1 20  ? -15.376 2.512   -5.006  1.00 83.44  ? 62  ARG A CB  1 
ATOM   135  C CG  . ARG A 1 20  ? -14.205 1.680   -4.513  1.00 82.19  ? 62  ARG A CG  1 
ATOM   136  C CD  . ARG A 1 20  ? -13.863 0.571   -5.494  1.00 86.93  ? 62  ARG A CD  1 
ATOM   137  N NE  . ARG A 1 20  ? -12.541 0.005   -5.242  1.00 92.40  ? 62  ARG A NE  1 
ATOM   138  C CZ  . ARG A 1 20  ? -12.278 -1.298  -5.215  1.00 103.32 ? 62  ARG A CZ  1 
ATOM   139  N NH1 . ARG A 1 20  ? -13.249 -2.176  -5.426  1.00 115.51 ? 62  ARG A NH1 1 
ATOM   140  N NH2 . ARG A 1 20  ? -11.045 -1.723  -4.977  1.00 95.63  ? 62  ARG A NH2 1 
ATOM   141  N N   . ALA A 1 21  ? -17.053 5.116   -5.410  1.00 88.85  ? 63  ALA A N   1 
ATOM   142  C CA  . ALA A 1 21  ? -18.270 5.749   -5.901  1.00 96.40  ? 63  ALA A CA  1 
ATOM   143  C C   . ALA A 1 21  ? -17.960 7.226   -5.680  1.00 104.53 ? 63  ALA A C   1 
ATOM   144  O O   . ALA A 1 21  ? -18.051 7.729   -4.560  1.00 99.80  ? 63  ALA A O   1 
ATOM   145  C CB  . ALA A 1 21  ? -19.483 5.220   -5.153  1.00 88.00  ? 63  ALA A CB  1 
ATOM   146  N N   . ALA A 1 22  ? -17.593 7.917   -6.756  1.00 93.79  ? 64  ALA A N   1 
ATOM   147  C CA  . ALA A 1 22  ? -17.282 9.339   -6.684  1.00 101.48 ? 64  ALA A CA  1 
ATOM   148  C C   . ALA A 1 22  ? -17.942 9.958   -7.912  1.00 98.82  ? 64  ALA A C   1 
ATOM   149  O O   . ALA A 1 22  ? -18.553 9.247   -8.719  1.00 94.19  ? 64  ALA A O   1 
ATOM   150  C CB  . ALA A 1 22  ? -15.809 9.708   -6.760  1.00 103.06 ? 64  ALA A CB  1 
ATOM   151  N N   . PRO A 1 23  ? -17.819 11.274  -8.051  1.00 96.21  ? 65  PRO A N   1 
ATOM   152  C CA  . PRO A 1 23  ? -18.408 11.988  -9.188  1.00 92.97  ? 65  PRO A CA  1 
ATOM   153  C C   . PRO A 1 23  ? -17.488 11.973  -10.403 1.00 89.36  ? 65  PRO A C   1 
ATOM   154  O O   . PRO A 1 23  ? -16.324 11.597  -10.266 1.00 77.70  ? 65  PRO A O   1 
ATOM   155  C CB  . PRO A 1 23  ? -18.557 13.415  -8.659  1.00 98.87  ? 65  PRO A CB  1 
ATOM   156  C CG  . PRO A 1 23  ? -17.480 13.546  -7.637  1.00 98.82  ? 65  PRO A CG  1 
ATOM   157  C CD  . PRO A 1 23  ? -17.360 12.194  -6.994  1.00 100.65 ? 65  PRO A CD  1 
ATOM   158  N N   . SER A 1 28  ? -14.750 15.279  -6.972  1.00 91.74  ? 70  SER A N   1 
ATOM   159  C CA  . SER A 1 28  ? -14.284 16.648  -7.160  1.00 105.48 ? 70  SER A CA  1 
ATOM   160  C C   . SER A 1 28  ? -12.784 16.759  -6.906  1.00 110.00 ? 70  SER A C   1 
ATOM   161  O O   . SER A 1 28  ? -12.071 15.755  -6.892  1.00 118.92 ? 70  SER A O   1 
ATOM   162  C CB  . SER A 1 28  ? -15.044 17.605  -6.241  1.00 99.40  ? 70  SER A CB  1 
ATOM   163  O OG  . SER A 1 28  ? -15.622 18.669  -6.977  1.00 93.70  ? 70  SER A OG  1 
ATOM   164  N N   . ARG A 1 29  ? -12.312 17.984  -6.705  1.00 95.45  ? 71  ARG A N   1 
ATOM   165  C CA  . ARG A 1 29  ? -10.897 18.229  -6.451  1.00 93.37  ? 71  ARG A CA  1 
ATOM   166  C C   . ARG A 1 29  ? -10.620 18.360  -4.957  1.00 85.94  ? 71  ARG A C   1 
ATOM   167  O O   . ARG A 1 29  ? -9.469  18.460  -4.535  1.00 82.79  ? 71  ARG A O   1 
ATOM   168  C CB  . ARG A 1 29  ? -10.430 19.487  -7.184  1.00 107.77 ? 71  ARG A CB  1 
ATOM   169  C CG  . ARG A 1 29  ? -9.076  20.006  -6.728  1.00 114.08 ? 71  ARG A CG  1 
ATOM   170  C CD  . ARG A 1 29  ? -7.965  19.528  -7.648  1.00 117.63 ? 71  ARG A CD  1 
ATOM   171  N NE  . ARG A 1 29  ? -7.006  20.588  -7.946  1.00 120.98 ? 71  ARG A NE  1 
ATOM   172  C CZ  . ARG A 1 29  ? -7.302  21.694  -8.621  1.00 122.43 ? 71  ARG A CZ  1 
ATOM   173  N NH1 . ARG A 1 29  ? -8.533  21.889  -9.073  1.00 113.79 ? 71  ARG A NH1 1 
ATOM   174  N NH2 . ARG A 1 29  ? -6.366  22.606  -8.845  1.00 122.65 ? 71  ARG A NH2 1 
ATOM   175  N N   . ASN A 1 30  ? -11.685 18.358  -4.160  1.00 95.17  ? 72  ASN A N   1 
ATOM   176  C CA  . ASN A 1 30  ? -11.559 18.477  -2.713  1.00 92.01  ? 72  ASN A CA  1 
ATOM   177  C C   . ASN A 1 30  ? -11.895 17.173  -1.996  1.00 77.48  ? 72  ASN A C   1 
ATOM   178  O O   . ASN A 1 30  ? -11.475 16.952  -0.860  1.00 72.95  ? 72  ASN A O   1 
ATOM   179  C CB  . ASN A 1 30  ? -12.446 19.608  -2.189  1.00 107.85 ? 72  ASN A CB  1 
ATOM   180  C CG  . ASN A 1 30  ? -11.978 20.975  -2.649  1.00 117.45 ? 72  ASN A CG  1 
ATOM   181  O OD1 . ASN A 1 30  ? -11.083 21.088  -3.485  1.00 121.41 ? 72  ASN A OD1 1 
ATOM   182  N ND2 . ASN A 1 30  ? -12.585 22.023  -2.101  1.00 112.93 ? 72  ASN A ND2 1 
ATOM   183  N N   . ARG A 1 31  ? -12.656 16.314  -2.666  1.00 68.31  ? 73  ARG A N   1 
ATOM   184  C CA  . ARG A 1 31  ? -13.048 15.038  -2.097  1.00 66.59  ? 73  ARG A CA  1 
ATOM   185  C C   . ARG A 1 31  ? -11.897 14.052  -2.117  1.00 57.41  ? 73  ARG A C   1 
ATOM   186  O O   . ARG A 1 31  ? -11.550 13.409  -1.116  1.00 53.09  ? 73  ARG A O   1 
ATOM   187  C CB  . ARG A 1 31  ? -14.241 14.461  -2.872  1.00 81.99  ? 73  ARG A CB  1 
ATOM   188  C CG  . ARG A 1 31  ? -15.027 13.420  -2.090  1.00 98.42  ? 73  ARG A CG  1 
ATOM   189  C CD  . ARG A 1 31  ? -16.296 12.958  -2.814  1.00 110.36 ? 73  ARG A CD  1 
ATOM   190  N NE  . ARG A 1 31  ? -17.398 13.944  -2.766  1.00 123.73 ? 73  ARG A NE  1 
ATOM   191  C CZ  . ARG A 1 31  ? -18.083 14.303  -1.663  1.00 125.70 ? 73  ARG A CZ  1 
ATOM   192  N NH1 . ARG A 1 31  ? -17.801 13.785  -0.461  1.00 121.79 ? 73  ARG A NH1 1 
ATOM   193  N NH2 . ARG A 1 31  ? -19.062 15.202  -1.756  1.00 124.50 ? 73  ARG A NH2 1 
ATOM   194  N N   . LEU A 1 32  ? -11.296 13.934  -3.283  1.00 54.91  ? 74  LEU A N   1 
ATOM   195  C CA  . LEU A 1 32  ? -10.184 12.998  -3.480  1.00 54.61  ? 74  LEU A CA  1 
ATOM   196  C C   . LEU A 1 32  ? -8.963  13.451  -2.696  1.00 56.68  ? 74  LEU A C   1 
ATOM   197  O O   . LEU A 1 32  ? -8.141  12.644  -2.256  1.00 58.01  ? 74  LEU A O   1 
ATOM   198  C CB  . LEU A 1 32  ? -9.849  12.822  -4.975  1.00 49.70  ? 74  LEU A CB  1 
ATOM   199  C CG  . LEU A 1 32  ? -10.962 12.181  -5.857  1.00 53.48  ? 74  LEU A CG  1 
ATOM   200  C CD1 . LEU A 1 32  ? -10.500 12.040  -7.314  1.00 59.46  ? 74  LEU A CD1 1 
ATOM   201  C CD2 . LEU A 1 32  ? -11.447 10.832  -5.342  1.00 48.80  ? 74  LEU A CD2 1 
ATOM   202  N N   . ARG A 1 33  ? -8.853  14.750  -2.502  1.00 56.60  ? 75  ARG A N   1 
ATOM   203  C CA  . ARG A 1 33  ? -7.748  15.301  -1.721  1.00 62.34  ? 75  ARG A CA  1 
ATOM   204  C C   . ARG A 1 33  ? -7.938  15.120  -0.213  1.00 57.33  ? 75  ARG A C   1 
ATOM   205  O O   . ARG A 1 33  ? -6.991  15.088  0.571   1.00 54.09  ? 75  ARG A O   1 
ATOM   206  C CB  . ARG A 1 33  ? -7.587  16.786  -2.037  1.00 73.87  ? 75  ARG A CB  1 
ATOM   207  C CG  . ARG A 1 33  ? -6.611  17.522  -1.131  1.00 81.62  ? 75  ARG A CG  1 
ATOM   208  C CD  . ARG A 1 33  ? -6.427  18.964  -1.549  1.00 89.29  ? 75  ARG A CD  1 
ATOM   209  N NE  . ARG A 1 33  ? -6.164  19.109  -2.977  1.00 92.87  ? 75  ARG A NE  1 
ATOM   210  C CZ  . ARG A 1 33  ? -6.460  20.195  -3.688  1.00 100.08 ? 75  ARG A CZ  1 
ATOM   211  N NH1 . ARG A 1 33  ? -7.033  21.254  -3.114  1.00 96.74  ? 75  ARG A NH1 1 
ATOM   212  N NH2 . ARG A 1 33  ? -6.184  20.221  -4.986  1.00 104.08 ? 75  ARG A NH2 1 
ATOM   213  N N   . ASP A 1 34  ? -9.175  15.009  0.199   1.00 60.17  ? 76  ASP A N   1 
ATOM   214  C CA  . ASP A 1 34  ? -9.476  14.816  1.597   1.00 61.03  ? 76  ASP A CA  1 
ATOM   215  C C   . ASP A 1 34  ? -9.330  13.353  1.979   1.00 57.31  ? 76  ASP A C   1 
ATOM   216  O O   . ASP A 1 34  ? -8.849  13.027  3.043   1.00 54.79  ? 76  ASP A O   1 
ATOM   217  C CB  . ASP A 1 34  ? -10.913 15.254  1.871   1.00 67.04  ? 76  ASP A CB  1 
ATOM   218  C CG  . ASP A 1 34  ? -11.355 14.932  3.288   1.00 76.73  ? 76  ASP A CG  1 
ATOM   219  O OD1 . ASP A 1 34  ? -10.530 15.167  4.234   1.00 78.07  ? 76  ASP A OD1 1 
ATOM   220  O OD2 . ASP A 1 34  ? -12.515 14.449  3.439   1.00 73.16  ? 76  ASP A OD2 1 
ATOM   221  N N   . ILE A 1 35  ? -9.803  12.471  1.119   1.00 53.17  ? 77  ILE A N   1 
ATOM   222  C CA  . ILE A 1 35  ? -9.654  11.055  1.362   1.00 50.98  ? 77  ILE A CA  1 
ATOM   223  C C   . ILE A 1 35  ? -8.186  10.728  1.549   1.00 52.10  ? 77  ILE A C   1 
ATOM   224  O O   . ILE A 1 35  ? -7.824  9.944   2.427   1.00 52.03  ? 77  ILE A O   1 
ATOM   225  C CB  . ILE A 1 35  ? -10.220 10.245  0.194   1.00 52.95  ? 77  ILE A CB  1 
ATOM   226  C CG1 . ILE A 1 35  ? -11.733 10.493  0.063   1.00 51.68  ? 77  ILE A CG1 1 
ATOM   227  C CG2 . ILE A 1 35  ? -10.001 8.773   0.439   1.00 53.43  ? 77  ILE A CG2 1 
ATOM   228  C CD1 . ILE A 1 35  ? -12.371 9.971   -1.190  1.00 49.71  ? 77  ILE A CD1 1 
ATOM   229  N N   . HIS A 1 36  ? -7.345  11.366  0.741   1.00 54.71  ? 78  HIS A N   1 
ATOM   230  C CA  . HIS A 1 36  ? -5.890  11.168  0.801   1.00 59.53  ? 78  HIS A CA  1 
ATOM   231  C C   . HIS A 1 36  ? -5.305  11.671  2.114   1.00 61.68  ? 78  HIS A C   1 
ATOM   232  O O   . HIS A 1 36  ? -4.560  10.950  2.775   1.00 59.02  ? 78  HIS A O   1 
ATOM   233  C CB  . HIS A 1 36  ? -5.226  11.912  -0.366  1.00 66.62  ? 78  HIS A CB  1 
ATOM   234  C CG  . HIS A 1 36  ? -3.745  11.711  -0.472  1.00 66.39  ? 78  HIS A CG  1 
ATOM   235  N ND1 . HIS A 1 36  ? -3.191  10.686  -1.205  1.00 72.02  ? 78  HIS A ND1 1 
ATOM   236  C CD2 . HIS A 1 36  ? -2.709  12.423  0.020   1.00 66.28  ? 78  HIS A CD2 1 
ATOM   237  C CE1 . HIS A 1 36  ? -1.876  10.754  -1.137  1.00 69.56  ? 78  HIS A CE1 1 
ATOM   238  N NE2 . HIS A 1 36  ? -1.559  11.797  -0.395  1.00 70.06  ? 78  HIS A NE2 1 
ATOM   239  N N   . ALA A 1 37  ? -5.637  12.916  2.471   1.00 62.71  ? 79  ALA A N   1 
ATOM   240  C CA  . ALA A 1 37  ? -5.217  13.524  3.742   1.00 54.70  ? 79  ALA A CA  1 
ATOM   241  C C   . ALA A 1 37  ? -5.596  12.636  4.893   1.00 51.93  ? 79  ALA A C   1 
ATOM   242  O O   . ALA A 1 37  ? -4.794  12.412  5.803   1.00 47.56  ? 79  ALA A O   1 
ATOM   243  C CB  . ALA A 1 37  ? -5.885  14.872  3.927   1.00 58.66  ? 79  ALA A CB  1 
ATOM   244  N N   . THR A 1 38  ? -6.841  12.160  4.841   1.00 53.23  ? 80  THR A N   1 
ATOM   245  C CA  . THR A 1 38  ? -7.405  11.296  5.877   1.00 55.76  ? 80  THR A CA  1 
ATOM   246  C C   . THR A 1 38  ? -6.510  10.073  6.104   1.00 58.74  ? 80  THR A C   1 
ATOM   247  O O   . THR A 1 38  ? -6.127  9.770   7.270   1.00 52.47  ? 80  THR A O   1 
ATOM   248  C CB  . THR A 1 38  ? -8.828  10.845  5.507   1.00 56.43  ? 80  THR A CB  1 
ATOM   249  O OG1 . THR A 1 38  ? -9.631  11.991  5.153   1.00 51.54  ? 80  THR A OG1 1 
ATOM   250  C CG2 . THR A 1 38  ? -9.458  10.084  6.669   1.00 56.27  ? 80  THR A CG2 1 
ATOM   251  N N   . SER A 1 39  ? -6.153  9.408   4.985   1.00 55.99  ? 81  SER A N   1 
ATOM   252  C CA  . SER A 1 39  ? -5.345  8.179   5.044   1.00 53.77  ? 81  SER A CA  1 
ATOM   253  C C   . SER A 1 39  ? -3.994  8.438   5.682   1.00 53.14  ? 81  SER A C   1 
ATOM   254  O O   . SER A 1 39  ? -3.585  7.682   6.577   1.00 50.05  ? 81  SER A O   1 
ATOM   255  C CB  . SER A 1 39  ? -5.193  7.506   3.671   1.00 47.10  ? 81  SER A CB  1 
ATOM   256  O OG  . SER A 1 39  ? -4.442  8.278   2.805   1.00 45.54  ? 81  SER A OG  1 
ATOM   257  N N   . ILE A 1 40  ? -3.344  9.524   5.259   1.00 50.23  ? 82  ILE A N   1 
ATOM   258  C CA  . ILE A 1 40  ? -2.060  9.912   5.822   1.00 55.44  ? 82  ILE A CA  1 
ATOM   259  C C   . ILE A 1 40  ? -2.148  10.411  7.255   1.00 59.30  ? 82  ILE A C   1 
ATOM   260  O O   . ILE A 1 40  ? -1.217  10.194  8.029   1.00 62.09  ? 82  ILE A O   1 
ATOM   261  C CB  . ILE A 1 40  ? -1.336  10.925  4.951   1.00 62.36  ? 82  ILE A CB  1 
ATOM   262  C CG1 . ILE A 1 40  ? -0.844  10.191  3.676   1.00 68.38  ? 82  ILE A CG1 1 
ATOM   263  C CG2 . ILE A 1 40  ? -0.195  11.585  5.739   1.00 65.85  ? 82  ILE A CG2 1 
ATOM   264  C CD1 . ILE A 1 40  ? -0.031  11.020  2.699   1.00 74.56  ? 82  ILE A CD1 1 
ATOM   265  N N   . ARG A 1 41  ? -3.264  11.033  7.626   1.00 64.58  ? 83  ARG A N   1 
ATOM   266  C CA  . ARG A 1 41  ? -3.499  11.389  9.019   1.00 63.00  ? 83  ARG A CA  1 
ATOM   267  C C   . ARG A 1 41  ? -3.488  10.156  9.902   1.00 61.64  ? 83  ARG A C   1 
ATOM   268  O O   . ARG A 1 41  ? -3.133  10.242  11.077  1.00 66.04  ? 83  ARG A O   1 
ATOM   269  C CB  . ARG A 1 41  ? -4.817  12.136  9.172   1.00 72.05  ? 83  ARG A CB  1 
ATOM   270  C CG  . ARG A 1 41  ? -5.075  12.661  10.582  1.00 81.82  ? 83  ARG A CG  1 
ATOM   271  C CD  . ARG A 1 41  ? -6.210  13.683  10.614  1.00 90.19  ? 83  ARG A CD  1 
ATOM   272  N NE  . ARG A 1 41  ? -6.270  14.474  9.371   1.00 98.12  ? 83  ARG A NE  1 
ATOM   273  C CZ  . ARG A 1 41  ? -7.225  14.382  8.438   1.00 94.14  ? 83  ARG A CZ  1 
ATOM   274  N NH1 . ARG A 1 41  ? -8.258  13.537  8.583   1.00 87.65  ? 83  ARG A NH1 1 
ATOM   275  N NH2 . ARG A 1 41  ? -7.158  15.152  7.351   1.00 90.78  ? 83  ARG A NH2 1 
ATOM   276  N N   . GLU A 1 42  ? -3.845  9.010   9.327   1.00 62.48  ? 84  GLU A N   1 
ATOM   277  C CA  . GLU A 1 42  ? -3.946  7.756   10.089  1.00 68.98  ? 84  GLU A CA  1 
ATOM   278  C C   . GLU A 1 42  ? -2.633  7.023   10.312  1.00 66.57  ? 84  GLU A C   1 
ATOM   279  O O   . GLU A 1 42  ? -2.479  6.263   11.276  1.00 62.77  ? 84  GLU A O   1 
ATOM   280  C CB  . GLU A 1 42  ? -4.908  6.798   9.382   1.00 75.24  ? 84  GLU A CB  1 
ATOM   281  C CG  . GLU A 1 42  ? -6.303  7.376   9.229   1.00 84.77  ? 84  GLU A CG  1 
ATOM   282  C CD  . GLU A 1 42  ? -7.033  7.487   10.555  1.00 90.30  ? 84  GLU A CD  1 
ATOM   283  O OE1 . GLU A 1 42  ? -7.052  6.474   11.304  1.00 93.04  ? 84  GLU A OE1 1 
ATOM   284  O OE2 . GLU A 1 42  ? -7.567  8.590   10.843  1.00 83.66  ? 84  GLU A OE2 1 
ATOM   285  N N   . LEU A 1 43  ? -1.689  7.232   9.410   1.00 66.94  ? 85  LEU A N   1 
ATOM   286  C CA  . LEU A 1 43  ? -0.449  6.453   9.422   1.00 67.35  ? 85  LEU A CA  1 
ATOM   287  C C   . LEU A 1 43  ? 0.547   7.065   10.349  1.00 66.85  ? 85  LEU A C   1 
ATOM   288  O O   . LEU A 1 43  ? 1.329   6.362   10.994  1.00 60.84  ? 85  LEU A O   1 
ATOM   289  C CB  . LEU A 1 43  ? 0.179   6.394   8.016   1.00 62.81  ? 85  LEU A CB  1 
ATOM   290  C CG  . LEU A 1 43  ? -0.592  5.688   6.892   1.00 57.20  ? 85  LEU A CG  1 
ATOM   291  C CD1 . LEU A 1 43  ? 0.240   5.761   5.635   1.00 56.90  ? 85  LEU A CD1 1 
ATOM   292  C CD2 . LEU A 1 43  ? -0.931  4.231   7.224   1.00 54.77  ? 85  LEU A CD2 1 
ATOM   293  N N   . GLU A 1 44  ? 0.514   8.390   10.374  1.00 77.22  ? 86  GLU A N   1 
ATOM   294  C CA  . GLU A 1 44  ? 1.460   9.196   11.132  1.00 82.58  ? 86  GLU A CA  1 
ATOM   295  C C   . GLU A 1 44  ? 0.821   9.190   12.496  1.00 81.48  ? 86  GLU A C   1 
ATOM   296  O O   . GLU A 1 44  ? 0.392   10.211  12.998  1.00 97.48  ? 86  GLU A O   1 
ATOM   297  C CB  . GLU A 1 44  ? 1.502   10.625  10.577  1.00 82.87  ? 86  GLU A CB  1 
ATOM   298  C CG  . GLU A 1 44  ? 0.207   11.395  10.806  1.00 88.29  ? 86  GLU A CG  1 
ATOM   299  C CD  . GLU A 1 44  ? 0.124   12.682  10.023  1.00 91.29  ? 86  GLU A CD  1 
ATOM   300  O OE1 . GLU A 1 44  ? -0.780  13.493  10.333  1.00 94.54  ? 86  GLU A OE1 1 
ATOM   301  O OE2 . GLU A 1 44  ? 0.940   12.885  9.105   1.00 97.11  ? 86  GLU A OE2 1 
ATOM   302  N N   . ASP A 1 45  ? 0.762   8.011   13.103  1.00 91.79  ? 87  ASP A N   1 
ATOM   303  C CA  . ASP A 1 45  ? 0.328   7.866   14.488  1.00 95.62  ? 87  ASP A CA  1 
ATOM   304  C C   . ASP A 1 45  ? 1.634   7.752   15.266  1.00 95.46  ? 87  ASP A C   1 
ATOM   305  O O   . ASP A 1 45  ? 2.090   6.650   15.574  1.00 84.69  ? 87  ASP A O   1 
ATOM   306  C CB  . ASP A 1 45  ? -0.545  6.620   14.648  1.00 99.67  ? 87  ASP A CB  1 
ATOM   307  C CG  . ASP A 1 45  ? -0.950  6.375   16.089  1.00 102.74 ? 87  ASP A CG  1 
ATOM   308  O OD1 . ASP A 1 45  ? -0.804  7.300   16.915  1.00 107.20 ? 87  ASP A OD1 1 
ATOM   309  O OD2 . ASP A 1 45  ? -1.412  5.255   16.395  1.00 101.33 ? 87  ASP A OD2 1 
ATOM   310  N N   . GLY A 1 46  ? 2.230   8.897   15.583  1.00 94.18  ? 88  GLY A N   1 
ATOM   311  C CA  . GLY A 1 46  ? 3.478   8.927   16.323  1.00 97.25  ? 88  GLY A CA  1 
ATOM   312  C C   . GLY A 1 46  ? 4.784   8.301   15.876  1.00 100.41 ? 88  GLY A C   1 
ATOM   313  O O   . GLY A 1 46  ? 5.361   7.474   16.585  1.00 112.97 ? 88  GLY A O   1 
ATOM   314  N N   . LEU A 1 47  ? 5.242   8.682   14.686  1.00 89.60  ? 89  LEU A N   1 
ATOM   315  C CA  . LEU A 1 47  ? 6.419   8.061   14.083  1.00 90.80  ? 89  LEU A CA  1 
ATOM   316  C C   . LEU A 1 47  ? 7.392   9.158   13.652  1.00 90.44  ? 89  LEU A C   1 
ATOM   317  O O   . LEU A 1 47  ? 7.717   9.280   12.470  1.00 93.98  ? 89  LEU A O   1 
ATOM   318  C CB  . LEU A 1 47  ? 6.068   7.164   12.893  1.00 94.44  ? 89  LEU A CB  1 
ATOM   319  C CG  . LEU A 1 47  ? 4.601   7.142   12.458  1.00 91.82  ? 89  LEU A CG  1 
ATOM   320  C CD1 . LEU A 1 47  ? 4.475   7.459   10.975  1.00 88.93  ? 89  LEU A CD1 1 
ATOM   321  C CD2 . LEU A 1 47  ? 3.966   5.798   12.779  1.00 91.82  ? 89  LEU A CD2 1 
ATOM   322  N N   . ALA A 1 48  ? 7.862   9.943   14.615  1.00 98.54  ? 90  ALA A N   1 
ATOM   323  C CA  . ALA A 1 48  ? 8.899   10.943  14.363  1.00 109.69 ? 90  ALA A CA  1 
ATOM   324  C C   . ALA A 1 48  ? 8.869   11.861  13.142  1.00 110.51 ? 90  ALA A C   1 
ATOM   325  O O   . ALA A 1 48  ? 7.843   12.465  12.830  1.00 106.43 ? 90  ALA A O   1 
ATOM   326  C CB  . ALA A 1 48  ? 10.247  10.244  14.476  1.00 105.58 ? 90  ALA A CB  1 
ATOM   327  N N   . PRO A 1 49  ? 10.017  11.999  12.492  1.00 111.28 ? 91  PRO A N   1 
ATOM   328  C CA  . PRO A 1 49  ? 10.122  12.860  11.311  1.00 106.09 ? 91  PRO A CA  1 
ATOM   329  C C   . PRO A 1 49  ? 10.079  12.085  10.003  1.00 109.84 ? 91  PRO A C   1 
ATOM   330  O O   . PRO A 1 49  ? 10.446  12.634  8.964   1.00 112.18 ? 91  PRO A O   1 
ATOM   331  C CB  . PRO A 1 49  ? 11.469  13.555  11.510  1.00 114.18 ? 91  PRO A CB  1 
ATOM   332  C CG  . PRO A 1 49  ? 12.269  12.590  12.315  1.00 116.43 ? 91  PRO A CG  1 
ATOM   333  C CD  . PRO A 1 49  ? 11.289  11.912  13.231  1.00 123.32 ? 91  PRO A CD  1 
ATOM   334  N N   . GLU A 1 50  ? 9.639   10.833  10.048  1.00 107.71 ? 92  GLU A N   1 
ATOM   335  C CA  . GLU A 1 50  ? 9.609   10.046  8.848   1.00 97.26  ? 92  GLU A CA  1 
ATOM   336  C C   . GLU A 1 50  ? 8.311   10.514  8.296   1.00 97.87  ? 92  GLU A C   1 
ATOM   337  O O   . GLU A 1 50  ? 8.016   10.362  7.131   1.00 88.49  ? 92  GLU A O   1 
ATOM   338  C CB  . GLU A 1 50  ? 9.459   8.603   9.169   1.00 96.62  ? 92  GLU A CB  1 
ATOM   339  C CG  . GLU A 1 50  ? 10.502  7.748   8.522   1.00 95.71  ? 92  GLU A CG  1 
ATOM   340  C CD  . GLU A 1 50  ? 10.615  6.431   9.215   1.00 94.48  ? 92  GLU A CD  1 
ATOM   341  O OE1 . GLU A 1 50  ? 9.655   6.000   9.860   1.00 88.11  ? 92  GLU A OE1 1 
ATOM   342  O OE2 . GLU A 1 50  ? 11.669  5.818   9.113   1.00 108.77 ? 92  GLU A OE2 1 
ATOM   343  N N   . LEU A 1 51  ? 7.506   11.096  9.166   1.00 103.94 ? 93  LEU A N   1 
ATOM   344  C CA  . LEU A 1 51  ? 6.347   11.809  8.646   1.00 102.01 ? 93  LEU A CA  1 
ATOM   345  C C   . LEU A 1 51  ? 6.736   12.727  7.493   1.00 108.81 ? 93  LEU A C   1 
ATOM   346  O O   . LEU A 1 51  ? 5.899   13.091  6.666   1.00 110.54 ? 93  LEU A O   1 
ATOM   347  C CB  . LEU A 1 51  ? 5.672   12.617  9.756   1.00 96.07  ? 93  LEU A CB  1 
ATOM   348  C CG  . LEU A 1 51  ? 5.717   12.010  11.160  1.00 87.32  ? 93  LEU A CG  1 
ATOM   349  C CD1 . LEU A 1 51  ? 4.728   12.707  12.080  1.00 77.48  ? 93  LEU A CD1 1 
ATOM   350  C CD2 . LEU A 1 51  ? 5.445   10.514  11.108  1.00 89.10  ? 93  LEU A CD2 1 
ATOM   351  N N   . ARG A 1 52  ? 8.010   13.099  7.443   1.00 105.36 ? 94  ARG A N   1 
ATOM   352  C CA  . ARG A 1 52  ? 8.513   13.975  6.391   1.00 108.62 ? 94  ARG A CA  1 
ATOM   353  C C   . ARG A 1 52  ? 8.336   13.341  5.015   1.00 104.63 ? 94  ARG A C   1 
ATOM   354  O O   . ARG A 1 52  ? 8.278   14.039  4.003   1.00 124.00 ? 94  ARG A O   1 
ATOM   355  C CB  . ARG A 1 52  ? 9.986   14.310  6.631   1.00 123.76 ? 94  ARG A CB  1 
ATOM   356  C CG  . ARG A 1 52  ? 10.461  15.566  5.918   1.00 135.91 ? 94  ARG A CG  1 
ATOM   357  C CD  . ARG A 1 52  ? 11.579  15.255  4.938   1.00 132.66 ? 94  ARG A CD  1 
ATOM   358  N NE  . ARG A 1 52  ? 12.734  14.653  5.598   1.00 141.77 ? 94  ARG A NE  1 
ATOM   359  C CZ  . ARG A 1 52  ? 13.572  13.805  5.012   1.00 151.24 ? 94  ARG A CZ  1 
ATOM   360  N NH1 . ARG A 1 52  ? 13.386  13.454  3.746   1.00 139.79 ? 94  ARG A NH1 1 
ATOM   361  N NH2 . ARG A 1 52  ? 14.597  13.307  5.688   1.00 159.31 ? 94  ARG A NH2 1 
ATOM   362  N N   . GLU A 1 53  ? 8.250   12.015  4.986   1.00 88.45  ? 95  GLU A N   1 
ATOM   363  C CA  . GLU A 1 53  ? 8.079   11.285  3.736   1.00 88.10  ? 95  GLU A CA  1 
ATOM   364  C C   . GLU A 1 53  ? 6.658   11.430  3.204   1.00 86.04  ? 95  GLU A C   1 
ATOM   365  O O   . GLU A 1 53  ? 6.451   11.668  2.014   1.00 83.00  ? 95  GLU A O   1 
ATOM   366  C CB  . GLU A 1 53  ? 8.422   9.807   3.928   1.00 100.08 ? 95  GLU A CB  1 
ATOM   367  C CG  . GLU A 1 53  ? 9.905   9.533   4.119   1.00 105.67 ? 95  GLU A CG  1 
ATOM   368  C CD  . GLU A 1 53  ? 10.246  8.059   4.004   1.00 109.65 ? 95  GLU A CD  1 
ATOM   369  O OE1 . GLU A 1 53  ? 9.329   7.224   4.158   1.00 77.82  ? 95  GLU A OE1 1 
ATOM   370  O OE2 . GLU A 1 53  ? 11.426  7.738   3.762   1.00 122.89 ? 95  GLU A OE2 1 
ATOM   371  N N   . GLU A 1 54  ? 5.681   11.283  4.093   1.00 83.64  ? 96  GLU A N   1 
ATOM   372  C CA  . GLU A 1 54  ? 4.277   11.396  3.715   1.00 88.79  ? 96  GLU A CA  1 
ATOM   373  C C   . GLU A 1 54  ? 3.824   12.852  3.713   1.00 94.55  ? 96  GLU A C   1 
ATOM   374  O O   . GLU A 1 54  ? 3.093   13.285  2.821   1.00 95.14  ? 96  GLU A O   1 
ATOM   375  C CB  . GLU A 1 54  ? 3.399   10.573  4.659   1.00 89.62  ? 96  GLU A CB  1 
ATOM   376  C CG  . GLU A 1 54  ? 4.119   9.408   5.317   1.00 87.32  ? 96  GLU A CG  1 
ATOM   377  C CD  . GLU A 1 54  ? 3.348   8.833   6.489   1.00 91.62  ? 96  GLU A CD  1 
ATOM   378  O OE1 . GLU A 1 54  ? 3.470   9.377   7.606   1.00 103.29 ? 96  GLU A OE1 1 
ATOM   379  O OE2 . GLU A 1 54  ? 2.618   7.839   6.292   1.00 91.65  ? 96  GLU A OE2 1 
ATOM   380  N N   . LEU A 1 55  ? 4.260   13.604  4.718   1.00 111.88 ? 97  LEU A N   1 
ATOM   381  C CA  . LEU A 1 55  ? 3.901   15.013  4.834   1.00 115.41 ? 97  LEU A CA  1 
ATOM   382  C C   . LEU A 1 55  ? 4.659   15.952  3.903   1.00 107.67 ? 97  LEU A C   1 
ATOM   383  O O   . LEU A 1 55  ? 4.380   17.150  3.851   1.00 116.90 ? 97  LEU A O   1 
ATOM   384  C CB  . LEU A 1 55  ? 4.397   15.585  6.163   1.00 124.10 ? 97  LEU A CB  1 
ATOM   385  C CG  . LEU A 1 55  ? 3.462   15.423  7.362   1.00 129.56 ? 97  LEU A CG  1 
ATOM   386  C CD1 . LEU A 1 55  ? 3.428   13.976  7.828   1.00 127.84 ? 97  LEU A CD1 1 
ATOM   387  C CD2 . LEU A 1 55  ? 3.878   16.346  8.498   1.00 123.70 ? 97  LEU A CD2 1 
ATOM   388  N N   . ASP A 1 56  ? 5.619   15.400  3.167   1.00 112.43 ? 98  ASP A N   1 
ATOM   389  C CA  . ASP A 1 56  ? 6.264   16.085  2.054   1.00 129.61 ? 98  ASP A CA  1 
ATOM   390  C C   . ASP A 1 56  ? 5.371   15.792  0.852   1.00 129.71 ? 98  ASP A C   1 
ATOM   391  O O   . ASP A 1 56  ? 5.743   15.028  -0.037  1.00 101.90 ? 98  ASP A O   1 
ATOM   392  C CB  . ASP A 1 56  ? 7.673   15.532  1.829   1.00 130.87 ? 98  ASP A CB  1 
ATOM   393  C CG  . ASP A 1 56  ? 8.429   16.283  0.751   1.00 145.17 ? 98  ASP A CG  1 
ATOM   394  O OD1 . ASP A 1 56  ? 8.371   17.531  0.742   1.00 153.57 ? 98  ASP A OD1 1 
ATOM   395  O OD2 . ASP A 1 56  ? 9.081   15.626  -0.088  1.00 148.41 ? 98  ASP A OD2 1 
ATOM   396  N N   . ARG A 1 57  ? 4.203   16.428  0.831   1.00 141.75 ? 99  ARG A N   1 
ATOM   397  C CA  . ARG A 1 57  ? 3.268   16.304  -0.280  1.00 149.40 ? 99  ARG A CA  1 
ATOM   398  C C   . ARG A 1 57  ? 3.121   14.797  -0.483  1.00 141.10 ? 99  ARG A C   1 
ATOM   399  O O   . ARG A 1 57  ? 2.604   14.095  0.386   1.00 133.87 ? 99  ARG A O   1 
ATOM   400  C CB  . ARG A 1 57  ? 3.811   17.021  -1.520  1.00 151.68 ? 99  ARG A CB  1 
ATOM   401  C CG  . ARG A 1 57  ? 2.864   18.057  -2.104  1.00 153.10 ? 99  ARG A CG  1 
ATOM   402  C CD  . ARG A 1 57  ? 3.486   18.762  -3.297  1.00 159.23 ? 99  ARG A CD  1 
ATOM   403  N NE  . ARG A 1 57  ? 4.934   18.890  -3.164  1.00 158.98 ? 99  ARG A NE  1 
ATOM   404  C CZ  . ARG A 1 57  ? 5.542   19.446  -2.122  1.00 143.07 ? 99  ARG A CZ  1 
ATOM   405  N NH1 . ARG A 1 57  ? 4.828   19.929  -1.114  1.00 146.11 ? 99  ARG A NH1 1 
ATOM   406  N NH2 . ARG A 1 57  ? 6.866   19.520  -2.085  1.00 119.83 ? 99  ARG A NH2 1 
ATOM   407  N N   . LEU A 1 58  ? 3.573   14.306  -1.633  1.00 123.24 ? 100 LEU A N   1 
ATOM   408  C CA  . LEU A 1 58  ? 3.290   12.946  -2.072  1.00 110.42 ? 100 LEU A CA  1 
ATOM   409  C C   . LEU A 1 58  ? 1.795   12.834  -2.346  1.00 106.92 ? 100 LEU A C   1 
ATOM   410  O O   . LEU A 1 58  ? 1.221   11.748  -2.282  1.00 115.03 ? 100 LEU A O   1 
ATOM   411  C CB  . LEU A 1 58  ? 3.616   11.944  -0.964  1.00 102.15 ? 100 LEU A CB  1 
ATOM   412  C CG  . LEU A 1 58  ? 3.876   10.503  -1.408  1.00 98.11  ? 100 LEU A CG  1 
ATOM   413  C CD1 . LEU A 1 58  ? 5.338   10.313  -1.785  1.00 100.90 ? 100 LEU A CD1 1 
ATOM   414  C CD2 . LEU A 1 58  ? 3.468   9.523   -0.318  1.00 92.72  ? 100 LEU A CD2 1 
ATOM   415  N N   . THR A 1 59  ? 1.172   13.968  -2.650  1.00 98.43  ? 101 THR A N   1 
ATOM   416  C CA  . THR A 1 59  ? -0.238  13.998  -3.020  1.00 104.04 ? 101 THR A CA  1 
ATOM   417  C C   . THR A 1 59  ? -0.424  13.725  -4.507  1.00 92.64  ? 101 THR A C   1 
ATOM   418  O O   . THR A 1 59  ? 0.351   14.200  -5.337  1.00 93.52  ? 101 THR A O   1 
ATOM   419  C CB  . THR A 1 59  ? -0.884  15.353  -2.670  1.00 114.26 ? 101 THR A CB  1 
ATOM   420  O OG1 . THR A 1 59  ? -2.182  15.435  -3.273  1.00 96.94  ? 101 THR A OG1 1 
ATOM   421  C CG2 . THR A 1 59  ? -0.021  16.500  -3.175  1.00 111.55 ? 101 THR A CG2 1 
ATOM   422  N N   . LEU A 1 60  ? -1.457  12.957  -4.839  1.00 87.69  ? 102 LEU A N   1 
ATOM   423  C CA  . LEU A 1 60  ? -1.747  12.620  -6.227  1.00 91.27  ? 102 LEU A CA  1 
ATOM   424  C C   . LEU A 1 60  ? -1.933  13.874  -7.073  1.00 96.64  ? 102 LEU A C   1 
ATOM   425  O O   . LEU A 1 60  ? -2.575  14.835  -6.634  1.00 113.64 ? 102 LEU A O   1 
ATOM   426  C CB  . LEU A 1 60  ? -2.993  11.737  -6.315  1.00 89.25  ? 102 LEU A CB  1 
ATOM   427  C CG  . LEU A 1 60  ? -3.875  11.681  -5.065  1.00 82.48  ? 102 LEU A CG  1 
ATOM   428  C CD1 . LEU A 1 60  ? -4.271  13.082  -4.625  1.00 79.01  ? 102 LEU A CD1 1 
ATOM   429  C CD2 . LEU A 1 60  ? -5.107  10.825  -5.314  1.00 85.01  ? 102 LEU A CD2 1 
ATOM   430  N N   . PRO A 1 61  ? -1.274  13.788  -8.215  1.00 96.36  ? 103 PRO A N   1 
ATOM   431  C CA  . PRO A 1 61  ? -1.124  14.790  -9.230  1.00 96.24  ? 103 PRO A CA  1 
ATOM   432  C C   . PRO A 1 61  ? -2.453  14.988  -9.842  1.00 90.80  ? 103 PRO A C   1 
ATOM   433  O O   . PRO A 1 61  ? -2.931  14.092  -10.479 1.00 88.16  ? 103 PRO A O   1 
ATOM   434  C CB  . PRO A 1 61  ? -0.245  14.066  -10.215 1.00 115.05 ? 103 PRO A CB  1 
ATOM   435  C CG  . PRO A 1 61  ? -0.687  12.638  -10.093 1.00 117.66 ? 103 PRO A CG  1 
ATOM   436  C CD  . PRO A 1 61  ? -1.486  12.494  -8.842  1.00 105.58 ? 103 PRO A CD  1 
ATOM   437  N N   . VAL A 1 67  ? -10.669 25.057  -11.405 1.00 103.49 ? 109 VAL A N   1 
ATOM   438  C CA  . VAL A 1 67  ? -11.499 24.045  -12.048 1.00 111.43 ? 109 VAL A CA  1 
ATOM   439  C C   . VAL A 1 67  ? -10.654 23.083  -12.877 1.00 118.64 ? 109 VAL A C   1 
ATOM   440  O O   . VAL A 1 67  ? -10.164 23.439  -13.949 1.00 123.30 ? 109 VAL A O   1 
ATOM   441  C CB  . VAL A 1 67  ? -12.570 24.682  -12.951 1.00 103.49 ? 109 VAL A CB  1 
ATOM   442  C CG1 . VAL A 1 67  ? -13.552 23.627  -13.436 1.00 109.45 ? 109 VAL A CG1 1 
ATOM   443  C CG2 . VAL A 1 67  ? -13.294 25.795  -12.210 1.00 100.74 ? 109 VAL A CG2 1 
ATOM   444  N N   . PRO A 1 68  ? -10.486 21.865  -12.374 1.00 118.72 ? 110 PRO A N   1 
ATOM   445  C CA  . PRO A 1 68  ? -9.696  20.846  -13.071 1.00 123.30 ? 110 PRO A CA  1 
ATOM   446  C C   . PRO A 1 68  ? -10.515 20.121  -14.134 1.00 125.02 ? 110 PRO A C   1 
ATOM   447  O O   . PRO A 1 68  ? -11.744 20.166  -14.101 1.00 119.30 ? 110 PRO A O   1 
ATOM   448  C CB  . PRO A 1 68  ? -9.317  19.876  -11.950 1.00 120.33 ? 110 PRO A CB  1 
ATOM   449  C CG  . PRO A 1 68  ? -10.416 20.014  -10.954 1.00 114.50 ? 110 PRO A CG  1 
ATOM   450  C CD  . PRO A 1 68  ? -10.834 21.457  -11.002 1.00 117.54 ? 110 PRO A CD  1 
ATOM   451  N N   . SER A 1 69  ? -9.834  19.462  -15.066 1.00 116.20 ? 111 SER A N   1 
ATOM   452  C CA  . SER A 1 69  ? -10.506 18.731  -16.133 1.00 109.87 ? 111 SER A CA  1 
ATOM   453  C C   . SER A 1 69  ? -11.237 17.508  -15.589 1.00 111.01 ? 111 SER A C   1 
ATOM   454  O O   . SER A 1 69  ? -11.231 17.255  -14.384 1.00 107.69 ? 111 SER A O   1 
ATOM   455  C CB  . SER A 1 69  ? -9.502  18.309  -17.208 1.00 104.54 ? 111 SER A CB  1 
ATOM   456  O OG  . SER A 1 69  ? -8.171  18.460  -16.751 1.00 99.11  ? 111 SER A OG  1 
ATOM   457  N N   . ASP A 1 70  ? -11.863 16.752  -16.485 1.00 110.43 ? 112 ASP A N   1 
ATOM   458  C CA  . ASP A 1 70  ? -12.596 15.553  -16.098 1.00 112.36 ? 112 ASP A CA  1 
ATOM   459  C C   . ASP A 1 70  ? -11.688 14.328  -16.111 1.00 115.70 ? 112 ASP A C   1 
ATOM   460  O O   . ASP A 1 70  ? -11.662 13.552  -15.154 1.00 116.43 ? 112 ASP A O   1 
ATOM   461  C CB  . ASP A 1 70  ? -13.790 15.331  -17.028 1.00 130.07 ? 112 ASP A CB  1 
ATOM   462  C CG  . ASP A 1 70  ? -14.739 14.265  -16.515 1.00 135.85 ? 112 ASP A CG  1 
ATOM   463  O OD1 . ASP A 1 70  ? -14.694 13.962  -15.303 1.00 139.66 ? 112 ASP A OD1 1 
ATOM   464  O OD2 . ASP A 1 70  ? -15.527 13.730  -17.321 1.00 137.36 ? 112 ASP A OD2 1 
ATOM   465  N N   . ALA A 1 71  ? -10.943 14.160  -17.199 1.00 115.90 ? 113 ALA A N   1 
ATOM   466  C CA  . ALA A 1 71  ? -10.029 13.033  -17.334 1.00 114.25 ? 113 ALA A CA  1 
ATOM   467  C C   . ALA A 1 71  ? -8.971  13.050  -16.235 1.00 98.56  ? 113 ALA A C   1 
ATOM   468  O O   . ALA A 1 71  ? -8.602  12.004  -15.700 1.00 101.08 ? 113 ALA A O   1 
ATOM   469  C CB  . ALA A 1 71  ? -9.371  13.045  -18.706 1.00 117.46 ? 113 ALA A CB  1 
ATOM   470  N N   . GLU A 1 72  ? -8.489  14.243  -15.903 1.00 89.37  ? 114 GLU A N   1 
ATOM   471  C CA  . GLU A 1 72  ? -7.479  14.399  -14.865 1.00 95.01  ? 114 GLU A CA  1 
ATOM   472  C C   . GLU A 1 72  ? -7.947  13.789  -13.547 1.00 94.44  ? 114 GLU A C   1 
ATOM   473  O O   . GLU A 1 72  ? -7.149  13.241  -12.788 1.00 86.93  ? 114 GLU A O   1 
ATOM   474  C CB  . GLU A 1 72  ? -7.134  15.876  -14.668 1.00 96.32  ? 114 GLU A CB  1 
ATOM   475  C CG  . GLU A 1 72  ? -6.102  16.135  -13.583 1.00 101.18 ? 114 GLU A CG  1 
ATOM   476  C CD  . GLU A 1 72  ? -6.295  17.475  -12.902 1.00 112.03 ? 114 GLU A CD  1 
ATOM   477  O OE1 . GLU A 1 72  ? -7.037  18.319  -13.447 1.00 121.05 ? 114 GLU A OE1 1 
ATOM   478  O OE2 . GLU A 1 72  ? -5.706  17.685  -11.822 1.00 114.63 ? 114 GLU A OE2 1 
ATOM   479  N N   . LEU A 1 73  ? -9.247  13.889  -13.286 1.00 90.81  ? 115 LEU A N   1 
ATOM   480  C CA  . LEU A 1 73  ? -9.825  13.344  -12.064 1.00 89.88  ? 115 LEU A CA  1 
ATOM   481  C C   . LEU A 1 73  ? -9.734  11.822  -12.047 1.00 87.80  ? 115 LEU A C   1 
ATOM   482  O O   . LEU A 1 73  ? -9.306  11.227  -11.057 1.00 86.95  ? 115 LEU A O   1 
ATOM   483  C CB  . LEU A 1 73  ? -11.281 13.787  -11.917 1.00 97.91  ? 115 LEU A CB  1 
ATOM   484  C CG  . LEU A 1 73  ? -11.572 14.809  -10.817 1.00 100.53 ? 115 LEU A CG  1 
ATOM   485  C CD1 . LEU A 1 73  ? -10.456 15.839  -10.731 1.00 104.65 ? 115 LEU A CD1 1 
ATOM   486  C CD2 . LEU A 1 73  ? -12.913 15.486  -11.052 1.00 104.11 ? 115 LEU A CD2 1 
ATOM   487  N N   . ARG A 1 74  ? -10.143 11.197  -13.147 1.00 82.45  ? 116 ARG A N   1 
ATOM   488  C CA  . ARG A 1 74  ? -10.104 9.744   -13.261 1.00 84.72  ? 116 ARG A CA  1 
ATOM   489  C C   . ARG A 1 74  ? -8.706  9.209   -12.969 1.00 73.60  ? 116 ARG A C   1 
ATOM   490  O O   . ARG A 1 74  ? -8.545  8.236   -12.231 1.00 64.82  ? 116 ARG A O   1 
ATOM   491  C CB  . ARG A 1 74  ? -10.557 9.304   -14.654 1.00 100.58 ? 116 ARG A CB  1 
ATOM   492  C CG  . ARG A 1 74  ? -11.065 7.873   -14.718 1.00 115.24 ? 116 ARG A CG  1 
ATOM   493  C CD  . ARG A 1 74  ? -11.930 7.647   -15.946 1.00 123.65 ? 116 ARG A CD  1 
ATOM   494  N NE  . ARG A 1 74  ? -12.668 8.850   -16.324 1.00 137.66 ? 116 ARG A NE  1 
ATOM   495  C CZ  . ARG A 1 74  ? -13.224 9.042   -17.516 1.00 136.29 ? 116 ARG A CZ  1 
ATOM   496  N NH1 . ARG A 1 74  ? -13.129 8.109   -18.453 1.00 143.02 ? 116 ARG A NH1 1 
ATOM   497  N NH2 . ARG A 1 74  ? -13.878 10.167  -17.771 1.00 126.21 ? 116 ARG A NH2 1 
ATOM   498  N N   . ILE A 1 75  ? -7.699  9.849   -13.553 1.00 68.85  ? 117 ILE A N   1 
ATOM   499  C CA  . ILE A 1 75  ? -6.313  9.442   -13.352 1.00 72.89  ? 117 ILE A CA  1 
ATOM   500  C C   . ILE A 1 75  ? -5.919  9.549   -11.883 1.00 78.83  ? 117 ILE A C   1 
ATOM   501  O O   . ILE A 1 75  ? -5.276  8.654   -11.336 1.00 72.41  ? 117 ILE A O   1 
ATOM   502  C CB  . ILE A 1 75  ? -5.347  10.293  -14.197 1.00 78.24  ? 117 ILE A CB  1 
ATOM   503  C CG1 . ILE A 1 75  ? -5.677  10.155  -15.685 1.00 80.87  ? 117 ILE A CG1 1 
ATOM   504  C CG2 . ILE A 1 75  ? -3.906  9.888   -13.926 1.00 82.80  ? 117 ILE A CG2 1 
ATOM   505  C CD1 . ILE A 1 75  ? -4.578  10.645  -16.601 1.00 79.80  ? 117 ILE A CD1 1 
ATOM   506  N N   . ALA A 1 76  ? -6.310  10.651  -11.250 1.00 77.43  ? 118 ALA A N   1 
ATOM   507  C CA  . ALA A 1 76  ? -6.004  10.874  -9.841  1.00 71.88  ? 118 ALA A CA  1 
ATOM   508  C C   . ALA A 1 76  ? -6.715  9.855   -8.959  1.00 65.97  ? 118 ALA A C   1 
ATOM   509  O O   . ALA A 1 76  ? -6.145  9.352   -7.992  1.00 58.58  ? 118 ALA A O   1 
ATOM   510  C CB  . ALA A 1 76  ? -6.383  12.290  -9.435  1.00 74.16  ? 118 ALA A CB  1 
ATOM   511  N N   . GLN A 1 77  ? -7.966  9.556   -9.298  1.00 59.83  ? 119 GLN A N   1 
ATOM   512  C CA  . GLN A 1 77  ? -8.755  8.592   -8.541  1.00 59.12  ? 119 GLN A CA  1 
ATOM   513  C C   . GLN A 1 77  ? -8.113  7.210   -8.577  1.00 57.53  ? 119 GLN A C   1 
ATOM   514  O O   . GLN A 1 77  ? -8.038  6.524   -7.557  1.00 59.83  ? 119 GLN A O   1 
ATOM   515  C CB  . GLN A 1 77  ? -10.182 8.524   -9.086  1.00 70.03  ? 119 GLN A CB  1 
ATOM   516  C CG  . GLN A 1 77  ? -11.106 7.614   -8.294  1.00 76.28  ? 119 GLN A CG  1 
ATOM   517  C CD  . GLN A 1 77  ? -12.114 6.900   -9.172  1.00 86.58  ? 119 GLN A CD  1 
ATOM   518  O OE1 . GLN A 1 77  ? -13.273 7.306   -9.264  1.00 77.59  ? 119 GLN A OE1 1 
ATOM   519  N NE2 . GLN A 1 77  ? -11.679 5.828   -9.824  1.00 101.86 ? 119 GLN A NE2 1 
ATOM   520  N N   . ALA A 1 78  ? -7.653  6.807   -9.756  1.00 60.02  ? 120 ALA A N   1 
ATOM   521  C CA  . ALA A 1 78  ? -7.012  5.509   -9.925  1.00 52.91  ? 120 ALA A CA  1 
ATOM   522  C C   . ALA A 1 78  ? -5.790  5.380   -9.023  1.00 48.12  ? 120 ALA A C   1 
ATOM   523  O O   . ALA A 1 78  ? -5.556  4.331   -8.422  1.00 48.50  ? 120 ALA A O   1 
ATOM   524  C CB  . ALA A 1 78  ? -6.625  5.293   -11.380 1.00 57.56  ? 120 ALA A CB  1 
ATOM   525  N N   . GLN A 1 79  ? -5.012  6.454   -8.932  1.00 47.66  ? 121 GLN A N   1 
ATOM   526  C CA  . GLN A 1 79  ? -3.817  6.466   -8.099  1.00 49.61  ? 121 GLN A CA  1 
ATOM   527  C C   . GLN A 1 79  ? -4.182  6.301   -6.628  1.00 52.53  ? 121 GLN A C   1 
ATOM   528  O O   . GLN A 1 79  ? -3.464  5.649   -5.869  1.00 53.79  ? 121 GLN A O   1 
ATOM   529  C CB  . GLN A 1 79  ? -3.033  7.764   -8.304  1.00 51.71  ? 121 GLN A CB  1 
ATOM   530  C CG  . GLN A 1 79  ? -1.998  8.042   -7.226  1.00 62.43  ? 121 GLN A CG  1 
ATOM   531  C CD  . GLN A 1 79  ? -0.801  8.809   -7.751  1.00 63.38  ? 121 GLN A CD  1 
ATOM   532  O OE1 . GLN A 1 79  ? -0.366  8.604   -8.885  1.00 75.01  ? 121 GLN A OE1 1 
ATOM   533  N NE2 . GLN A 1 79  ? -0.263  9.702   -6.928  1.00 64.53  ? 121 GLN A NE2 1 
ATOM   534  N N   . LEU A 1 80  ? -5.303  6.895   -6.231  1.00 50.07  ? 122 LEU A N   1 
ATOM   535  C CA  . LEU A 1 80  ? -5.775  6.802   -4.855  1.00 48.49  ? 122 LEU A CA  1 
ATOM   536  C C   . LEU A 1 80  ? -6.125  5.361   -4.500  1.00 50.22  ? 122 LEU A C   1 
ATOM   537  O O   . LEU A 1 80  ? -5.797  4.882   -3.414  1.00 55.50  ? 122 LEU A O   1 
ATOM   538  C CB  . LEU A 1 80  ? -6.990  7.706   -4.644  1.00 46.07  ? 122 LEU A CB  1 
ATOM   539  C CG  . LEU A 1 80  ? -7.360  8.014   -3.191  1.00 47.24  ? 122 LEU A CG  1 
ATOM   540  C CD1 . LEU A 1 80  ? -6.115  8.334   -2.376  1.00 46.96  ? 122 LEU A CD1 1 
ATOM   541  C CD2 . LEU A 1 80  ? -8.359  9.159   -3.121  1.00 50.88  ? 122 LEU A CD2 1 
ATOM   542  N N   . VAL A 1 81  ? -6.791  4.675   -5.423  1.00 48.50  ? 123 VAL A N   1 
ATOM   543  C CA  . VAL A 1 81  ? -7.172  3.284   -5.215  1.00 50.99  ? 123 VAL A CA  1 
ATOM   544  C C   . VAL A 1 81  ? -5.946  2.427   -4.918  1.00 49.34  ? 123 VAL A C   1 
ATOM   545  O O   . VAL A 1 81  ? -5.977  1.561   -4.043  1.00 50.85  ? 123 VAL A O   1 
ATOM   546  C CB  . VAL A 1 81  ? -7.904  2.709   -6.442  1.00 56.13  ? 123 VAL A CB  1 
ATOM   547  C CG1 . VAL A 1 81  ? -8.368  1.287   -6.163  1.00 58.06  ? 123 VAL A CG1 1 
ATOM   548  C CG2 . VAL A 1 81  ? -9.079  3.597   -6.820  1.00 57.66  ? 123 VAL A CG2 1 
ATOM   549  N N   . GLY A 1 82  ? -4.866  2.675   -5.651  1.00 50.31  ? 124 GLY A N   1 
ATOM   550  C CA  . GLY A 1 82  ? -3.627  1.946   -5.457  1.00 49.77  ? 124 GLY A CA  1 
ATOM   551  C C   . GLY A 1 82  ? -2.980  2.270   -4.126  1.00 47.11  ? 124 GLY A C   1 
ATOM   552  O O   . GLY A 1 82  ? -2.464  1.385   -3.444  1.00 42.94  ? 124 GLY A O   1 
ATOM   553  N N   . TRP A 1 83  ? -3.013  3.546   -3.753  1.00 48.17  ? 125 TRP A N   1 
ATOM   554  C CA  . TRP A 1 83  ? -2.447  3.987   -2.495  1.00 42.50  ? 125 TRP A CA  1 
ATOM   555  C C   . TRP A 1 83  ? -3.174  3.369   -1.339  1.00 42.51  ? 125 TRP A C   1 
ATOM   556  O O   . TRP A 1 83  ? -2.548  2.839   -0.396  1.00 37.65  ? 125 TRP A O   1 
ATOM   557  C CB  . TRP A 1 83  ? -2.493  5.506   -2.391  1.00 38.40  ? 125 TRP A CB  1 
ATOM   558  C CG  . TRP A 1 83  ? -2.171  6.029   -1.010  1.00 41.01  ? 125 TRP A CG  1 
ATOM   559  C CD1 . TRP A 1 83  ? -3.048  6.593   -0.089  1.00 45.70  ? 125 TRP A CD1 1 
ATOM   560  C CD2 . TRP A 1 83  ? -0.857  6.051   -0.348  1.00 41.05  ? 125 TRP A CD2 1 
ATOM   561  N NE1 . TRP A 1 83  ? -2.389  6.950   1.059   1.00 44.73  ? 125 TRP A NE1 1 
ATOM   562  C CE2 . TRP A 1 83  ? -1.075  6.652   0.970   1.00 44.02  ? 125 TRP A CE2 1 
ATOM   563  C CE3 . TRP A 1 83  ? 0.422   5.648   -0.702  1.00 42.59  ? 125 TRP A CE3 1 
ATOM   564  C CZ2 . TRP A 1 83  ? -0.041  6.832   1.873   1.00 42.12  ? 125 TRP A CZ2 1 
ATOM   565  C CZ3 . TRP A 1 83  ? 1.455   5.836   0.219   1.00 43.58  ? 125 TRP A CZ3 1 
ATOM   566  C CH2 . TRP A 1 83  ? 1.227   6.413   1.474   1.00 42.32  ? 125 TRP A CH2 1 
ATOM   567  N N   . LEU A 1 84  ? -4.502  3.422   -1.385  1.00 40.88  ? 126 LEU A N   1 
ATOM   568  C CA  . LEU A 1 84  ? -5.328  2.841   -0.335  1.00 40.18  ? 126 LEU A CA  1 
ATOM   569  C C   . LEU A 1 84  ? -5.197  1.323   -0.321  1.00 41.96  ? 126 LEU A C   1 
ATOM   570  O O   . LEU A 1 84  ? -5.132  0.705   0.741   1.00 46.20  ? 126 LEU A O   1 
ATOM   571  C CB  . LEU A 1 84  ? -6.794  3.241   -0.523  1.00 38.54  ? 126 LEU A CB  1 
ATOM   572  C CG  . LEU A 1 84  ? -7.125  4.720   -0.318  1.00 38.57  ? 126 LEU A CG  1 
ATOM   573  C CD1 . LEU A 1 84  ? -8.555  5.015   -0.741  1.00 42.37  ? 126 LEU A CD1 1 
ATOM   574  C CD2 . LEU A 1 84  ? -6.895  5.126   1.131   1.00 37.35  ? 126 LEU A CD2 1 
ATOM   575  N N   . GLU A 1 85  ? -5.156  0.727   -1.508  1.00 40.59  ? 127 GLU A N   1 
ATOM   576  C CA  . GLU A 1 85  ? -5.015  -0.717  -1.637  1.00 43.29  ? 127 GLU A CA  1 
ATOM   577  C C   . GLU A 1 85  ? -3.610  -1.161  -1.241  1.00 40.58  ? 127 GLU A C   1 
ATOM   578  O O   . GLU A 1 85  ? -3.434  -2.189  -0.590  1.00 43.32  ? 127 GLU A O   1 
ATOM   579  C CB  . GLU A 1 85  ? -5.323  -1.162  -3.067  1.00 52.45  ? 127 GLU A CB  1 
ATOM   580  C CG  . GLU A 1 85  ? -6.792  -1.060  -3.445  1.00 61.91  ? 127 GLU A CG  1 
ATOM   581  C CD  . GLU A 1 85  ? -7.506  -2.395  -3.373  1.00 84.70  ? 127 GLU A CD  1 
ATOM   582  O OE1 . GLU A 1 85  ? -7.088  -3.252  -2.567  1.00 89.08  ? 127 GLU A OE1 1 
ATOM   583  O OE2 . GLU A 1 85  ? -8.487  -2.588  -4.122  1.00 112.56 ? 127 GLU A OE2 1 
ATOM   584  N N   . GLY A 1 86  ? -2.615  -0.375  -1.639  1.00 40.52  ? 128 GLY A N   1 
ATOM   585  C CA  . GLY A 1 86  ? -1.232  -0.673  -1.315  1.00 35.79  ? 128 GLY A CA  1 
ATOM   586  C C   . GLY A 1 86  ? -0.993  -0.703  0.180   1.00 37.18  ? 128 GLY A C   1 
ATOM   587  O O   . GLY A 1 86  ? -0.340  -1.610  0.697   1.00 38.98  ? 128 GLY A O   1 
ATOM   588  N N   . LEU A 1 87  ? -1.528  0.292   0.880   1.00 38.14  ? 129 LEU A N   1 
ATOM   589  C CA  . LEU A 1 87  ? -1.387  0.373   2.328   1.00 41.07  ? 129 LEU A CA  1 
ATOM   590  C C   . LEU A 1 87  ? -2.035  -0.832  3.001   1.00 39.66  ? 129 LEU A C   1 
ATOM   591  O O   . LEU A 1 87  ? -1.513  -1.363  3.982   1.00 35.90  ? 129 LEU A O   1 
ATOM   592  C CB  . LEU A 1 87  ? -2.007  1.667   2.857   1.00 46.15  ? 129 LEU A CB  1 
ATOM   593  C CG  . LEU A 1 87  ? -1.356  2.971   2.389   1.00 48.39  ? 129 LEU A CG  1 
ATOM   594  C CD1 . LEU A 1 87  ? -2.308  4.143   2.569   1.00 46.75  ? 129 LEU A CD1 1 
ATOM   595  C CD2 . LEU A 1 87  ? -0.050  3.216   3.130   1.00 47.65  ? 129 LEU A CD2 1 
ATOM   596  N N   . PHE A 1 88  ? -3.174  -1.259  2.467   1.00 38.53  ? 130 PHE A N   1 
ATOM   597  C CA  . PHE A 1 88  ? -3.887  -2.410  3.003   1.00 39.41  ? 130 PHE A CA  1 
ATOM   598  C C   . PHE A 1 88  ? -3.083  -3.684  2.888   1.00 38.59  ? 130 PHE A C   1 
ATOM   599  O O   . PHE A 1 88  ? -2.831  -4.365  3.874   1.00 35.18  ? 130 PHE A O   1 
ATOM   600  C CB  . PHE A 1 88  ? -5.172  -2.646  2.258   1.00 43.77  ? 130 PHE A CB  1 
ATOM   601  C CG  . PHE A 1 88  ? -6.058  -3.633  2.939   1.00 48.33  ? 130 PHE A CG  1 
ATOM   602  C CD1 . PHE A 1 88  ? -6.940  -3.206  3.931   1.00 59.26  ? 130 PHE A CD1 1 
ATOM   603  C CD2 . PHE A 1 88  ? -5.987  -4.972  2.646   1.00 49.63  ? 130 PHE A CD2 1 
ATOM   604  C CE1 . PHE A 1 88  ? -7.756  -4.104  4.597   1.00 56.74  ? 130 PHE A CE1 1 
ATOM   605  C CE2 . PHE A 1 88  ? -6.779  -5.872  3.321   1.00 50.12  ? 130 PHE A CE2 1 
ATOM   606  C CZ  . PHE A 1 88  ? -7.668  -5.438  4.292   1.00 53.12  ? 130 PHE A CZ  1 
ATOM   607  N N   . HIS A 1 89  ? -2.673  -4.007  1.672   1.00 38.64  ? 131 HIS A N   1 
ATOM   608  C CA  . HIS A 1 89  ? -1.907  -5.225  1.483   1.00 43.82  ? 131 HIS A CA  1 
ATOM   609  C C   . HIS A 1 89  ? -0.479  -5.135  2.013   1.00 41.09  ? 131 HIS A C   1 
ATOM   610  O O   . HIS A 1 89  ? 0.063   -6.156  2.435   1.00 43.66  ? 131 HIS A O   1 
ATOM   611  C CB  . HIS A 1 89  ? -1.941  -5.654  0.016   1.00 51.91  ? 131 HIS A CB  1 
ATOM   612  C CG  . HIS A 1 89  ? -3.292  -6.154  -0.411  1.00 63.44  ? 131 HIS A CG  1 
ATOM   613  N ND1 . HIS A 1 89  ? -4.350  -5.308  -0.668  1.00 66.43  ? 131 HIS A ND1 1 
ATOM   614  C CD2 . HIS A 1 89  ? -3.775  -7.415  -0.549  1.00 70.55  ? 131 HIS A CD2 1 
ATOM   615  C CE1 . HIS A 1 89  ? -5.416  -6.024  -0.983  1.00 71.87  ? 131 HIS A CE1 1 
ATOM   616  N NE2 . HIS A 1 89  ? -5.095  -7.304  -0.916  1.00 73.35  ? 131 HIS A NE2 1 
ATOM   617  N N   . GLY A 1 90  ? 0.131   -3.944  2.008   1.00 36.85  ? 132 GLY A N   1 
ATOM   618  C CA  . GLY A 1 90  ? 1.483   -3.747  2.609   1.00 33.99  ? 132 GLY A CA  1 
ATOM   619  C C   . GLY A 1 90  ? 1.454   -4.142  4.083   1.00 34.60  ? 132 GLY A C   1 
ATOM   620  O O   . GLY A 1 90  ? 2.270   -4.923  4.555   1.00 31.71  ? 132 GLY A O   1 
ATOM   621  N N   . ILE A 1 91  ? 0.472   -3.628  4.809   1.00 37.53  ? 133 ILE A N   1 
ATOM   622  C CA  . ILE A 1 91  ? 0.266   -4.045  6.195   1.00 41.49  ? 133 ILE A CA  1 
ATOM   623  C C   . ILE A 1 91  ? 0.058   -5.547  6.275   1.00 41.27  ? 133 ILE A C   1 
ATOM   624  O O   . ILE A 1 91  ? 0.667   -6.216  7.108   1.00 40.25  ? 133 ILE A O   1 
ATOM   625  C CB  . ILE A 1 91  ? -0.989  -3.370  6.821   1.00 42.94  ? 133 ILE A CB  1 
ATOM   626  C CG1 . ILE A 1 91  ? -0.718  -1.875  7.122   1.00 43.45  ? 133 ILE A CG1 1 
ATOM   627  C CG2 . ILE A 1 91  ? -1.433  -4.132  8.074   1.00 39.38  ? 133 ILE A CG2 1 
ATOM   628  C CD1 . ILE A 1 91  ? -1.956  -0.989  7.091   1.00 41.54  ? 133 ILE A CD1 1 
ATOM   629  N N   . GLN A 1 92  ? -0.851  -6.043  5.440   1.00 39.87  ? 134 GLN A N   1 
ATOM   630  C CA  . GLN A 1 92  ? -1.226  -7.435  5.499   1.00 42.76  ? 134 GLN A CA  1 
ATOM   631  C C   . GLN A 1 92  ? -0.034  -8.354  5.349   1.00 44.85  ? 134 GLN A C   1 
ATOM   632  O O   . GLN A 1 92  ? 0.122   -9.322  6.092   1.00 48.13  ? 134 GLN A O   1 
ATOM   633  C CB  . GLN A 1 92  ? -2.207  -7.756  4.408   1.00 48.61  ? 134 GLN A CB  1 
ATOM   634  C CG  . GLN A 1 92  ? -3.635  -7.850  4.917   1.00 56.04  ? 134 GLN A CG  1 
ATOM   635  C CD  . GLN A 1 92  ? -4.456  -8.816  4.086   1.00 57.64  ? 134 GLN A CD  1 
ATOM   636  O OE1 . GLN A 1 92  ? -3.919  -9.655  3.338   1.00 60.23  ? 134 GLN A OE1 1 
ATOM   637  N NE2 . GLN A 1 92  ? -5.757  -8.702  4.205   1.00 63.30  ? 134 GLN A NE2 1 
ATOM   638  N N   . THR A 1 93  ? 0.822   -8.067  4.392   1.00 43.00  ? 135 THR A N   1 
ATOM   639  C CA  . THR A 1 93  ? 1.966   -8.945  4.201   1.00 46.15  ? 135 THR A CA  1 
ATOM   640  C C   . THR A 1 93  ? 3.026   -8.764  5.303   1.00 42.50  ? 135 THR A C   1 
ATOM   641  O O   . THR A 1 93  ? 3.738   -9.710  5.586   1.00 42.99  ? 135 THR A O   1 
ATOM   642  C CB  . THR A 1 93  ? 2.586   -8.828  2.781   1.00 50.66  ? 135 THR A CB  1 
ATOM   643  O OG1 . THR A 1 93  ? 3.309   -7.583  2.639   1.00 57.23  ? 135 THR A OG1 1 
ATOM   644  C CG2 . THR A 1 93  ? 1.456   -8.971  1.683   1.00 49.80  ? 135 THR A CG2 1 
ATOM   645  N N   . ALA A 1 94  ? 3.127   -7.572  5.921   1.00 42.40  ? 136 ALA A N   1 
ATOM   646  C CA  . ALA A 1 94  ? 4.075   -7.357  7.076   1.00 40.67  ? 136 ALA A CA  1 
ATOM   647  C C   . ALA A 1 94  ? 3.647   -8.193  8.258   1.00 39.64  ? 136 ALA A C   1 
ATOM   648  O O   . ALA A 1 94  ? 4.495   -8.849  8.901   1.00 43.72  ? 136 ALA A O   1 
ATOM   649  C CB  . ALA A 1 94  ? 4.198   -5.890  7.489   1.00 34.67  ? 136 ALA A CB  1 
ATOM   650  N N   . LEU A 1 95  ? 2.335   -8.171  8.508   1.00 37.73  ? 137 LEU A N   1 
ATOM   651  C CA  . LEU A 1 95  ? 1.663   -9.080  9.465   1.00 42.41  ? 137 LEU A CA  1 
ATOM   652  C C   . LEU A 1 95  ? 1.857   -10.583 9.245   1.00 46.95  ? 137 LEU A C   1 
ATOM   653  O O   . LEU A 1 95  ? 2.115   -11.312 10.197  1.00 50.24  ? 137 LEU A O   1 
ATOM   654  C CB  . LEU A 1 95  ? 0.144   -8.828  9.481   1.00 41.55  ? 137 LEU A CB  1 
ATOM   655  C CG  . LEU A 1 95  ? -0.324  -7.601  10.276  1.00 41.43  ? 137 LEU A CG  1 
ATOM   656  C CD1 . LEU A 1 95  ? -1.827  -7.468  10.152  1.00 43.52  ? 137 LEU A CD1 1 
ATOM   657  C CD2 . LEU A 1 95  ? 0.057   -7.693  11.748  1.00 41.32  ? 137 LEU A CD2 1 
ATOM   658  N N   . PHE A 1 96  ? 1.674   -11.054 8.010   1.00 51.30  ? 138 PHE A N   1 
ATOM   659  C CA  . PHE A 1 96  ? 1.872   -12.480 7.706   1.00 52.41  ? 138 PHE A CA  1 
ATOM   660  C C   . PHE A 1 96  ? 3.311   -12.936 7.843   1.00 46.49  ? 138 PHE A C   1 
ATOM   661  O O   . PHE A 1 96  ? 3.581   -14.066 8.229   1.00 45.57  ? 138 PHE A O   1 
ATOM   662  C CB  . PHE A 1 96  ? 1.420   -12.823 6.297   1.00 61.37  ? 138 PHE A CB  1 
ATOM   663  C CG  . PHE A 1 96  ? 1.360   -14.313 6.052   1.00 75.99  ? 138 PHE A CG  1 
ATOM   664  C CD1 . PHE A 1 96  ? 0.229   -15.057 6.424   1.00 78.18  ? 138 PHE A CD1 1 
ATOM   665  C CD2 . PHE A 1 96  ? 2.460   -14.993 5.502   1.00 80.85  ? 138 PHE A CD2 1 
ATOM   666  C CE1 . PHE A 1 96  ? 0.185   -16.438 6.213   1.00 86.05  ? 138 PHE A CE1 1 
ATOM   667  C CE2 . PHE A 1 96  ? 2.416   -16.370 5.290   1.00 78.97  ? 138 PHE A CE2 1 
ATOM   668  C CZ  . PHE A 1 96  ? 1.279   -17.095 5.649   1.00 85.11  ? 138 PHE A CZ  1 
ATOM   669  N N   . ALA A 1 97  ? 4.229   -12.057 7.490   1.00 44.96  ? 139 ALA A N   1 
ATOM   670  C CA  . ALA A 1 97  ? 5.655   -12.333 7.611   1.00 47.92  ? 139 ALA A CA  1 
ATOM   671  C C   . ALA A 1 97  ? 6.049   -12.426 9.090   1.00 50.24  ? 139 ALA A C   1 
ATOM   672  O O   . ALA A 1 97  ? 6.838   -13.324 9.480   1.00 43.85  ? 139 ALA A O   1 
ATOM   673  C CB  . ALA A 1 97  ? 6.455   -11.222 6.923   1.00 47.53  ? 139 ALA A CB  1 
ATOM   674  N N   . GLN A 1 98  ? 5.522   -11.476 9.887   1.00 42.29  ? 140 GLN A N   1 
ATOM   675  C CA  . GLN A 1 98  ? 5.711   -11.471 11.321  1.00 44.23  ? 140 GLN A CA  1 
ATOM   676  C C   . GLN A 1 98  ? 5.236   -12.779 11.977  1.00 46.50  ? 140 GLN A C   1 
ATOM   677  O O   . GLN A 1 98  ? 5.867   -13.328 12.907  1.00 43.39  ? 140 GLN A O   1 
ATOM   678  C CB  . GLN A 1 98  ? 4.931   -10.301 11.924  1.00 50.88  ? 140 GLN A CB  1 
ATOM   679  C CG  . GLN A 1 98  ? 5.315   -10.051 13.386  1.00 58.78  ? 140 GLN A CG  1 
ATOM   680  C CD  . GLN A 1 98  ? 4.261   -9.297  14.164  1.00 57.33  ? 140 GLN A CD  1 
ATOM   681  O OE1 . GLN A 1 98  ? 3.439   -8.575  13.591  1.00 51.63  ? 140 GLN A OE1 1 
ATOM   682  N NE2 . GLN A 1 98  ? 4.280   -9.467  15.488  1.00 60.31  ? 140 GLN A NE2 1 
ATOM   683  N N   . GLN A 1 99  ? 4.098   -13.251 11.486  1.00 47.78  ? 141 GLN A N   1 
ATOM   684  C CA  . GLN A 1 99  ? 3.485   -14.483 11.944  1.00 48.93  ? 141 GLN A CA  1 
ATOM   685  C C   . GLN A 1 99  ? 4.258   -15.732 11.499  1.00 49.63  ? 141 GLN A C   1 
ATOM   686  O O   . GLN A 1 99  ? 4.366   -16.712 12.226  1.00 44.50  ? 141 GLN A O   1 
ATOM   687  C CB  . GLN A 1 99  ? 2.067   -14.580 11.391  1.00 54.80  ? 141 GLN A CB  1 
ATOM   688  C CG  . GLN A 1 99  ? 1.616   -16.018 11.196  1.00 55.20  ? 141 GLN A CG  1 
ATOM   689  C CD  . GLN A 1 99  ? 0.151   -16.106 10.906  1.00 64.38  ? 141 GLN A CD  1 
ATOM   690  O OE1 . GLN A 1 99  ? -0.474  -15.142 10.432  1.00 67.23  ? 141 GLN A OE1 1 
ATOM   691  N NE2 . GLN A 1 99  ? -0.432  -17.257 11.229  1.00 72.41  ? 141 GLN A NE2 1 
ATOM   692  N N   . MET A 1 100 ? 4.746   -15.721 10.270  1.00 53.03  ? 142 MET A N   1 
ATOM   693  C CA  . MET A 1 100 ? 5.562   -16.837 9.776   1.00 56.72  ? 142 MET A CA  1 
ATOM   694  C C   . MET A 1 100 ? 6.949   -16.927 10.463  1.00 53.43  ? 142 MET A C   1 
ATOM   695  O O   . MET A 1 100 ? 7.402   -18.029 10.811  1.00 54.53  ? 142 MET A O   1 
ATOM   696  C CB  . MET A 1 100 ? 5.687   -16.786 8.232   1.00 61.78  ? 142 MET A CB  1 
ATOM   697  C CG  . MET A 1 100 ? 4.420   -17.245 7.482   1.00 65.09  ? 142 MET A CG  1 
ATOM   698  S SD  . MET A 1 100 ? 3.697   -18.853 7.981   1.00 74.33  ? 142 MET A SD  1 
ATOM   699  C CE  . MET A 1 100 ? 2.247   -18.410 8.944   1.00 66.84  ? 142 MET A CE  1 
ATOM   700  N N   . ALA A 1 101 ? 7.608   -15.789 10.687  1.00 49.62  ? 143 ALA A N   1 
ATOM   701  C CA  . ALA A 1 101 ? 8.927   -15.761 11.375  1.00 48.27  ? 143 ALA A CA  1 
ATOM   702  C C   . ALA A 1 101 ? 8.909   -16.326 12.803  1.00 49.12  ? 143 ALA A C   1 
ATOM   703  O O   . ALA A 1 101 ? 9.846   -17.033 13.209  1.00 49.01  ? 143 ALA A O   1 
ATOM   704  C CB  . ALA A 1 101 ? 9.473   -14.347 11.420  1.00 47.20  ? 143 ALA A CB  1 
ATOM   705  N N   . ALA A 1 102 ? 7.865   -15.967 13.559  1.00 49.78  ? 144 ALA A N   1 
ATOM   706  C CA  . ALA A 1 102 ? 7.567   -16.589 14.878  1.00 47.71  ? 144 ALA A CA  1 
ATOM   707  C C   . ALA A 1 102 ? 7.267   -18.077 14.771  1.00 48.29  ? 144 ALA A C   1 
ATOM   708  O O   . ALA A 1 102 ? 7.673   -18.812 15.658  1.00 56.63  ? 144 ALA A O   1 
ATOM   709  C CB  . ALA A 1 102 ? 6.421   -15.877 15.598  1.00 42.98  ? 144 ALA A CB  1 
ATOM   710  N N   . ARG A 1 103 ? 6.581   -18.512 13.700  1.00 47.23  ? 145 ARG A N   1 
ATOM   711  C CA  . ARG A 1 103 ? 6.277   -19.924 13.483  1.00 47.40  ? 145 ARG A CA  1 
ATOM   712  C C   . ARG A 1 103 ? 7.556   -20.685 13.314  1.00 44.88  ? 145 ARG A C   1 
ATOM   713  O O   . ARG A 1 103 ? 7.803   -21.665 13.980  1.00 50.53  ? 145 ARG A O   1 
ATOM   714  C CB  . ARG A 1 103 ? 5.411   -20.120 12.253  1.00 54.64  ? 145 ARG A CB  1 
ATOM   715  C CG  . ARG A 1 103 ? 4.913   -21.545 12.093  1.00 66.76  ? 145 ARG A CG  1 
ATOM   716  C CD  . ARG A 1 103 ? 3.924   -21.714 10.945  1.00 78.22  ? 145 ARG A CD  1 
ATOM   717  N NE  . ARG A 1 103 ? 3.444   -23.107 10.815  1.00 93.32  ? 145 ARG A NE  1 
ATOM   718  C CZ  . ARG A 1 103 ? 2.639   -23.539 9.841   1.00 99.85  ? 145 ARG A CZ  1 
ATOM   719  N NH1 . ARG A 1 103 ? 2.209   -22.667 8.922   1.00 104.02 ? 145 ARG A NH1 1 
ATOM   720  N NH2 . ARG A 1 103 ? 2.262   -24.828 9.775   1.00 101.66 ? 145 ARG A NH2 1 
ATOM   721  N N   . ALA A 1 104 ? 8.414   -20.181 12.468  1.00 46.69  ? 146 ALA A N   1 
ATOM   722  C CA  . ALA A 1 104 ? 9.645   -20.890 12.142  1.00 55.29  ? 146 ALA A CA  1 
ATOM   723  C C   . ALA A 1 104 ? 10.529  -21.047 13.333  1.00 53.25  ? 146 ALA A C   1 
ATOM   724  O O   . ALA A 1 104 ? 11.093  -22.110 13.565  1.00 59.16  ? 146 ALA A O   1 
ATOM   725  C CB  . ALA A 1 104 ? 10.412  -20.149 11.043  1.00 60.40  ? 146 ALA A CB  1 
ATOM   726  N N   . GLN A 1 105 ? 10.688  -19.942 14.043  1.00 55.18  ? 147 GLN A N   1 
ATOM   727  C CA  . GLN A 1 105 ? 11.517  -19.891 15.229  1.00 51.82  ? 147 GLN A CA  1 
ATOM   728  C C   . GLN A 1 105 ? 11.022  -20.866 16.253  1.00 46.99  ? 147 GLN A C   1 
ATOM   729  O O   . GLN A 1 105 ? 11.798  -21.461 16.962  1.00 45.11  ? 147 GLN A O   1 
ATOM   730  C CB  . GLN A 1 105 ? 11.530  -18.482 15.796  1.00 52.95  ? 147 GLN A CB  1 
ATOM   731  C CG  . GLN A 1 105 ? 12.691  -17.678 15.236  1.00 58.32  ? 147 GLN A CG  1 
ATOM   732  C CD  . GLN A 1 105 ? 12.711  -16.227 15.707  1.00 60.76  ? 147 GLN A CD  1 
ATOM   733  O OE1 . GLN A 1 105 ? 11.692  -15.531 15.626  1.00 55.69  ? 147 GLN A OE1 1 
ATOM   734  N NE2 . GLN A 1 105 ? 13.887  -15.744 16.164  1.00 62.92  ? 147 GLN A NE2 1 
ATOM   735  N N   . LEU A 1 106 ? 9.723   -21.062 16.309  1.00 49.97  ? 148 LEU A N   1 
ATOM   736  C CA  . LEU A 1 106 ? 9.202   -22.091 17.197  1.00 56.79  ? 148 LEU A CA  1 
ATOM   737  C C   . LEU A 1 106 ? 9.564   -23.525 16.830  1.00 68.06  ? 148 LEU A C   1 
ATOM   738  O O   . LEU A 1 106 ? 9.807   -24.349 17.733  1.00 68.82  ? 148 LEU A O   1 
ATOM   739  C CB  . LEU A 1 106 ? 7.705   -21.999 17.291  1.00 56.96  ? 148 LEU A CB  1 
ATOM   740  C CG  . LEU A 1 106 ? 7.250   -20.970 18.313  1.00 55.52  ? 148 LEU A CG  1 
ATOM   741  C CD1 . LEU A 1 106 ? 5.740   -21.036 18.446  1.00 55.30  ? 148 LEU A CD1 1 
ATOM   742  C CD2 . LEU A 1 106 ? 7.913   -21.186 19.666  1.00 54.74  ? 148 LEU A CD2 1 
ATOM   743  N N   . GLN A 1 107 ? 9.599   -23.818 15.527  1.00 74.70  ? 149 GLN A N   1 
ATOM   744  C CA  . GLN A 1 107 ? 9.874   -25.183 15.056  1.00 83.21  ? 149 GLN A CA  1 
ATOM   745  C C   . GLN A 1 107 ? 11.375  -25.516 15.173  1.00 76.53  ? 149 GLN A C   1 
ATOM   746  O O   . GLN A 1 107 ? 11.717  -26.699 15.313  1.00 84.07  ? 149 GLN A O   1 
ATOM   747  C CB  . GLN A 1 107 ? 9.348   -25.437 13.611  1.00 93.35  ? 149 GLN A CB  1 
ATOM   748  C CG  . GLN A 1 107 ? 8.191   -24.532 13.179  1.00 93.83  ? 149 GLN A CG  1 
ATOM   749  C CD  . GLN A 1 107 ? 7.624   -24.846 11.804  1.00 97.28  ? 149 GLN A CD  1 
ATOM   750  O OE1 . GLN A 1 107 ? 7.868   -24.114 10.837  1.00 87.15  ? 149 GLN A OE1 1 
ATOM   751  N NE2 . GLN A 1 107 ? 6.851   -25.923 11.711  1.00 108.49 ? 149 GLN A NE2 1 
ATOM   752  N N   . GLN A 1 108 ? 12.239  -24.483 15.142  1.00 71.02  ? 150 GLN A N   1 
ATOM   753  C CA  . GLN A 1 108 ? 13.707  -24.639 15.336  1.00 74.41  ? 150 GLN A CA  1 
ATOM   754  C C   . GLN A 1 108 ? 13.999  -25.218 16.710  1.00 76.27  ? 150 GLN A C   1 
ATOM   755  O O   . GLN A 1 108 ? 14.922  -26.030 16.877  1.00 88.01  ? 150 GLN A O   1 
ATOM   756  C CB  . GLN A 1 108 ? 14.475  -23.340 15.081  1.00 73.73  ? 150 GLN A CB  1 
ATOM   757  C CG  . GLN A 1 108 ? 14.485  -22.896 13.628  1.00 81.68  ? 150 GLN A CG  1 
ATOM   758  C CD  . GLN A 1 108 ? 15.593  -21.898 13.288  1.00 88.28  ? 150 GLN A CD  1 
ATOM   759  O OE1 . GLN A 1 108 ? 16.642  -21.830 13.947  1.00 77.95  ? 150 GLN A OE1 1 
ATOM   760  N NE2 . GLN A 1 108 ? 15.368  -21.128 12.218  1.00 103.58 ? 150 GLN A NE2 1 
ATOM   761  N N   . MET A 1 109 ? 13.203  -24.791 17.682  1.00 76.68  ? 151 MET A N   1 
ATOM   762  C CA  . MET A 1 109 ? 13.285  -25.301 19.037  1.00 80.52  ? 151 MET A CA  1 
ATOM   763  C C   . MET A 1 109 ? 12.467  -26.561 19.193  1.00 84.11  ? 151 MET A C   1 
ATOM   764  O O   . MET A 1 109 ? 11.515  -26.566 19.958  1.00 86.63  ? 151 MET A O   1 
ATOM   765  C CB  . MET A 1 109 ? 12.705  -24.235 19.955  1.00 84.98  ? 151 MET A CB  1 
ATOM   766  C CG  . MET A 1 109 ? 13.382  -22.863 19.866  1.00 88.33  ? 151 MET A CG  1 
ATOM   767  S SD  . MET A 1 109 ? 12.600  -21.599 20.942  1.00 83.87  ? 151 MET A SD  1 
ATOM   768  C CE  . MET A 1 109 ? 14.033  -20.561 21.255  1.00 82.55  ? 151 MET A CE  1 
ATOM   769  N N   . ARG A 1 110 ? 12.807  -27.602 18.439  1.00 90.85  ? 152 ARG A N   1 
ATOM   770  C CA  . ARG A 1 110 ? 11.997  -28.838 18.379  1.00 94.97  ? 152 ARG A CA  1 
ATOM   771  C C   . ARG A 1 110 ? 11.859  -29.564 19.729  1.00 114.24 ? 152 ARG A C   1 
ATOM   772  O O   . ARG A 1 110 ? 10.731  -29.838 20.170  1.00 126.02 ? 152 ARG A O   1 
ATOM   773  C CB  . ARG A 1 110 ? 12.607  -29.797 17.382  1.00 98.38  ? 152 ARG A CB  1 
ATOM   774  C CG  . ARG A 1 110 ? 14.072  -30.076 17.687  1.00 111.61 ? 152 ARG A CG  1 
ATOM   775  C CD  . ARG A 1 110 ? 14.901  -29.927 16.448  1.00 123.62 ? 152 ARG A CD  1 
ATOM   776  N NE  . ARG A 1 110 ? 16.321  -29.857 16.750  1.00 131.04 ? 152 ARG A NE  1 
ATOM   777  C CZ  . ARG A 1 110 ? 17.266  -29.742 15.821  1.00 140.42 ? 152 ARG A CZ  1 
ATOM   778  N NH1 . ARG A 1 110 ? 18.543  -29.709 16.183  1.00 139.37 ? 152 ARG A NH1 1 
ATOM   779  N NH2 . ARG A 1 110 ? 16.940  -29.661 14.527  1.00 140.81 ? 152 ARG A NH2 1 
ATOM   780  N N   . GLN A 1 111 ? 13.006  -29.870 20.359  1.00 120.11 ? 153 GLN A N   1 
ATOM   781  C CA  . GLN A 1 111 ? 13.113  -30.564 21.666  1.00 111.02 ? 153 GLN A CA  1 
ATOM   782  C C   . GLN A 1 111 ? 12.182  -31.787 21.809  1.00 104.11 ? 153 GLN A C   1 
ATOM   783  O O   . GLN A 1 111 ? 10.959  -31.665 21.947  1.00 103.18 ? 153 GLN A O   1 
ATOM   784  C CB  . GLN A 1 111 ? 12.949  -29.531 22.813  1.00 108.09 ? 153 GLN A CB  1 
ATOM   785  C CG  . GLN A 1 111 ? 12.732  -30.087 24.218  1.00 109.89 ? 153 GLN A CG  1 
ATOM   786  C CD  . GLN A 1 111 ? 13.947  -30.787 24.801  1.00 110.54 ? 153 GLN A CD  1 
ATOM   787  O OE1 . GLN A 1 111 ? 14.867  -31.160 24.081  1.00 123.67 ? 153 GLN A OE1 1 
ATOM   788  N NE2 . GLN A 1 111 ? 13.950  -30.975 26.120  1.00 110.16 ? 153 GLN A NE2 1 
ATOM   789  N N   . VAL B 1 5   ? 11.038  -10.139 7.301   1.00 94.32  ? 47  VAL B N   1 
ATOM   790  C CA  . VAL B 1 5   ? 11.963  -9.941  6.122   1.00 104.07 ? 47  VAL B CA  1 
ATOM   791  C C   . VAL B 1 5   ? 11.409  -9.011  4.991   1.00 106.54 ? 47  VAL B C   1 
ATOM   792  O O   . VAL B 1 5   ? 10.433  -9.337  4.269   1.00 79.13  ? 47  VAL B O   1 
ATOM   793  C CB  . VAL B 1 5   ? 12.471  -11.292 5.546   1.00 108.59 ? 47  VAL B CB  1 
ATOM   794  C CG1 . VAL B 1 5   ? 13.289  -12.049 6.598   1.00 101.61 ? 47  VAL B CG1 1 
ATOM   795  C CG2 . VAL B 1 5   ? 11.319  -12.142 5.006   1.00 110.87 ? 47  VAL B CG2 1 
ATOM   796  N N   . MET B 1 6   ? 12.091  -7.868  4.853   1.00 112.39 ? 48  MET B N   1 
ATOM   797  C CA  . MET B 1 6   ? 11.729  -6.796  3.934   1.00 99.45  ? 48  MET B CA  1 
ATOM   798  C C   . MET B 1 6   ? 12.849  -6.871  2.886   1.00 98.24  ? 48  MET B C   1 
ATOM   799  O O   . MET B 1 6   ? 13.841  -6.136  2.958   1.00 85.72  ? 48  MET B O   1 
ATOM   800  C CB  . MET B 1 6   ? 11.738  -5.457  4.685   1.00 94.63  ? 48  MET B CB  1 
ATOM   801  C CG  . MET B 1 6   ? 11.076  -4.277  3.961   1.00 93.36  ? 48  MET B CG  1 
ATOM   802  S SD  . MET B 1 6   ? 11.472  -2.587  4.598   1.00 90.13  ? 48  MET B SD  1 
ATOM   803  C CE  . MET B 1 6   ? 10.206  -1.546  3.853   1.00 74.48  ? 48  MET B CE  1 
ATOM   804  N N   . ARG B 1 7   ? 12.706  -7.818  1.956   1.00 101.45 ? 49  ARG B N   1 
ATOM   805  C CA  . ARG B 1 7   ? 13.353  -7.779  0.627   1.00 100.69 ? 49  ARG B CA  1 
ATOM   806  C C   . ARG B 1 7   ? 12.422  -6.978  -0.237  1.00 94.22  ? 49  ARG B C   1 
ATOM   807  O O   . ARG B 1 7   ? 12.837  -6.091  -0.979  1.00 85.76  ? 49  ARG B O   1 
ATOM   808  C CB  . ARG B 1 7   ? 13.500  -9.164  -0.017  1.00 105.72 ? 49  ARG B CB  1 
ATOM   809  C CG  . ARG B 1 7   ? 13.378  -10.331 0.943   1.00 115.76 ? 49  ARG B CG  1 
ATOM   810  C CD  . ARG B 1 7   ? 14.228  -11.528 0.512   1.00 123.75 ? 49  ARG B CD  1 
ATOM   811  N NE  . ARG B 1 7   ? 14.267  -12.581 1.536   1.00 123.32 ? 49  ARG B NE  1 
ATOM   812  C CZ  . ARG B 1 7   ? 14.736  -12.441 2.786   1.00 122.53 ? 49  ARG B CZ  1 
ATOM   813  N NH1 . ARG B 1 7   ? 15.233  -11.278 3.237   1.00 123.23 ? 49  ARG B NH1 1 
ATOM   814  N NH2 . ARG B 1 7   ? 14.703  -13.481 3.611   1.00 112.73 ? 49  ARG B NH2 1 
ATOM   815  N N   . ILE B 1 8   ? 11.141  -7.310  -0.090  1.00 94.44  ? 50  ILE B N   1 
ATOM   816  C CA  . ILE B 1 8   ? 10.055  -6.645  -0.785  1.00 86.70  ? 50  ILE B CA  1 
ATOM   817  C C   . ILE B 1 8   ? 10.241  -5.140  -0.716  1.00 83.09  ? 50  ILE B C   1 
ATOM   818  O O   . ILE B 1 8   ? 10.118  -4.467  -1.721  1.00 92.81  ? 50  ILE B O   1 
ATOM   819  C CB  . ILE B 1 8   ? 8.671   -7.027  -0.222  1.00 84.53  ? 50  ILE B CB  1 
ATOM   820  C CG1 . ILE B 1 8   ? 8.603   -8.545  0.095   1.00 86.36  ? 50  ILE B CG1 1 
ATOM   821  C CG2 . ILE B 1 8   ? 7.608   -6.619  -1.233  1.00 92.92  ? 50  ILE B CG2 1 
ATOM   822  C CD1 . ILE B 1 8   ? 7.229   -9.109  0.417   1.00 86.11  ? 50  ILE B CD1 1 
ATOM   823  N N   . GLY B 1 9   ? 10.597  -4.622  0.449   1.00 78.57  ? 51  GLY B N   1 
ATOM   824  C CA  . GLY B 1 9   ? 10.832  -3.188  0.585   1.00 86.07  ? 51  GLY B CA  1 
ATOM   825  C C   . GLY B 1 9   ? 11.783  -2.608  -0.448  1.00 85.78  ? 51  GLY B C   1 
ATOM   826  O O   . GLY B 1 9   ? 11.483  -1.592  -1.099  1.00 86.68  ? 51  GLY B O   1 
ATOM   827  N N   . THR B 1 10  ? 12.940  -3.242  -0.600  1.00 92.93  ? 52  THR B N   1 
ATOM   828  C CA  . THR B 1 10  ? 13.975  -2.745  -1.533  1.00 108.73 ? 52  THR B CA  1 
ATOM   829  C C   . THR B 1 10  ? 13.560  -2.827  -2.999  1.00 98.72  ? 52  THR B C   1 
ATOM   830  O O   . THR B 1 10  ? 13.928  -1.983  -3.817  1.00 92.87  ? 52  THR B O   1 
ATOM   831  C CB  . THR B 1 10  ? 15.299  -3.519  -1.362  1.00 121.57 ? 52  THR B CB  1 
ATOM   832  O OG1 . THR B 1 10  ? 15.045  -4.933  -1.210  1.00 109.92 ? 52  THR B OG1 1 
ATOM   833  C CG2 . THR B 1 10  ? 16.066  -2.969  -0.136  1.00 127.61 ? 52  THR B CG2 1 
ATOM   834  N N   . MET B 1 11  ? 12.793  -3.866  -3.296  1.00 97.10  ? 53  MET B N   1 
ATOM   835  C CA  . MET B 1 11  ? 12.287  -4.141  -4.644  1.00 101.60 ? 53  MET B CA  1 
ATOM   836  C C   . MET B 1 11  ? 11.221  -3.109  -5.040  1.00 97.11  ? 53  MET B C   1 
ATOM   837  O O   . MET B 1 11  ? 11.118  -2.726  -6.200  1.00 88.82  ? 53  MET B O   1 
ATOM   838  C CB  . MET B 1 11  ? 11.669  -5.555  -4.708  1.00 111.55 ? 53  MET B CB  1 
ATOM   839  C CG  . MET B 1 11  ? 12.454  -6.674  -3.991  1.00 127.32 ? 53  MET B CG  1 
ATOM   840  S SD  . MET B 1 11  ? 13.415  -7.847  -5.002  1.00 138.95 ? 53  MET B SD  1 
ATOM   841  C CE  . MET B 1 11  ? 15.109  -7.327  -4.723  1.00 124.35 ? 53  MET B CE  1 
ATOM   842  N N   . ILE B 1 12  ? 10.428  -2.675  -4.061  1.00 91.60  ? 54  ILE B N   1 
ATOM   843  C CA  . ILE B 1 12  ? 9.411   -1.656  -4.272  1.00 79.50  ? 54  ILE B CA  1 
ATOM   844  C C   . ILE B 1 12  ? 10.083  -0.393  -4.723  1.00 79.35  ? 54  ILE B C   1 
ATOM   845  O O   . ILE B 1 12  ? 9.612   0.224   -5.668  1.00 74.01  ? 54  ILE B O   1 
ATOM   846  C CB  . ILE B 1 12  ? 8.608   -1.350  -2.986  1.00 84.80  ? 54  ILE B CB  1 
ATOM   847  C CG1 . ILE B 1 12  ? 7.755   -2.558  -2.589  1.00 86.87  ? 54  ILE B CG1 1 
ATOM   848  C CG2 . ILE B 1 12  ? 7.687   -0.154  -3.177  1.00 79.78  ? 54  ILE B CG2 1 
ATOM   849  C CD1 . ILE B 1 12  ? 6.933   -2.367  -1.330  1.00 84.27  ? 54  ILE B CD1 1 
ATOM   850  N N   . LYS B 1 13  ? 11.176  -0.018  -4.047  1.00 84.93  ? 55  LYS B N   1 
ATOM   851  C CA  . LYS B 1 13  ? 11.925  1.175   -4.422  1.00 95.69  ? 55  LYS B CA  1 
ATOM   852  C C   . LYS B 1 13  ? 12.341  1.104   -5.891  1.00 96.77  ? 55  LYS B C   1 
ATOM   853  O O   . LYS B 1 13  ? 12.043  2.006   -6.682  1.00 104.32 ? 55  LYS B O   1 
ATOM   854  C CB  . LYS B 1 13  ? 13.161  1.358   -3.539  1.00 110.37 ? 55  LYS B CB  1 
ATOM   855  C CG  . LYS B 1 13  ? 14.155  2.399   -4.077  1.00 123.41 ? 55  LYS B CG  1 
ATOM   856  C CD  . LYS B 1 13  ? 15.583  2.151   -3.586  1.00 133.03 ? 55  LYS B CD  1 
ATOM   857  C CE  . LYS B 1 13  ? 16.625  3.027   -4.307  1.00 123.62 ? 55  LYS B CE  1 
ATOM   858  N NZ  . LYS B 1 13  ? 18.039  2.716   -3.892  1.00 114.78 ? 55  LYS B NZ  1 
ATOM   859  N N   . GLN B 1 14  ? 13.024  0.031   -6.256  1.00 94.69  ? 56  GLN B N   1 
ATOM   860  C CA  . GLN B 1 14  ? 13.509  -0.105  -7.630  1.00 96.08  ? 56  GLN B CA  1 
ATOM   861  C C   . GLN B 1 14  ? 12.355  -0.155  -8.610  1.00 84.44  ? 56  GLN B C   1 
ATOM   862  O O   . GLN B 1 14  ? 12.355  0.552   -9.608  1.00 87.83  ? 56  GLN B O   1 
ATOM   863  C CB  . GLN B 1 14  ? 14.435  -1.320  -7.780  1.00 105.56 ? 56  GLN B CB  1 
ATOM   864  C CG  . GLN B 1 14  ? 15.783  -1.147  -7.052  1.00 117.90 ? 56  GLN B CG  1 
ATOM   865  C CD  . GLN B 1 14  ? 16.377  0.272   -7.166  1.00 120.17 ? 56  GLN B CD  1 
ATOM   866  O OE1 . GLN B 1 14  ? 16.187  1.100   -6.271  1.00 102.00 ? 56  GLN B OE1 1 
ATOM   867  N NE2 . GLN B 1 14  ? 17.071  0.558   -8.282  1.00 119.07 ? 56  GLN B NE2 1 
ATOM   868  N N   . LEU B 1 15  ? 11.349  -0.963  -8.298  1.00 82.32  ? 57  LEU B N   1 
ATOM   869  C CA  . LEU B 1 15  ? 10.155  -1.089  -9.153  1.00 78.63  ? 57  LEU B CA  1 
ATOM   870  C C   . LEU B 1 15  ? 9.383   0.202   -9.311  1.00 75.57  ? 57  LEU B C   1 
ATOM   871  O O   . LEU B 1 15  ? 8.640   0.406   -10.291 1.00 60.42  ? 57  LEU B O   1 
ATOM   872  C CB  . LEU B 1 15  ? 9.186   -2.126  -8.583  1.00 79.78  ? 57  LEU B CB  1 
ATOM   873  C CG  . LEU B 1 15  ? 9.264   -3.535  -9.176  1.00 83.61  ? 57  LEU B CG  1 
ATOM   874  C CD1 . LEU B 1 15  ? 8.190   -4.448  -8.594  1.00 80.80  ? 57  LEU B CD1 1 
ATOM   875  C CD2 . LEU B 1 15  ? 9.163   -3.508  -10.695 1.00 80.64  ? 57  LEU B CD2 1 
ATOM   876  N N   . LEU B 1 16  ? 9.525   1.045   -8.296  1.00 82.85  ? 58  LEU B N   1 
ATOM   877  C CA  . LEU B 1 16  ? 8.883   2.330   -8.295  1.00 85.05  ? 58  LEU B CA  1 
ATOM   878  C C   . LEU B 1 16  ? 9.444   3.165   -9.428  1.00 91.09  ? 58  LEU B C   1 
ATOM   879  O O   . LEU B 1 16  ? 8.689   3.649   -10.221 1.00 89.11  ? 58  LEU B O   1 
ATOM   880  C CB  . LEU B 1 16  ? 9.065   3.054   -6.957  1.00 80.80  ? 58  LEU B CB  1 
ATOM   881  C CG  . LEU B 1 16  ? 8.130   4.244   -6.690  1.00 78.82  ? 58  LEU B CG  1 
ATOM   882  C CD1 . LEU B 1 16  ? 6.701   4.014   -7.172  1.00 76.55  ? 58  LEU B CD1 1 
ATOM   883  C CD2 . LEU B 1 16  ? 8.143   4.626   -5.207  1.00 78.11  ? 58  LEU B CD2 1 
ATOM   884  N N   . GLU B 1 17  ? 10.760  3.318   -9.540  1.00 103.03 ? 59  GLU B N   1 
ATOM   885  C CA  . GLU B 1 17  ? 11.315  4.160   -10.635 1.00 104.36 ? 59  GLU B CA  1 
ATOM   886  C C   . GLU B 1 17  ? 10.907  3.754   -12.061 1.00 94.40  ? 59  GLU B C   1 
ATOM   887  O O   . GLU B 1 17  ? 10.530  4.601   -12.881 1.00 91.04  ? 59  GLU B O   1 
ATOM   888  C CB  . GLU B 1 17  ? 12.861  4.249   -10.591 1.00 99.31  ? 59  GLU B CB  1 
ATOM   889  C CG  . GLU B 1 17  ? 13.659  3.252   -11.437 1.00 104.83 ? 59  GLU B CG  1 
ATOM   890  C CD  . GLU B 1 17  ? 15.142  3.645   -11.623 1.00 121.86 ? 59  GLU B CD  1 
ATOM   891  O OE1 . GLU B 1 17  ? 15.621  4.525   -10.877 1.00 128.00 ? 59  GLU B OE1 1 
ATOM   892  O OE2 . GLU B 1 17  ? 15.847  3.094   -12.522 1.00 116.85 ? 59  GLU B OE2 1 
ATOM   893  N N   . GLU B 1 18  ? 10.986  2.458   -12.343 1.00 93.45  ? 60  GLU B N   1 
ATOM   894  C CA  . GLU B 1 18  ? 10.631  1.939   -13.659 1.00 107.47 ? 60  GLU B CA  1 
ATOM   895  C C   . GLU B 1 18  ? 9.236   2.440   -14.014 1.00 112.51 ? 60  GLU B C   1 
ATOM   896  O O   . GLU B 1 18  ? 8.808   2.355   -15.164 1.00 119.56 ? 60  GLU B O   1 
ATOM   897  C CB  . GLU B 1 18  ? 10.792  0.418   -13.689 1.00 119.68 ? 60  GLU B CB  1 
ATOM   898  C CG  . GLU B 1 18  ? 10.184  -0.248  -14.912 1.00 123.78 ? 60  GLU B CG  1 
ATOM   899  C CD  . GLU B 1 18  ? 9.740   -1.671  -14.643 1.00 136.12 ? 60  GLU B CD  1 
ATOM   900  O OE1 . GLU B 1 18  ? 8.752   -1.857  -13.902 1.00 130.32 ? 60  GLU B OE1 1 
ATOM   901  O OE2 . GLU B 1 18  ? 10.380  -2.606  -15.169 1.00 142.53 ? 60  GLU B OE2 1 
ATOM   902  N N   . VAL B 1 19  ? 8.529   2.962   -13.016 1.00 117.16 ? 61  VAL B N   1 
ATOM   903  C CA  . VAL B 1 19  ? 7.142   3.382   -13.188 1.00 113.93 ? 61  VAL B CA  1 
ATOM   904  C C   . VAL B 1 19  ? 7.033   4.515   -14.203 1.00 123.01 ? 61  VAL B C   1 
ATOM   905  O O   . VAL B 1 19  ? 5.932   4.898   -14.603 1.00 119.26 ? 61  VAL B O   1 
ATOM   906  C CB  . VAL B 1 19  ? 6.520   3.836   -11.856 1.00 99.20  ? 61  VAL B CB  1 
ATOM   907  C CG1 . VAL B 1 19  ? 5.896   2.653   -11.132 1.00 95.73  ? 61  VAL B CG1 1 
ATOM   908  C CG2 . VAL B 1 19  ? 7.567   4.512   -10.983 1.00 103.82 ? 61  VAL B CG2 1 
ATOM   909  N N   . ARG B 1 20  ? 8.166   5.036   -14.674 1.00 137.26 ? 62  ARG B N   1 
ATOM   910  C CA  . ARG B 1 20  ? 8.159   6.044   -15.752 1.00 132.93 ? 62  ARG B CA  1 
ATOM   911  C C   . ARG B 1 20  ? 9.082   5.939   -16.988 1.00 122.86 ? 62  ARG B C   1 
ATOM   912  O O   . ARG B 1 20  ? 10.298  5.841   -16.898 1.00 111.87 ? 62  ARG B O   1 
ATOM   913  C CB  . ARG B 1 20  ? 8.459   7.439   -15.198 1.00 141.98 ? 62  ARG B CB  1 
ATOM   914  C CG  . ARG B 1 20  ? 7.785   8.589   -15.937 1.00 147.23 ? 62  ARG B CG  1 
ATOM   915  C CD  . ARG B 1 20  ? 8.043   8.575   -17.434 1.00 148.83 ? 62  ARG B CD  1 
ATOM   916  N NE  . ARG B 1 20  ? 8.553   9.839   -17.954 1.00 154.75 ? 62  ARG B NE  1 
ATOM   917  C CZ  . ARG B 1 20  ? 8.325   10.286  -19.182 1.00 152.21 ? 62  ARG B CZ  1 
ATOM   918  N NH1 . ARG B 1 20  ? 7.593   9.580   -20.025 1.00 140.65 ? 62  ARG B NH1 1 
ATOM   919  N NH2 . ARG B 1 20  ? 8.833   11.441  -19.569 1.00 156.11 ? 62  ARG B NH2 1 
ATOM   920  N N   . ALA B 1 21  ? 8.433   5.955   -18.150 1.00 120.24 ? 63  ALA B N   1 
ATOM   921  C CA  . ALA B 1 21  ? 9.089   5.855   -19.447 1.00 133.43 ? 63  ALA B CA  1 
ATOM   922  C C   . ALA B 1 21  ? 7.988   6.118   -20.472 1.00 144.01 ? 63  ALA B C   1 
ATOM   923  O O   . ALA B 1 21  ? 6.804   5.975   -20.163 1.00 145.58 ? 63  ALA B O   1 
ATOM   924  C CB  . ALA B 1 21  ? 9.845   4.541   -19.563 1.00 136.86 ? 63  ALA B CB  1 
ATOM   925  N N   . ALA B 1 22  ? 8.370   6.508   -21.683 1.00 143.19 ? 64  ALA B N   1 
ATOM   926  C CA  . ALA B 1 22  ? 7.389   6.740   -22.737 1.00 142.72 ? 64  ALA B CA  1 
ATOM   927  C C   . ALA B 1 22  ? 5.979   6.845   -22.165 1.00 126.37 ? 64  ALA B C   1 
ATOM   928  O O   . ALA B 1 22  ? 5.024   7.126   -22.889 1.00 107.28 ? 64  ALA B O   1 
ATOM   929  C CB  . ALA B 1 22  ? 7.460   5.637   -23.781 1.00 142.44 ? 64  ALA B CB  1 
ATOM   930  N N   . ARG B 1 29  ? -1.160  -2.446  -22.930 1.00 102.72 ? 71  ARG B N   1 
ATOM   931  C CA  . ARG B 1 29  ? 0.233   -2.172  -22.583 1.00 99.98  ? 71  ARG B CA  1 
ATOM   932  C C   . ARG B 1 29  ? 0.805   -3.346  -21.816 1.00 104.38 ? 71  ARG B C   1 
ATOM   933  O O   . ARG B 1 29  ? 0.304   -3.698  -20.751 1.00 94.41  ? 71  ARG B O   1 
ATOM   934  C CB  . ARG B 1 29  ? 0.319   -0.922  -21.710 1.00 99.10  ? 71  ARG B CB  1 
ATOM   935  C CG  . ARG B 1 29  ? 1.721   -0.553  -21.273 1.00 94.69  ? 71  ARG B CG  1 
ATOM   936  C CD  . ARG B 1 29  ? 2.584   -0.304  -22.479 1.00 103.27 ? 71  ARG B CD  1 
ATOM   937  N NE  . ARG B 1 29  ? 3.261   0.978   -22.395 1.00 121.33 ? 71  ARG B NE  1 
ATOM   938  C CZ  . ARG B 1 29  ? 4.165   1.398   -23.276 1.00 144.54 ? 71  ARG B CZ  1 
ATOM   939  N NH1 . ARG B 1 29  ? 4.750   2.606   -23.117 1.00 141.84 ? 71  ARG B NH1 1 
ATOM   940  N NH2 . ARG B 1 29  ? 4.511   0.598   -24.299 1.00 148.42 ? 71  ARG B NH2 1 
ATOM   941  N N   . ASN B 1 30  ? 1.862   -3.948  -22.347 1.00 114.86 ? 72  ASN B N   1 
ATOM   942  C CA  . ASN B 1 30  ? 2.438   -5.111  -21.696 1.00 99.98  ? 72  ASN B CA  1 
ATOM   943  C C   . ASN B 1 30  ? 3.399   -4.746  -20.577 1.00 83.31  ? 72  ASN B C   1 
ATOM   944  O O   . ASN B 1 30  ? 3.358   -5.390  -19.554 1.00 89.93  ? 72  ASN B O   1 
ATOM   945  C CB  . ASN B 1 30  ? 3.111   -6.057  -22.690 1.00 107.69 ? 72  ASN B CB  1 
ATOM   946  C CG  . ASN B 1 30  ? 2.602   -7.484  -22.556 1.00 111.94 ? 72  ASN B CG  1 
ATOM   947  O OD1 . ASN B 1 30  ? 2.315   -7.971  -21.446 1.00 101.65 ? 72  ASN B OD1 1 
ATOM   948  N ND2 . ASN B 1 30  ? 2.481   -8.165  -23.693 1.00 117.77 ? 72  ASN B ND2 1 
ATOM   949  N N   . ARG B 1 31  ? 4.257   -3.741  -20.762 1.00 72.41  ? 73  ARG B N   1 
ATOM   950  C CA  . ARG B 1 31  ? 5.218   -3.359  -19.726 1.00 79.27  ? 73  ARG B CA  1 
ATOM   951  C C   . ARG B 1 31  ? 4.500   -3.098  -18.394 1.00 83.64  ? 73  ARG B C   1 
ATOM   952  O O   . ARG B 1 31  ? 4.858   -3.666  -17.375 1.00 84.00  ? 73  ARG B O   1 
ATOM   953  C CB  . ARG B 1 31  ? 6.046   -2.127  -20.125 1.00 92.91  ? 73  ARG B CB  1 
ATOM   954  C CG  . ARG B 1 31  ? 5.273   -0.802  -20.124 1.00 110.93 ? 73  ARG B CG  1 
ATOM   955  C CD  . ARG B 1 31  ? 6.135   0.444   -20.310 1.00 118.73 ? 73  ARG B CD  1 
ATOM   956  N NE  . ARG B 1 31  ? 6.270   0.855   -21.713 1.00 120.06 ? 73  ARG B NE  1 
ATOM   957  C CZ  . ARG B 1 31  ? 7.350   0.694   -22.482 1.00 121.66 ? 73  ARG B CZ  1 
ATOM   958  N NH1 . ARG B 1 31  ? 8.441   0.119   -21.988 1.00 120.18 ? 73  ARG B NH1 1 
ATOM   959  N NH2 . ARG B 1 31  ? 7.358   1.105   -23.757 1.00 119.48 ? 73  ARG B NH2 1 
ATOM   960  N N   . LEU B 1 32  ? 3.458   -2.272  -18.414 1.00 85.77  ? 74  LEU B N   1 
ATOM   961  C CA  . LEU B 1 32  ? 2.752   -1.875  -17.179 1.00 87.00  ? 74  LEU B CA  1 
ATOM   962  C C   . LEU B 1 32  ? 2.169   -3.084  -16.522 1.00 79.35  ? 74  LEU B C   1 
ATOM   963  O O   . LEU B 1 32  ? 2.384   -3.337  -15.350 1.00 69.51  ? 74  LEU B O   1 
ATOM   964  C CB  . LEU B 1 32  ? 1.627   -0.872  -17.458 1.00 90.46  ? 74  LEU B CB  1 
ATOM   965  C CG  . LEU B 1 32  ? 2.091   0.579   -17.693 1.00 96.79  ? 74  LEU B CG  1 
ATOM   966  C CD1 . LEU B 1 32  ? 0.897   1.450   -18.085 1.00 97.18  ? 74  LEU B CD1 1 
ATOM   967  C CD2 . LEU B 1 32  ? 2.845   1.175   -16.498 1.00 94.89  ? 74  LEU B CD2 1 
ATOM   968  N N   . ARG B 1 33  ? 1.439   -3.850  -17.309 1.00 82.22  ? 75  ARG B N   1 
ATOM   969  C CA  . ARG B 1 33  ? 0.843   -5.073  -16.812 1.00 92.04  ? 75  ARG B CA  1 
ATOM   970  C C   . ARG B 1 33  ? 1.924   -6.030  -16.286 1.00 92.47  ? 75  ARG B C   1 
ATOM   971  O O   . ARG B 1 33  ? 1.681   -6.819  -15.364 1.00 92.44  ? 75  ARG B O   1 
ATOM   972  C CB  . ARG B 1 33  ? -0.019  -5.746  -17.901 1.00 105.87 ? 75  ARG B CB  1 
ATOM   973  C CG  . ARG B 1 33  ? 0.732   -6.556  -18.968 1.00 120.64 ? 75  ARG B CG  1 
ATOM   974  C CD  . ARG B 1 33  ? -0.102  -7.685  -19.593 1.00 129.32 ? 75  ARG B CD  1 
ATOM   975  N NE  . ARG B 1 33  ? -1.199  -7.186  -20.447 1.00 130.86 ? 75  ARG B NE  1 
ATOM   976  C CZ  . ARG B 1 33  ? -2.504  -7.312  -20.192 1.00 124.17 ? 75  ARG B CZ  1 
ATOM   977  N NH1 . ARG B 1 33  ? -3.401  -6.804  -21.037 1.00 117.29 ? 75  ARG B NH1 1 
ATOM   978  N NH2 . ARG B 1 33  ? -2.930  -7.946  -19.101 1.00 132.74 ? 75  ARG B NH2 1 
ATOM   979  N N   . ASP B 1 34  ? 3.116   -5.956  -16.866 1.00 84.60  ? 76  ASP B N   1 
ATOM   980  C CA  . ASP B 1 34  ? 4.190   -6.882  -16.505 1.00 81.76  ? 76  ASP B CA  1 
ATOM   981  C C   . ASP B 1 34  ? 4.651   -6.513  -15.093 1.00 70.74  ? 76  ASP B C   1 
ATOM   982  O O   . ASP B 1 34  ? 4.834   -7.373  -14.260 1.00 64.82  ? 76  ASP B O   1 
ATOM   983  C CB  . ASP B 1 34  ? 5.366   -6.825  -17.530 1.00 92.09  ? 76  ASP B CB  1 
ATOM   984  C CG  . ASP B 1 34  ? 5.627   -8.186  -18.265 1.00 93.73  ? 76  ASP B CG  1 
ATOM   985  O OD1 . ASP B 1 34  ? 4.680   -9.018  -18.395 1.00 84.73  ? 76  ASP B OD1 1 
ATOM   986  O OD2 . ASP B 1 34  ? 6.780   -8.381  -18.758 1.00 80.65  ? 76  ASP B OD2 1 
ATOM   987  N N   . ILE B 1 35  ? 4.810   -5.226  -14.819 1.00 65.38  ? 77  ILE B N   1 
ATOM   988  C CA  . ILE B 1 35  ? 5.381   -4.776  -13.549 1.00 67.12  ? 77  ILE B CA  1 
ATOM   989  C C   . ILE B 1 35  ? 4.507   -5.130  -12.363 1.00 70.61  ? 77  ILE B C   1 
ATOM   990  O O   . ILE B 1 35  ? 4.999   -5.586  -11.316 1.00 73.44  ? 77  ILE B O   1 
ATOM   991  C CB  . ILE B 1 35  ? 5.502   -3.248  -13.468 1.00 70.88  ? 77  ILE B CB  1 
ATOM   992  C CG1 . ILE B 1 35  ? 6.454   -2.691  -14.540 1.00 71.23  ? 77  ILE B CG1 1 
ATOM   993  C CG2 . ILE B 1 35  ? 5.927   -2.848  -12.061 1.00 68.61  ? 77  ILE B CG2 1 
ATOM   994  C CD1 . ILE B 1 35  ? 5.831   -1.762  -15.575 1.00 71.88  ? 77  ILE B CD1 1 
ATOM   995  N N   . HIS B 1 36  ? 3.218   -4.814  -12.503 1.00 71.40  ? 78  HIS B N   1 
ATOM   996  C CA  . HIS B 1 36  ? 2.222   -5.141  -11.493 1.00 72.08  ? 78  HIS B CA  1 
ATOM   997  C C   . HIS B 1 36  ? 2.338   -6.612  -11.131 1.00 66.59  ? 78  HIS B C   1 
ATOM   998  O O   . HIS B 1 36  ? 2.451   -6.940  -9.961  1.00 60.82  ? 78  HIS B O   1 
ATOM   999  C CB  . HIS B 1 36  ? 0.794   -4.812  -11.987 1.00 69.96  ? 78  HIS B CB  1 
ATOM   1000 C CG  . HIS B 1 36  ? -0.290  -5.161  -11.007 1.00 76.50  ? 78  HIS B CG  1 
ATOM   1001 N ND1 . HIS B 1 36  ? -0.650  -4.340  -9.953  1.00 79.02  ? 78  HIS B ND1 1 
ATOM   1002 C CD2 . HIS B 1 36  ? -1.090  -6.251  -10.922 1.00 91.51  ? 78  HIS B CD2 1 
ATOM   1003 C CE1 . HIS B 1 36  ? -1.623  -4.912  -9.260  1.00 85.29  ? 78  HIS B CE1 1 
ATOM   1004 N NE2 . HIS B 1 36  ? -1.906  -6.073  -9.825  1.00 97.21  ? 78  HIS B NE2 1 
ATOM   1005 N N   . ALA B 1 37  ? 2.332   -7.473  -12.147 1.00 69.27  ? 79  ALA B N   1 
ATOM   1006 C CA  . ALA B 1 37  ? 2.544   -8.929  -11.989 1.00 65.88  ? 79  ALA B CA  1 
ATOM   1007 C C   . ALA B 1 37  ? 3.816   -9.290  -11.184 1.00 67.15  ? 79  ALA B C   1 
ATOM   1008 O O   . ALA B 1 37  ? 3.807   -10.153 -10.281 1.00 59.38  ? 79  ALA B O   1 
ATOM   1009 C CB  . ALA B 1 37  ? 2.617   -9.581  -13.357 1.00 64.53  ? 79  ALA B CB  1 
ATOM   1010 N N   . THR B 1 38  ? 4.918   -8.642  -11.528 1.00 66.48  ? 80  THR B N   1 
ATOM   1011 C CA  . THR B 1 38  ? 6.176   -8.830  -10.802 1.00 73.11  ? 80  THR B CA  1 
ATOM   1012 C C   . THR B 1 38  ? 6.005   -8.501  -9.325  1.00 68.41  ? 80  THR B C   1 
ATOM   1013 O O   . THR B 1 38  ? 6.375   -9.291  -8.459  1.00 65.46  ? 80  THR B O   1 
ATOM   1014 C CB  . THR B 1 38  ? 7.304   -7.904  -11.332 1.00 80.96  ? 80  THR B CB  1 
ATOM   1015 O OG1 . THR B 1 38  ? 7.255   -7.812  -12.767 1.00 100.04 ? 80  THR B OG1 1 
ATOM   1016 C CG2 . THR B 1 38  ? 8.669   -8.414  -10.882 1.00 82.41  ? 80  THR B CG2 1 
ATOM   1017 N N   . SER B 1 39  ? 5.467   -7.314  -9.059  1.00 65.18  ? 81  SER B N   1 
ATOM   1018 C CA  . SER B 1 39  ? 5.194   -6.857  -7.691  1.00 67.05  ? 81  SER B CA  1 
ATOM   1019 C C   . SER B 1 39  ? 4.344   -7.825  -6.857  1.00 60.30  ? 81  SER B C   1 
ATOM   1020 O O   . SER B 1 39  ? 4.662   -8.102  -5.724  1.00 63.74  ? 81  SER B O   1 
ATOM   1021 C CB  . SER B 1 39  ? 4.547   -5.449  -7.698  1.00 69.04  ? 81  SER B CB  1 
ATOM   1022 O OG  . SER B 1 39  ? 3.153   -5.464  -7.954  1.00 57.68  ? 81  SER B OG  1 
ATOM   1023 N N   . ILE B 1 40  ? 3.275   -8.331  -7.439  1.00 61.45  ? 82  ILE B N   1 
ATOM   1024 C CA  . ILE B 1 40  ? 2.405   -9.332  -6.806  1.00 64.83  ? 82  ILE B CA  1 
ATOM   1025 C C   . ILE B 1 40  ? 3.104   -10.690 -6.534  1.00 69.32  ? 82  ILE B C   1 
ATOM   1026 O O   . ILE B 1 40  ? 2.850   -11.355 -5.527  1.00 65.30  ? 82  ILE B O   1 
ATOM   1027 C CB  . ILE B 1 40  ? 1.189   -9.615  -7.719  1.00 65.35  ? 82  ILE B CB  1 
ATOM   1028 C CG1 . ILE B 1 40  ? 0.396   -8.331  -8.016  1.00 72.85  ? 82  ILE B CG1 1 
ATOM   1029 C CG2 . ILE B 1 40  ? 0.286   -10.683 -7.119  1.00 65.10  ? 82  ILE B CG2 1 
ATOM   1030 C CD1 . ILE B 1 40  ? -0.383  -7.752  -6.852  1.00 80.27  ? 82  ILE B CD1 1 
ATOM   1031 N N   . ARG B 1 41  ? 3.943   -11.132 -7.466  1.00 73.87  ? 83  ARG B N   1 
ATOM   1032 C CA  . ARG B 1 41  ? 4.680   -12.371 -7.287  1.00 71.18  ? 83  ARG B CA  1 
ATOM   1033 C C   . ARG B 1 41  ? 5.690   -12.249 -6.165  1.00 71.98  ? 83  ARG B C   1 
ATOM   1034 O O   . ARG B 1 41  ? 5.868   -13.183 -5.405  1.00 75.63  ? 83  ARG B O   1 
ATOM   1035 C CB  . ARG B 1 41  ? 5.414   -12.730 -8.556  1.00 76.72  ? 83  ARG B CB  1 
ATOM   1036 C CG  . ARG B 1 41  ? 6.068   -14.103 -8.520  1.00 79.43  ? 83  ARG B CG  1 
ATOM   1037 C CD  . ARG B 1 41  ? 7.419   -14.036 -9.194  1.00 83.47  ? 83  ARG B CD  1 
ATOM   1038 N NE  . ARG B 1 41  ? 8.325   -13.152 -8.463  1.00 88.73  ? 83  ARG B NE  1 
ATOM   1039 C CZ  . ARG B 1 41  ? 9.331   -12.460 -9.010  1.00 99.35  ? 83  ARG B CZ  1 
ATOM   1040 N NH1 . ARG B 1 41  ? 9.573   -12.510 -10.330 1.00 98.89  ? 83  ARG B NH1 1 
ATOM   1041 N NH2 . ARG B 1 41  ? 10.098  -11.694 -8.233  1.00 99.27  ? 83  ARG B NH2 1 
ATOM   1042 N N   . GLU B 1 42  ? 6.342   -11.095 -6.069  1.00 78.60  ? 84  GLU B N   1 
ATOM   1043 C CA  . GLU B 1 42  ? 7.335   -10.860 -5.028  1.00 79.16  ? 84  GLU B CA  1 
ATOM   1044 C C   . GLU B 1 42  ? 6.671   -10.639 -3.674  1.00 75.63  ? 84  GLU B C   1 
ATOM   1045 O O   . GLU B 1 42  ? 7.264   -10.907 -2.629  1.00 79.17  ? 84  GLU B O   1 
ATOM   1046 C CB  . GLU B 1 42  ? 8.212   -9.659  -5.387  1.00 83.70  ? 84  GLU B CB  1 
ATOM   1047 C CG  . GLU B 1 42  ? 9.050   -9.136  -4.231  1.00 91.32  ? 84  GLU B CG  1 
ATOM   1048 C CD  . GLU B 1 42  ? 10.098  -10.131 -3.773  1.00 104.06 ? 84  GLU B CD  1 
ATOM   1049 O OE1 . GLU B 1 42  ? 9.789   -11.341 -3.721  1.00 116.06 ? 84  GLU B OE1 1 
ATOM   1050 O OE2 . GLU B 1 42  ? 11.230  -9.705  -3.465  1.00 98.98  ? 84  GLU B OE2 1 
ATOM   1051 N N   . LEU B 1 43  ? 5.435   -10.146 -3.699  1.00 85.21  ? 85  LEU B N   1 
ATOM   1052 C CA  . LEU B 1 43  ? 4.688   -9.889  -2.475  1.00 90.07  ? 85  LEU B CA  1 
ATOM   1053 C C   . LEU B 1 43  ? 4.050   -11.165 -1.940  1.00 91.34  ? 85  LEU B C   1 
ATOM   1054 O O   . LEU B 1 43  ? 3.829   -11.305 -0.736  1.00 87.09  ? 85  LEU B O   1 
ATOM   1055 C CB  . LEU B 1 43  ? 3.615   -8.826  -2.716  1.00 81.69  ? 85  LEU B CB  1 
ATOM   1056 C CG  . LEU B 1 43  ? 3.210   -7.983  -1.504  1.00 74.44  ? 85  LEU B CG  1 
ATOM   1057 C CD1 . LEU B 1 43  ? 4.366   -7.106  -1.050  1.00 69.36  ? 85  LEU B CD1 1 
ATOM   1058 C CD2 . LEU B 1 43  ? 1.984   -7.141  -1.820  1.00 78.14  ? 85  LEU B CD2 1 
ATOM   1059 N N   . GLU B 1 44  ? 3.755   -12.097 -2.841  1.00 101.70 ? 86  GLU B N   1 
ATOM   1060 C CA  . GLU B 1 44  ? 3.143   -13.364 -2.463  1.00 108.20 ? 86  GLU B CA  1 
ATOM   1061 C C   . GLU B 1 44  ? 4.114   -14.228 -1.665  1.00 116.70 ? 86  GLU B C   1 
ATOM   1062 O O   . GLU B 1 44  ? 3.767   -14.749 -0.604  1.00 142.13 ? 86  GLU B O   1 
ATOM   1063 C CB  . GLU B 1 44  ? 2.663   -14.120 -3.703  1.00 107.77 ? 86  GLU B CB  1 
ATOM   1064 C CG  . GLU B 1 44  ? 2.351   -15.586 -3.455  1.00 113.20 ? 86  GLU B CG  1 
ATOM   1065 C CD  . GLU B 1 44  ? 2.856   -16.487 -4.564  1.00 119.53 ? 86  GLU B CD  1 
ATOM   1066 O OE1 . GLU B 1 44  ? 3.879   -16.140 -5.194  1.00 126.85 ? 86  GLU B OE1 1 
ATOM   1067 O OE2 . GLU B 1 44  ? 2.233   -17.541 -4.808  1.00 127.34 ? 86  GLU B OE2 1 
ATOM   1068 N N   . ASP B 1 45  ? 5.328   -14.376 -2.181  1.00 100.12 ? 87  ASP B N   1 
ATOM   1069 C CA  . ASP B 1 45  ? 6.351   -15.178 -1.517  1.00 106.86 ? 87  ASP B CA  1 
ATOM   1070 C C   . ASP B 1 45  ? 5.395   -16.352 -1.335  1.00 119.79 ? 87  ASP B C   1 
ATOM   1071 O O   . ASP B 1 45  ? 4.884   -16.907 -2.309  1.00 139.98 ? 87  ASP B O   1 
ATOM   1072 C CB  . ASP B 1 45  ? 6.813   -14.496 -0.229  1.00 125.86 ? 87  ASP B CB  1 
ATOM   1073 C CG  . ASP B 1 45  ? 7.867   -15.298 0.508   1.00 139.23 ? 87  ASP B CG  1 
ATOM   1074 O OD1 . ASP B 1 45  ? 7.531   -16.377 1.040   1.00 138.80 ? 87  ASP B OD1 1 
ATOM   1075 O OD2 . ASP B 1 45  ? 9.031   -14.849 0.558   1.00 139.86 ? 87  ASP B OD2 1 
ATOM   1076 N N   . GLY B 1 46  ? 5.182   -16.736 -0.080  1.00 112.16 ? 88  GLY B N   1 
ATOM   1077 C CA  . GLY B 1 46  ? 4.269   -17.811 0.257   1.00 108.10 ? 88  GLY B CA  1 
ATOM   1078 C C   . GLY B 1 46  ? 3.038   -17.163 0.854   1.00 112.07 ? 88  GLY B C   1 
ATOM   1079 O O   . GLY B 1 46  ? 3.135   -16.374 1.794   1.00 117.28 ? 88  GLY B O   1 
ATOM   1080 N N   . LEU B 1 47  ? 1.875   -17.487 0.301   1.00 116.17 ? 89  LEU B N   1 
ATOM   1081 C CA  . LEU B 1 47  ? 0.629   -16.891 0.768   1.00 116.27 ? 89  LEU B CA  1 
ATOM   1082 C C   . LEU B 1 47  ? -0.254  -18.135 0.813   1.00 123.02 ? 89  LEU B C   1 
ATOM   1083 O O   . LEU B 1 47  ? -0.076  -19.061 0.023   1.00 126.93 ? 89  LEU B O   1 
ATOM   1084 C CB  . LEU B 1 47  ? 0.121   -15.631 0.064   1.00 99.30  ? 89  LEU B CB  1 
ATOM   1085 C CG  . LEU B 1 47  ? 1.022   -14.398 0.147   1.00 97.74  ? 89  LEU B CG  1 
ATOM   1086 C CD1 . LEU B 1 47  ? 0.211   -13.125 -0.041  1.00 93.16  ? 89  LEU B CD1 1 
ATOM   1087 C CD2 . LEU B 1 47  ? 1.775   -14.370 1.468   1.00 108.24 ? 89  LEU B CD2 1 
ATOM   1088 N N   . ALA B 1 48  ? -1.245  -18.122 1.693   1.00 134.39 ? 90  ALA B N   1 
ATOM   1089 C CA  . ALA B 1 48  ? -2.235  -19.190 1.761   1.00 146.42 ? 90  ALA B CA  1 
ATOM   1090 C C   . ALA B 1 48  ? -3.325  -18.885 0.738   1.00 151.70 ? 90  ALA B C   1 
ATOM   1091 O O   . ALA B 1 48  ? -3.192  -17.944 -0.054  1.00 160.24 ? 90  ALA B O   1 
ATOM   1092 C CB  . ALA B 1 48  ? -2.904  -19.223 3.126   1.00 135.76 ? 90  ALA B CB  1 
ATOM   1093 N N   . PRO B 1 49  ? -4.443  -19.737 0.772   1.00 152.04 ? 91  PRO B N   1 
ATOM   1094 C CA  . PRO B 1 49  ? -5.409  -19.474 -0.313  1.00 144.76 ? 91  PRO B CA  1 
ATOM   1095 C C   . PRO B 1 49  ? -5.829  -18.009 -0.376  1.00 138.90 ? 91  PRO B C   1 
ATOM   1096 O O   . PRO B 1 49  ? -6.568  -17.619 -1.281  1.00 131.19 ? 91  PRO B O   1 
ATOM   1097 C CB  . PRO B 1 49  ? -6.651  -20.265 0.103   1.00 142.86 ? 91  PRO B CB  1 
ATOM   1098 C CG  . PRO B 1 49  ? -6.110  -21.446 0.805   1.00 152.73 ? 91  PRO B CG  1 
ATOM   1099 C CD  . PRO B 1 49  ? -5.074  -20.820 1.680   1.00 156.24 ? 91  PRO B CD  1 
ATOM   1100 N N   . GLU B 1 50  ? -5.362  -17.212 0.578   1.00 135.98 ? 92  GLU B N   1 
ATOM   1101 C CA  . GLU B 1 50  ? -5.630  -15.778 0.584   1.00 131.98 ? 92  GLU B CA  1 
ATOM   1102 C C   . GLU B 1 50  ? -5.216  -15.134 -0.734  1.00 129.05 ? 92  GLU B C   1 
ATOM   1103 O O   . GLU B 1 50  ? -5.592  -13.998 -1.027  1.00 125.58 ? 92  GLU B O   1 
ATOM   1104 C CB  . GLU B 1 50  ? -4.908  -15.103 1.750   1.00 135.96 ? 92  GLU B CB  1 
ATOM   1105 C CG  . GLU B 1 50  ? -5.135  -13.603 1.836   1.00 146.75 ? 92  GLU B CG  1 
ATOM   1106 C CD  . GLU B 1 50  ? -4.087  -12.810 1.080   1.00 160.71 ? 92  GLU B CD  1 
ATOM   1107 O OE1 . GLU B 1 50  ? -2.991  -13.355 0.833   1.00 169.13 ? 92  GLU B OE1 1 
ATOM   1108 O OE2 . GLU B 1 50  ? -4.359  -11.641 0.734   1.00 157.23 ? 92  GLU B OE2 1 
ATOM   1109 N N   . LEU B 1 51  ? -4.438  -15.865 -1.527  1.00 135.26 ? 93  LEU B N   1 
ATOM   1110 C CA  . LEU B 1 51  ? -3.971  -15.366 -2.814  1.00 128.42 ? 93  LEU B CA  1 
ATOM   1111 C C   . LEU B 1 51  ? -5.136  -14.896 -3.680  1.00 125.60 ? 93  LEU B C   1 
ATOM   1112 O O   . LEU B 1 51  ? -4.989  -13.982 -4.491  1.00 129.13 ? 93  LEU B O   1 
ATOM   1113 C CB  . LEU B 1 51  ? -3.171  -16.443 -3.548  1.00 125.37 ? 93  LEU B CB  1 
ATOM   1114 C CG  . LEU B 1 51  ? -1.671  -16.187 -3.701  1.00 114.28 ? 93  LEU B CG  1 
ATOM   1115 C CD1 . LEU B 1 51  ? -1.128  -15.433 -2.497  1.00 116.84 ? 93  LEU B CD1 1 
ATOM   1116 C CD2 . LEU B 1 51  ? -0.919  -17.495 -3.903  1.00 111.35 ? 93  LEU B CD2 1 
ATOM   1117 N N   . ARG B 1 52  ? -6.291  -15.527 -3.502  1.00 124.32 ? 94  ARG B N   1 
ATOM   1118 C CA  . ARG B 1 52  ? -7.482  -15.176 -4.267  1.00 136.24 ? 94  ARG B CA  1 
ATOM   1119 C C   . ARG B 1 52  ? -7.769  -13.682 -4.182  1.00 126.89 ? 94  ARG B C   1 
ATOM   1120 O O   . ARG B 1 52  ? -7.974  -13.021 -5.199  1.00 120.92 ? 94  ARG B O   1 
ATOM   1121 C CB  . ARG B 1 52  ? -8.690  -15.973 -3.771  1.00 158.80 ? 94  ARG B CB  1 
ATOM   1122 C CG  . ARG B 1 52  ? -10.028 -15.427 -4.239  1.00 168.46 ? 94  ARG B CG  1 
ATOM   1123 C CD  . ARG B 1 52  ? -9.954  -14.937 -5.676  1.00 174.70 ? 94  ARG B CD  1 
ATOM   1124 N NE  . ARG B 1 52  ? -10.953 -13.911 -5.957  1.00 180.84 ? 94  ARG B NE  1 
ATOM   1125 C CZ  . ARG B 1 52  ? -11.936 -14.047 -6.840  1.00 181.98 ? 94  ARG B CZ  1 
ATOM   1126 N NH1 . ARG B 1 52  ? -12.801 -13.061 -7.031  1.00 177.09 ? 94  ARG B NH1 1 
ATOM   1127 N NH2 . ARG B 1 52  ? -12.057 -15.171 -7.533  1.00 192.33 ? 94  ARG B NH2 1 
ATOM   1128 N N   . GLU B 1 53  ? -7.783  -13.154 -2.963  1.00 127.69 ? 95  GLU B N   1 
ATOM   1129 C CA  . GLU B 1 53  ? -8.044  -11.738 -2.743  1.00 125.29 ? 95  GLU B CA  1 
ATOM   1130 C C   . GLU B 1 53  ? -6.960  -10.873 -3.380  1.00 127.34 ? 95  GLU B C   1 
ATOM   1131 O O   . GLU B 1 53  ? -7.238  -9.786  -3.887  1.00 140.97 ? 95  GLU B O   1 
ATOM   1132 C CB  . GLU B 1 53  ? -8.144  -11.436 -1.246  1.00 120.04 ? 95  GLU B CB  1 
ATOM   1133 C CG  . GLU B 1 53  ? -8.046  -9.959  -0.903  1.00 124.67 ? 95  GLU B CG  1 
ATOM   1134 C CD  . GLU B 1 53  ? -9.314  -9.198  -1.238  1.00 139.27 ? 95  GLU B CD  1 
ATOM   1135 O OE1 . GLU B 1 53  ? -10.415 -9.753  -1.037  1.00 162.54 ? 95  GLU B OE1 1 
ATOM   1136 O OE2 . GLU B 1 53  ? -9.210  -8.043  -1.705  1.00 132.27 ? 95  GLU B OE2 1 
ATOM   1137 N N   . GLU B 1 54  ? -5.726  -11.364 -3.350  1.00 132.29 ? 96  GLU B N   1 
ATOM   1138 C CA  . GLU B 1 54  ? -4.600  -10.639 -3.926  1.00 127.17 ? 96  GLU B CA  1 
ATOM   1139 C C   . GLU B 1 54  ? -4.580  -10.768 -5.445  1.00 127.26 ? 96  GLU B C   1 
ATOM   1140 O O   . GLU B 1 54  ? -4.037  -9.913  -6.144  1.00 116.24 ? 96  GLU B O   1 
ATOM   1141 C CB  . GLU B 1 54  ? -3.280  -11.145 -3.338  1.00 125.30 ? 96  GLU B CB  1 
ATOM   1142 C CG  . GLU B 1 54  ? -2.045  -10.463 -3.905  1.00 117.38 ? 96  GLU B CG  1 
ATOM   1143 C CD  . GLU B 1 54  ? -1.070  -10.035 -2.825  1.00 119.15 ? 96  GLU B CD  1 
ATOM   1144 O OE1 . GLU B 1 54  ? -1.309  -8.988  -2.187  1.00 115.36 ? 96  GLU B OE1 1 
ATOM   1145 O OE2 . GLU B 1 54  ? -0.065  -10.746 -2.616  1.00 112.14 ? 96  GLU B OE2 1 
ATOM   1146 N N   . LEU B 1 55  ? -5.175  -11.844 -5.950  1.00 132.36 ? 97  LEU B N   1 
ATOM   1147 C CA  . LEU B 1 55  ? -5.228  -12.088 -7.387  1.00 135.83 ? 97  LEU B CA  1 
ATOM   1148 C C   . LEU B 1 55  ? -6.684  -12.159 -7.835  1.00 133.34 ? 97  LEU B C   1 
ATOM   1149 O O   . LEU B 1 55  ? -6.995  -12.723 -8.883  1.00 136.10 ? 97  LEU B O   1 
ATOM   1150 C CB  . LEU B 1 55  ? -4.736  -13.499 -7.710  1.00 138.95 ? 97  LEU B CB  1 
ATOM   1151 C CG  . LEU B 1 55  ? -4.910  -13.963 -9.158  1.00 137.52 ? 97  LEU B CG  1 
ATOM   1152 C CD1 . LEU B 1 55  ? -3.653  -14.661 -9.652  1.00 129.13 ? 97  LEU B CD1 1 
ATOM   1153 C CD2 . LEU B 1 55  ? -6.121  -14.875 -9.287  1.00 133.69 ? 97  LEU B CD2 1 
ATOM   1154 N N   . ASP B 1 56  ? -7.574  -11.584 -7.031  1.00 137.87 ? 98  ASP B N   1 
ATOM   1155 C CA  . ASP B 1 56  ? -8.963  -11.368 -7.415  1.00 152.39 ? 98  ASP B CA  1 
ATOM   1156 C C   . ASP B 1 56  ? -9.110  -10.063 -8.192  1.00 154.07 ? 98  ASP B C   1 
ATOM   1157 O O   . ASP B 1 56  ? -9.392  -9.014  -7.616  1.00 162.40 ? 98  ASP B O   1 
ATOM   1158 C CB  . ASP B 1 56  ? -9.866  -11.355 -6.181  1.00 163.05 ? 98  ASP B CB  1 
ATOM   1159 C CG  . ASP B 1 56  ? -11.268 -10.868 -6.488  1.00 167.21 ? 98  ASP B CG  1 
ATOM   1160 O OD1 . ASP B 1 56  ? -11.843 -10.138 -5.652  1.00 154.46 ? 98  ASP B OD1 1 
ATOM   1161 O OD2 . ASP B 1 56  ? -11.795 -11.214 -7.567  1.00 170.80 ? 98  ASP B OD2 1 
ATOM   1162 N N   . ARG B 1 57  ? -8.915  -10.138 -9.506  1.00 146.84 ? 99  ARG B N   1 
ATOM   1163 C CA  . ARG B 1 57  ? -9.025  -8.964  -10.364 1.00 149.47 ? 99  ARG B CA  1 
ATOM   1164 C C   . ARG B 1 57  ? -8.265  -7.838  -9.671  1.00 152.32 ? 99  ARG B C   1 
ATOM   1165 O O   . ARG B 1 57  ? -8.677  -6.678  -9.717  1.00 173.00 ? 99  ARG B O   1 
ATOM   1166 C CB  . ARG B 1 57  ? -10.471 -8.467  -10.393 1.00 143.17 ? 99  ARG B CB  1 
ATOM   1167 C CG  . ARG B 1 57  ? -11.449 -9.437  -11.035 1.00 137.02 ? 99  ARG B CG  1 
ATOM   1168 C CD  . ARG B 1 57  ? -12.663 -8.711  -11.591 1.00 137.20 ? 99  ARG B CD  1 
ATOM   1169 N NE  . ARG B 1 57  ? -12.493 -8.355  -12.997 1.00 138.09 ? 99  ARG B NE  1 
ATOM   1170 C CZ  . ARG B 1 57  ? -13.481 -7.950  -13.790 1.00 133.47 ? 99  ARG B CZ  1 
ATOM   1171 N NH1 . ARG B 1 57  ? -14.715 -7.849  -13.315 1.00 134.68 ? 99  ARG B NH1 1 
ATOM   1172 N NH2 . ARG B 1 57  ? -13.235 -7.648  -15.056 1.00 131.58 ? 99  ARG B NH2 1 
ATOM   1173 N N   . LEU B 1 58  ? -7.156  -8.187  -9.028  1.00 137.39 ? 100 LEU B N   1 
ATOM   1174 C CA  . LEU B 1 58  ? -6.204  -7.215  -8.509  1.00 132.25 ? 100 LEU B CA  1 
ATOM   1175 C C   . LEU B 1 58  ? -5.220  -6.774  -9.589  1.00 122.22 ? 100 LEU B C   1 
ATOM   1176 O O   . LEU B 1 58  ? -4.029  -7.075  -9.517  1.00 116.26 ? 100 LEU B O   1 
ATOM   1177 C CB  . LEU B 1 58  ? -5.444  -7.792  -7.312  1.00 130.99 ? 100 LEU B CB  1 
ATOM   1178 C CG  . LEU B 1 58  ? -5.639  -7.074  -5.975  1.00 123.38 ? 100 LEU B CG  1 
ATOM   1179 C CD1 . LEU B 1 58  ? -5.039  -5.677  -6.023  1.00 125.43 ? 100 LEU B CD1 1 
ATOM   1180 C CD2 . LEU B 1 58  ? -7.113  -7.016  -5.605  1.00 123.30 ? 100 LEU B CD2 1 
ATOM   1181 N N   . THR B 1 59  ? -5.729  -6.061  -10.588 1.00 126.07 ? 101 THR B N   1 
ATOM   1182 C CA  . THR B 1 59  ? -4.898  -5.580  -11.685 1.00 122.92 ? 101 THR B CA  1 
ATOM   1183 C C   . THR B 1 59  ? -5.412  -4.225  -12.160 1.00 103.22 ? 101 THR B C   1 
ATOM   1184 O O   . THR B 1 59  ? -6.481  -3.777  -11.746 1.00 91.06  ? 101 THR B O   1 
ATOM   1185 C CB  . THR B 1 59  ? -4.742  -6.644  -12.787 1.00 125.05 ? 101 THR B CB  1 
ATOM   1186 O OG1 . THR B 1 59  ? -5.892  -6.621  -13.643 1.00 120.20 ? 101 THR B OG1 1 
ATOM   1187 C CG2 . THR B 1 59  ? -4.601  -8.029  -12.173 1.00 117.01 ? 101 THR B CG2 1 
ATOM   1188 N N   . LEU B 1 60  ? -4.654  -3.574  -13.014 1.00 89.07  ? 102 LEU B N   1 
ATOM   1189 C CA  . LEU B 1 60  ? -5.122  -2.340  -13.588 1.00 94.87  ? 102 LEU B CA  1 
ATOM   1190 C C   . LEU B 1 60  ? -6.149  -2.462  -14.702 1.00 106.80 ? 102 LEU B C   1 
ATOM   1191 O O   . LEU B 1 60  ? -6.182  -3.454  -15.407 1.00 119.79 ? 102 LEU B O   1 
ATOM   1192 C CB  . LEU B 1 60  ? -3.972  -1.634  -14.269 1.00 90.03  ? 102 LEU B CB  1 
ATOM   1193 C CG  . LEU B 1 60  ? -2.679  -1.473  -13.468 1.00 80.95  ? 102 LEU B CG  1 
ATOM   1194 C CD1 . LEU B 1 60  ? -2.794  -1.843  -12.018 1.00 82.08  ? 102 LEU B CD1 1 
ATOM   1195 C CD2 . LEU B 1 60  ? -1.575  -2.280  -14.091 1.00 80.84  ? 102 LEU B CD2 1 
ATOM   1196 N N   . PRO B 1 61  ? -7.007  -1.459  -14.833 1.00 113.14 ? 103 PRO B N   1 
ATOM   1197 C CA  . PRO B 1 61  ? -8.223  -1.528  -15.665 1.00 115.43 ? 103 PRO B CA  1 
ATOM   1198 C C   . PRO B 1 61  ? -8.049  -1.239  -17.161 1.00 118.75 ? 103 PRO B C   1 
ATOM   1199 O O   . PRO B 1 61  ? -7.753  -0.097  -17.529 1.00 120.84 ? 103 PRO B O   1 
ATOM   1200 C CB  . PRO B 1 61  ? -9.078  -0.428  -15.043 1.00 111.61 ? 103 PRO B CB  1 
ATOM   1201 C CG  . PRO B 1 61  ? -8.071  0.602   -14.610 1.00 106.01 ? 103 PRO B CG  1 
ATOM   1202 C CD  . PRO B 1 61  ? -6.780  -0.105  -14.311 1.00 101.97 ? 103 PRO B CD  1 
ATOM   1203 N N   . PHE B 1 62  ? -8.248  -2.258  -18.003 1.00 124.02 ? 104 PHE B N   1 
ATOM   1204 C CA  . PHE B 1 62  ? -8.237  -2.085  -19.472 1.00 128.14 ? 104 PHE B CA  1 
ATOM   1205 C C   . PHE B 1 62  ? -9.539  -2.590  -20.110 1.00 128.01 ? 104 PHE B C   1 
ATOM   1206 O O   . PHE B 1 62  ? -10.166 -1.886  -20.912 1.00 113.63 ? 104 PHE B O   1 
ATOM   1207 C CB  . PHE B 1 62  ? -7.017  -2.783  -20.117 1.00 131.51 ? 104 PHE B CB  1 
ATOM   1208 C CG  . PHE B 1 62  ? -5.677  -2.239  -19.669 1.00 119.48 ? 104 PHE B CG  1 
ATOM   1209 C CD1 . PHE B 1 62  ? -5.483  -0.884  -19.491 1.00 108.44 ? 104 PHE B CD1 1 
ATOM   1210 C CD2 . PHE B 1 62  ? -4.604  -3.094  -19.450 1.00 127.32 ? 104 PHE B CD2 1 
ATOM   1211 C CE1 . PHE B 1 62  ? -4.264  -0.390  -19.078 1.00 112.87 ? 104 PHE B CE1 1 
ATOM   1212 C CE2 . PHE B 1 62  ? -3.374  -2.603  -19.039 1.00 123.89 ? 104 PHE B CE2 1 
ATOM   1213 C CZ  . PHE B 1 62  ? -3.205  -1.246  -18.854 1.00 119.54 ? 104 PHE B CZ  1 
ATOM   1214 N N   . PRO B 1 68  ? -6.356  -0.748  -26.298 1.00 112.04 ? 110 PRO B N   1 
ATOM   1215 C CA  . PRO B 1 68  ? -6.332  0.236   -25.194 1.00 116.95 ? 110 PRO B CA  1 
ATOM   1216 C C   . PRO B 1 68  ? -5.902  1.672   -25.566 1.00 105.85 ? 110 PRO B C   1 
ATOM   1217 O O   . PRO B 1 68  ? -4.908  1.864   -26.284 1.00 104.08 ? 110 PRO B O   1 
ATOM   1218 C CB  . PRO B 1 68  ? -5.332  -0.382  -24.208 1.00 112.18 ? 110 PRO B CB  1 
ATOM   1219 C CG  . PRO B 1 68  ? -5.540  -1.857  -24.382 1.00 112.03 ? 110 PRO B CG  1 
ATOM   1220 C CD  . PRO B 1 68  ? -5.957  -2.090  -25.828 1.00 110.19 ? 110 PRO B CD  1 
ATOM   1221 N N   . SER B 1 69  ? -6.650  2.659   -25.053 1.00 93.67  ? 111 SER B N   1 
ATOM   1222 C CA  . SER B 1 69  ? -6.431  4.068   -25.385 1.00 93.82  ? 111 SER B CA  1 
ATOM   1223 C C   . SER B 1 69  ? -5.409  4.636   -24.449 1.00 96.86  ? 111 SER B C   1 
ATOM   1224 O O   . SER B 1 69  ? -5.231  4.132   -23.349 1.00 101.28 ? 111 SER B O   1 
ATOM   1225 C CB  . SER B 1 69  ? -7.719  4.913   -25.304 1.00 89.47  ? 111 SER B CB  1 
ATOM   1226 O OG  . SER B 1 69  ? -7.960  5.425   -24.001 1.00 84.88  ? 111 SER B OG  1 
ATOM   1227 N N   . ASP B 1 70  ? -4.758  5.701   -24.890 1.00 100.20 ? 112 ASP B N   1 
ATOM   1228 C CA  . ASP B 1 70  ? -3.804  6.398   -24.061 1.00 99.37  ? 112 ASP B CA  1 
ATOM   1229 C C   . ASP B 1 70  ? -4.413  6.791   -22.694 1.00 102.25 ? 112 ASP B C   1 
ATOM   1230 O O   . ASP B 1 70  ? -3.779  6.574   -21.657 1.00 91.62  ? 112 ASP B O   1 
ATOM   1231 C CB  . ASP B 1 70  ? -3.289  7.631   -24.784 1.00 103.65 ? 112 ASP B CB  1 
ATOM   1232 C CG  . ASP B 1 70  ? -1.947  8.065   -24.270 1.00 112.96 ? 112 ASP B CG  1 
ATOM   1233 O OD1 . ASP B 1 70  ? -1.735  8.035   -23.036 1.00 115.13 ? 112 ASP B OD1 1 
ATOM   1234 O OD2 . ASP B 1 70  ? -1.092  8.423   -25.102 1.00 127.79 ? 112 ASP B OD2 1 
ATOM   1235 N N   . ALA B 1 71  ? -5.639  7.338   -22.703 1.00 108.67 ? 113 ALA B N   1 
ATOM   1236 C CA  . ALA B 1 71  ? -6.391  7.721   -21.472 1.00 102.95 ? 113 ALA B CA  1 
ATOM   1237 C C   . ALA B 1 71  ? -6.297  6.662   -20.365 1.00 94.84  ? 113 ALA B C   1 
ATOM   1238 O O   . ALA B 1 71  ? -5.945  6.950   -19.223 1.00 82.68  ? 113 ALA B O   1 
ATOM   1239 C CB  . ALA B 1 71  ? -7.859  7.979   -21.809 1.00 101.41 ? 113 ALA B CB  1 
ATOM   1240 N N   . GLU B 1 72  ? -6.594  5.427   -20.742 1.00 85.56  ? 114 GLU B N   1 
ATOM   1241 C CA  . GLU B 1 72  ? -6.568  4.303   -19.816 1.00 85.67  ? 114 GLU B CA  1 
ATOM   1242 C C   . GLU B 1 72  ? -5.164  3.812   -19.479 1.00 82.97  ? 114 GLU B C   1 
ATOM   1243 O O   . GLU B 1 72  ? -5.010  2.938   -18.622 1.00 77.20  ? 114 GLU B O   1 
ATOM   1244 C CB  . GLU B 1 72  ? -7.415  3.143   -20.351 1.00 91.78  ? 114 GLU B CB  1 
ATOM   1245 C CG  . GLU B 1 72  ? -7.434  2.982   -21.862 1.00 100.73 ? 114 GLU B CG  1 
ATOM   1246 C CD  . GLU B 1 72  ? -8.689  2.293   -22.369 1.00 110.59 ? 114 GLU B CD  1 
ATOM   1247 O OE1 . GLU B 1 72  ? -9.254  1.457   -21.636 1.00 117.27 ? 114 GLU B OE1 1 
ATOM   1248 O OE2 . GLU B 1 72  ? -9.111  2.574   -23.513 1.00 113.29 ? 114 GLU B OE2 1 
ATOM   1249 N N   . LEU B 1 73  ? -4.166  4.363   -20.168 1.00 83.23  ? 115 LEU B N   1 
ATOM   1250 C CA  . LEU B 1 73  ? -2.750  4.059   -19.939 1.00 79.86  ? 115 LEU B CA  1 
ATOM   1251 C C   . LEU B 1 73  ? -2.120  5.132   -19.075 1.00 69.27  ? 115 LEU B C   1 
ATOM   1252 O O   . LEU B 1 73  ? -1.163  4.897   -18.371 1.00 72.83  ? 115 LEU B O   1 
ATOM   1253 C CB  . LEU B 1 73  ? -1.981  3.947   -21.277 1.00 85.91  ? 115 LEU B CB  1 
ATOM   1254 C CG  . LEU B 1 73  ? -2.442  2.860   -22.282 1.00 88.59  ? 115 LEU B CG  1 
ATOM   1255 C CD1 . LEU B 1 73  ? -1.635  2.930   -23.577 1.00 89.64  ? 115 LEU B CD1 1 
ATOM   1256 C CD2 . LEU B 1 73  ? -2.431  1.435   -21.707 1.00 83.95  ? 115 LEU B CD2 1 
ATOM   1257 N N   . ARG B 1 74  ? -2.649  6.332   -19.151 1.00 67.83  ? 116 ARG B N   1 
ATOM   1258 C CA  . ARG B 1 74  ? -2.251  7.370   -18.224 1.00 79.51  ? 116 ARG B CA  1 
ATOM   1259 C C   . ARG B 1 74  ? -2.810  6.958   -16.867 1.00 73.59  ? 116 ARG B C   1 
ATOM   1260 O O   . ARG B 1 74  ? -2.111  6.955   -15.861 1.00 58.94  ? 116 ARG B O   1 
ATOM   1261 C CB  . ARG B 1 74  ? -2.861  8.709   -18.628 1.00 91.45  ? 116 ARG B CB  1 
ATOM   1262 C CG  . ARG B 1 74  ? -2.791  9.062   -20.123 1.00 102.31 ? 116 ARG B CG  1 
ATOM   1263 C CD  . ARG B 1 74  ? -1.581  9.896   -20.460 1.00 105.28 ? 116 ARG B CD  1 
ATOM   1264 N NE  . ARG B 1 74  ? -1.403  10.933  -19.445 1.00 123.21 ? 116 ARG B NE  1 
ATOM   1265 C CZ  . ARG B 1 74  ? -0.233  11.440  -19.063 1.00 129.28 ? 116 ARG B CZ  1 
ATOM   1266 N NH1 . ARG B 1 74  ? 0.898   11.022  -19.622 1.00 129.56 ? 116 ARG B NH1 1 
ATOM   1267 N NH2 . ARG B 1 74  ? -0.194  12.377  -18.119 1.00 125.28 ? 116 ARG B NH2 1 
ATOM   1268 N N   . ILE B 1 75  ? -4.092  6.600   -16.883 1.00 78.41  ? 117 ILE B N   1 
ATOM   1269 C CA  . ILE B 1 75  ? -4.841  6.151   -15.702 1.00 75.58  ? 117 ILE B CA  1 
ATOM   1270 C C   . ILE B 1 75  ? -4.160  4.924   -15.096 1.00 71.12  ? 117 ILE B C   1 
ATOM   1271 O O   . ILE B 1 75  ? -3.632  4.998   -14.002 1.00 68.59  ? 117 ILE B O   1 
ATOM   1272 C CB  . ILE B 1 75  ? -6.341  5.821   -16.034 1.00 79.88  ? 117 ILE B CB  1 
ATOM   1273 C CG1 . ILE B 1 75  ? -7.128  7.085   -16.455 1.00 87.32  ? 117 ILE B CG1 1 
ATOM   1274 C CG2 . ILE B 1 75  ? -7.043  5.214   -14.833 1.00 73.58  ? 117 ILE B CG2 1 
ATOM   1275 C CD1 . ILE B 1 75  ? -8.617  6.882   -16.740 1.00 90.07  ? 117 ILE B CD1 1 
ATOM   1276 N N   . ALA B 1 76  ? -4.147  3.803   -15.820 1.00 78.00  ? 118 ALA B N   1 
ATOM   1277 C CA  . ALA B 1 76  ? -3.563  2.526   -15.321 1.00 76.61  ? 118 ALA B CA  1 
ATOM   1278 C C   . ALA B 1 76  ? -2.155  2.679   -14.699 1.00 75.36  ? 118 ALA B C   1 
ATOM   1279 O O   . ALA B 1 76  ? -1.803  1.974   -13.751 1.00 70.97  ? 118 ALA B O   1 
ATOM   1280 C CB  . ALA B 1 76  ? -3.542  1.477   -16.426 1.00 70.27  ? 118 ALA B CB  1 
ATOM   1281 N N   . GLN B 1 77  ? -1.371  3.610   -15.231 1.00 74.47  ? 119 GLN B N   1 
ATOM   1282 C CA  . GLN B 1 77  ? -0.018  3.861   -14.757 1.00 71.31  ? 119 GLN B CA  1 
ATOM   1283 C C   . GLN B 1 77  ? 0.011   4.705   -13.494 1.00 69.86  ? 119 GLN B C   1 
ATOM   1284 O O   . GLN B 1 77  ? 0.990   4.698   -12.757 1.00 69.99  ? 119 GLN B O   1 
ATOM   1285 C CB  . GLN B 1 77  ? 0.738   4.622   -15.829 1.00 74.12  ? 119 GLN B CB  1 
ATOM   1286 C CG  . GLN B 1 77  ? 2.123   5.090   -15.421 1.00 76.05  ? 119 GLN B CG  1 
ATOM   1287 C CD  . GLN B 1 77  ? 2.482   6.362   -16.123 1.00 88.30  ? 119 GLN B CD  1 
ATOM   1288 O OE1 . GLN B 1 77  ? 1.667   6.887   -16.902 1.00 106.57 ? 119 GLN B OE1 1 
ATOM   1289 N NE2 . GLN B 1 77  ? 3.690   6.896   -15.846 1.00 93.93  ? 119 GLN B NE2 1 
ATOM   1290 N N   . ALA B 1 78  ? -1.021  5.504   -13.277 1.00 68.57  ? 120 ALA B N   1 
ATOM   1291 C CA  . ALA B 1 78  ? -1.088  6.324   -12.054 1.00 62.32  ? 120 ALA B CA  1 
ATOM   1292 C C   . ALA B 1 78  ? -1.416  5.376   -10.924 1.00 60.71  ? 120 ALA B C   1 
ATOM   1293 O O   . ALA B 1 78  ? -0.872  5.504   -9.816  1.00 56.39  ? 120 ALA B O   1 
ATOM   1294 C CB  . ALA B 1 78  ? -2.164  7.395   -12.165 1.00 58.35  ? 120 ALA B CB  1 
ATOM   1295 N N   . GLN B 1 79  ? -2.295  4.414   -11.237 1.00 60.62  ? 121 GLN B N   1 
ATOM   1296 C CA  . GLN B 1 79  ? -2.801  3.421   -10.283 1.00 58.53  ? 121 GLN B CA  1 
ATOM   1297 C C   . GLN B 1 79  ? -1.677  2.598   -9.695  1.00 56.99  ? 121 GLN B C   1 
ATOM   1298 O O   . GLN B 1 79  ? -1.722  2.175   -8.533  1.00 59.81  ? 121 GLN B O   1 
ATOM   1299 C CB  . GLN B 1 79  ? -3.772  2.498   -10.995 1.00 66.91  ? 121 GLN B CB  1 
ATOM   1300 C CG  . GLN B 1 79  ? -4.559  1.542   -10.091 1.00 77.07  ? 121 GLN B CG  1 
ATOM   1301 C CD  . GLN B 1 79  ? -5.898  1.083   -10.707 1.00 82.84  ? 121 GLN B CD  1 
ATOM   1302 O OE1 . GLN B 1 79  ? -6.326  1.573   -11.769 1.00 95.07  ? 121 GLN B OE1 1 
ATOM   1303 N NE2 . GLN B 1 79  ? -6.569  0.155   -10.035 1.00 78.84  ? 121 GLN B NE2 1 
ATOM   1304 N N   . LEU B 1 80  ? -0.645  2.426   -10.501 1.00 53.22  ? 122 LEU B N   1 
ATOM   1305 C CA  . LEU B 1 80  ? 0.480   1.589   -10.181 1.00 53.21  ? 122 LEU B CA  1 
ATOM   1306 C C   . LEU B 1 80  ? 1.593   2.302   -9.440  1.00 48.55  ? 122 LEU B C   1 
ATOM   1307 O O   . LEU B 1 80  ? 2.455   1.677   -8.844  1.00 49.14  ? 122 LEU B O   1 
ATOM   1308 C CB  . LEU B 1 80  ? 0.984   1.049   -11.499 1.00 65.85  ? 122 LEU B CB  1 
ATOM   1309 C CG  . LEU B 1 80  ? 1.798   -0.232  -11.507 1.00 73.72  ? 122 LEU B CG  1 
ATOM   1310 C CD1 . LEU B 1 80  ? 1.461   -0.955  -12.802 1.00 71.18  ? 122 LEU B CD1 1 
ATOM   1311 C CD2 . LEU B 1 80  ? 3.291   0.063   -11.411 1.00 79.34  ? 122 LEU B CD2 1 
ATOM   1312 N N   . VAL B 1 81  ? 1.581   3.618   -9.488  1.00 50.62  ? 123 VAL B N   1 
ATOM   1313 C CA  . VAL B 1 81  ? 2.484   4.435   -8.679  1.00 56.05  ? 123 VAL B CA  1 
ATOM   1314 C C   . VAL B 1 81  ? 2.029   4.468   -7.210  1.00 54.18  ? 123 VAL B C   1 
ATOM   1315 O O   . VAL B 1 81  ? 2.833   4.389   -6.281  1.00 46.94  ? 123 VAL B O   1 
ATOM   1316 C CB  . VAL B 1 81  ? 2.465   5.905   -9.168  1.00 65.99  ? 123 VAL B CB  1 
ATOM   1317 C CG1 . VAL B 1 81  ? 3.434   6.771   -8.333  1.00 59.86  ? 123 VAL B CG1 1 
ATOM   1318 C CG2 . VAL B 1 81  ? 2.727   5.986   -10.691 1.00 67.63  ? 123 VAL B CG2 1 
ATOM   1319 N N   . GLY B 1 82  ? 0.728   4.673   -7.029  1.00 54.85  ? 124 GLY B N   1 
ATOM   1320 C CA  . GLY B 1 82  ? 0.116   4.681   -5.705  1.00 55.72  ? 124 GLY B CA  1 
ATOM   1321 C C   . GLY B 1 82  ? 0.154   3.305   -5.065  1.00 56.22  ? 124 GLY B C   1 
ATOM   1322 O O   . GLY B 1 82  ? 0.456   3.164   -3.881  1.00 55.97  ? 124 GLY B O   1 
ATOM   1323 N N   . TRP B 1 83  ? -0.150  2.276   -5.851  1.00 56.56  ? 125 TRP B N   1 
ATOM   1324 C CA  . TRP B 1 83  ? -0.113  0.905   -5.346  1.00 52.96  ? 125 TRP B CA  1 
ATOM   1325 C C   . TRP B 1 83  ? 1.241   0.573   -4.723  1.00 53.88  ? 125 TRP B C   1 
ATOM   1326 O O   . TRP B 1 83  ? 1.310   0.052   -3.594  1.00 46.21  ? 125 TRP B O   1 
ATOM   1327 C CB  . TRP B 1 83  ? -0.459  -0.042  -6.474  1.00 51.30  ? 125 TRP B CB  1 
ATOM   1328 C CG  . TRP B 1 83  ? -0.006  -1.445  -6.289  1.00 52.92  ? 125 TRP B CG  1 
ATOM   1329 C CD1 . TRP B 1 83  ? 1.073   -2.042  -6.877  1.00 49.22  ? 125 TRP B CD1 1 
ATOM   1330 C CD2 . TRP B 1 83  ? -0.640  -2.455  -5.491  1.00 53.62  ? 125 TRP B CD2 1 
ATOM   1331 N NE1 . TRP B 1 83  ? 1.155   -3.356  -6.494  1.00 51.58  ? 125 TRP B NE1 1 
ATOM   1332 C CE2 . TRP B 1 83  ? 0.119   -3.645  -5.642  1.00 51.08  ? 125 TRP B CE2 1 
ATOM   1333 C CE3 . TRP B 1 83  ? -1.763  -2.468  -4.650  1.00 50.11  ? 125 TRP B CE3 1 
ATOM   1334 C CZ2 . TRP B 1 83  ? -0.200  -4.844  -4.966  1.00 49.36  ? 125 TRP B CZ2 1 
ATOM   1335 C CZ3 . TRP B 1 83  ? -2.095  -3.686  -3.983  1.00 49.36  ? 125 TRP B CZ3 1 
ATOM   1336 C CH2 . TRP B 1 83  ? -1.312  -4.844  -4.151  1.00 48.99  ? 125 TRP B CH2 1 
ATOM   1337 N N   . LEU B 1 84  ? 2.303   0.906   -5.456  1.00 57.22  ? 126 LEU B N   1 
ATOM   1338 C CA  . LEU B 1 84  ? 3.682   0.647   -5.015  1.00 56.57  ? 126 LEU B CA  1 
ATOM   1339 C C   . LEU B 1 84  ? 4.095   1.521   -3.819  1.00 56.35  ? 126 LEU B C   1 
ATOM   1340 O O   . LEU B 1 84  ? 4.804   1.040   -2.929  1.00 56.71  ? 126 LEU B O   1 
ATOM   1341 C CB  . LEU B 1 84  ? 4.668   0.818   -6.182  1.00 55.05  ? 126 LEU B CB  1 
ATOM   1342 C CG  . LEU B 1 84  ? 4.573   -0.268  -7.272  1.00 61.57  ? 126 LEU B CG  1 
ATOM   1343 C CD1 . LEU B 1 84  ? 5.788   -0.207  -8.164  1.00 67.73  ? 126 LEU B CD1 1 
ATOM   1344 C CD2 . LEU B 1 84  ? 4.446   -1.690  -6.731  1.00 60.05  ? 126 LEU B CD2 1 
ATOM   1345 N N   . GLU B 1 85  ? 3.665   2.787   -3.796  1.00 51.66  ? 127 GLU B N   1 
ATOM   1346 C CA  . GLU B 1 85  ? 3.903   3.674   -2.650  1.00 49.17  ? 127 GLU B CA  1 
ATOM   1347 C C   . GLU B 1 85  ? 3.145   3.184   -1.422  1.00 48.31  ? 127 GLU B C   1 
ATOM   1348 O O   . GLU B 1 85  ? 3.664   3.179   -0.288  1.00 43.55  ? 127 GLU B O   1 
ATOM   1349 C CB  . GLU B 1 85  ? 3.481   5.093   -2.975  1.00 58.67  ? 127 GLU B CB  1 
ATOM   1350 C CG  . GLU B 1 85  ? 4.626   5.934   -3.543  1.00 72.85  ? 127 GLU B CG  1 
ATOM   1351 C CD  . GLU B 1 85  ? 4.170   7.316   -4.029  1.00 89.16  ? 127 GLU B CD  1 
ATOM   1352 O OE1 . GLU B 1 85  ? 5.037   8.184   -4.352  1.00 95.00  ? 127 GLU B OE1 1 
ATOM   1353 O OE2 . GLU B 1 85  ? 2.933   7.541   -4.084  1.00 97.07  ? 127 GLU B OE2 1 
ATOM   1354 N N   . GLY B 1 86  ? 1.919   2.743   -1.669  1.00 48.22  ? 128 GLY B N   1 
ATOM   1355 C CA  . GLY B 1 86  ? 1.059   2.185   -0.631  1.00 46.40  ? 128 GLY B CA  1 
ATOM   1356 C C   . GLY B 1 86  ? 1.693   0.985   0.038   1.00 43.97  ? 128 GLY B C   1 
ATOM   1357 O O   . GLY B 1 86  ? 1.837   0.966   1.254   1.00 45.35  ? 128 GLY B O   1 
ATOM   1358 N N   . LEU B 1 87  ? 2.037   -0.034  -0.743  1.00 41.69  ? 129 LEU B N   1 
ATOM   1359 C CA  . LEU B 1 87  ? 2.762   -1.206  -0.217  1.00 41.24  ? 129 LEU B CA  1 
ATOM   1360 C C   . LEU B 1 87  ? 3.924   -0.766  0.652   1.00 42.86  ? 129 LEU B C   1 
ATOM   1361 O O   . LEU B 1 87  ? 4.097   -1.252  1.751   1.00 41.86  ? 129 LEU B O   1 
ATOM   1362 C CB  . LEU B 1 87  ? 3.314   -2.086  -1.359  1.00 40.92  ? 129 LEU B CB  1 
ATOM   1363 C CG  . LEU B 1 87  ? 2.353   -2.910  -2.246  1.00 39.53  ? 129 LEU B CG  1 
ATOM   1364 C CD1 . LEU B 1 87  ? 3.188   -3.820  -3.139  1.00 35.43  ? 129 LEU B CD1 1 
ATOM   1365 C CD2 . LEU B 1 87  ? 1.347   -3.724  -1.425  1.00 37.59  ? 129 LEU B CD2 1 
ATOM   1366 N N   . PHE B 1 88  ? 4.726   0.176   0.162   1.00 47.28  ? 130 PHE B N   1 
ATOM   1367 C CA  . PHE B 1 88  ? 5.913   0.600   0.903   1.00 45.15  ? 130 PHE B CA  1 
ATOM   1368 C C   . PHE B 1 88  ? 5.602   1.258   2.225   1.00 43.30  ? 130 PHE B C   1 
ATOM   1369 O O   . PHE B 1 88  ? 6.207   0.943   3.234   1.00 44.95  ? 130 PHE B O   1 
ATOM   1370 C CB  . PHE B 1 88  ? 6.733   1.594   0.137   1.00 47.44  ? 130 PHE B CB  1 
ATOM   1371 C CG  . PHE B 1 88  ? 8.006   1.921   0.838   1.00 53.51  ? 130 PHE B CG  1 
ATOM   1372 C CD1 . PHE B 1 88  ? 9.062   1.023   0.812   1.00 57.00  ? 130 PHE B CD1 1 
ATOM   1373 C CD2 . PHE B 1 88  ? 8.132   3.076   1.584   1.00 55.23  ? 130 PHE B CD2 1 
ATOM   1374 C CE1 . PHE B 1 88  ? 10.257  1.303   1.458   1.00 57.02  ? 130 PHE B CE1 1 
ATOM   1375 C CE2 . PHE B 1 88  ? 9.307   3.347   2.247   1.00 58.88  ? 130 PHE B CE2 1 
ATOM   1376 C CZ  . PHE B 1 88  ? 10.378  2.459   2.185   1.00 57.57  ? 130 PHE B CZ  1 
ATOM   1377 N N   . HIS B 1 89  ? 4.704   2.213   2.217   1.00 41.09  ? 131 HIS B N   1 
ATOM   1378 C CA  . HIS B 1 89  ? 4.322   2.824   3.461   1.00 45.81  ? 131 HIS B CA  1 
ATOM   1379 C C   . HIS B 1 89  ? 3.413   1.958   4.369   1.00 52.26  ? 131 HIS B C   1 
ATOM   1380 O O   . HIS B 1 89  ? 3.461   2.115   5.594   1.00 58.24  ? 131 HIS B O   1 
ATOM   1381 C CB  . HIS B 1 89  ? 3.671   4.168   3.184   1.00 48.55  ? 131 HIS B CB  1 
ATOM   1382 C CG  . HIS B 1 89  ? 4.655   5.203   2.737   1.00 48.47  ? 131 HIS B CG  1 
ATOM   1383 N ND1 . HIS B 1 89  ? 4.735   5.629   1.431   1.00 50.43  ? 131 HIS B ND1 1 
ATOM   1384 C CD2 . HIS B 1 89  ? 5.636   5.854   3.404   1.00 47.71  ? 131 HIS B CD2 1 
ATOM   1385 C CE1 . HIS B 1 89  ? 5.715   6.505   1.313   1.00 47.01  ? 131 HIS B CE1 1 
ATOM   1386 N NE2 . HIS B 1 89  ? 6.286   6.653   2.493   1.00 49.12  ? 131 HIS B NE2 1 
ATOM   1387 N N   . GLY B 1 90  ? 2.603   1.056   3.800   1.00 46.46  ? 132 GLY B N   1 
ATOM   1388 C CA  . GLY B 1 90  ? 1.820   0.099   4.623   1.00 40.51  ? 132 GLY B CA  1 
ATOM   1389 C C   . GLY B 1 90  ? 2.786   -0.813  5.339   1.00 39.13  ? 132 GLY B C   1 
ATOM   1390 O O   . GLY B 1 90  ? 2.704   -1.047  6.537   1.00 36.36  ? 132 GLY B O   1 
ATOM   1391 N N   . ILE B 1 91  ? 3.736   -1.338  4.589   1.00 42.49  ? 133 ILE B N   1 
ATOM   1392 C CA  . ILE B 1 91  ? 4.701   -2.271  5.164   1.00 44.21  ? 133 ILE B CA  1 
ATOM   1393 C C   . ILE B 1 91  ? 5.450   -1.492  6.211   1.00 43.34  ? 133 ILE B C   1 
ATOM   1394 O O   . ILE B 1 91  ? 5.673   -1.940  7.326   1.00 43.01  ? 133 ILE B O   1 
ATOM   1395 C CB  . ILE B 1 91  ? 5.706   -2.826  4.113   1.00 44.98  ? 133 ILE B CB  1 
ATOM   1396 C CG1 . ILE B 1 91  ? 5.101   -3.999  3.294   1.00 46.60  ? 133 ILE B CG1 1 
ATOM   1397 C CG2 . ILE B 1 91  ? 6.983   -3.293  4.798   1.00 43.02  ? 133 ILE B CG2 1 
ATOM   1398 C CD1 . ILE B 1 91  ? 6.055   -4.549  2.240   1.00 48.06  ? 133 ILE B CD1 1 
ATOM   1399 N N   . GLN B 1 92  ? 5.854   -0.300  5.838   1.00 46.78  ? 134 GLN B N   1 
ATOM   1400 C CA  . GLN B 1 92  ? 6.654   0.492   6.740   1.00 48.96  ? 134 GLN B CA  1 
ATOM   1401 C C   . GLN B 1 92  ? 5.951   0.809   8.084   1.00 43.76  ? 134 GLN B C   1 
ATOM   1402 O O   . GLN B 1 92  ? 6.497   0.587   9.150   1.00 38.22  ? 134 GLN B O   1 
ATOM   1403 C CB  . GLN B 1 92  ? 7.060   1.776   6.054   1.00 52.25  ? 134 GLN B CB  1 
ATOM   1404 C CG  . GLN B 1 92  ? 8.111   2.501   6.843   1.00 58.67  ? 134 GLN B CG  1 
ATOM   1405 C CD  . GLN B 1 92  ? 8.988   3.389   5.982   1.00 64.14  ? 134 GLN B CD  1 
ATOM   1406 O OE1 . GLN B 1 92  ? 8.507   4.061   5.079   1.00 66.46  ? 134 GLN B OE1 1 
ATOM   1407 N NE2 . GLN B 1 92  ? 10.281  3.423   6.288   1.00 69.80  ? 134 GLN B NE2 1 
ATOM   1408 N N   . THR B 1 93  ? 4.723   1.297   8.044   1.00 43.50  ? 135 THR B N   1 
ATOM   1409 C CA  . THR B 1 93  ? 4.091   1.675   9.300   1.00 45.29  ? 135 THR B CA  1 
ATOM   1410 C C   . THR B 1 93  ? 3.759   0.468   10.147  1.00 47.36  ? 135 THR B C   1 
ATOM   1411 O O   . THR B 1 93  ? 3.871   0.524   11.368  1.00 48.13  ? 135 THR B O   1 
ATOM   1412 C CB  . THR B 1 93  ? 2.832   2.532   9.146   1.00 45.00  ? 135 THR B CB  1 
ATOM   1413 O OG1 . THR B 1 93  ? 1.751   1.708   8.734   1.00 39.68  ? 135 THR B OG1 1 
ATOM   1414 C CG2 . THR B 1 93  ? 3.099   3.730   8.183   1.00 46.35  ? 135 THR B CG2 1 
ATOM   1415 N N   . ALA B 1 94  ? 3.374   -0.628  9.500   1.00 49.33  ? 136 ALA B N   1 
ATOM   1416 C CA  . ALA B 1 94  ? 3.106   -1.881  10.197  1.00 44.39  ? 136 ALA B CA  1 
ATOM   1417 C C   . ALA B 1 94  ? 4.349   -2.358  10.929  1.00 42.60  ? 136 ALA B C   1 
ATOM   1418 O O   . ALA B 1 94  ? 4.280   -2.874  12.057  1.00 48.07  ? 136 ALA B O   1 
ATOM   1419 C CB  . ALA B 1 94  ? 2.613   -2.939  9.212   1.00 44.69  ? 136 ALA B CB  1 
ATOM   1420 N N   . LEU B 1 95  ? 5.492   -2.200  10.277  1.00 48.21  ? 137 LEU B N   1 
ATOM   1421 C CA  . LEU B 1 95  ? 6.808   -2.606  10.841  1.00 49.95  ? 137 LEU B CA  1 
ATOM   1422 C C   . LEU B 1 95  ? 7.145   -1.789  12.093  1.00 48.63  ? 137 LEU B C   1 
ATOM   1423 O O   . LEU B 1 95  ? 7.759   -2.254  13.052  1.00 45.93  ? 137 LEU B O   1 
ATOM   1424 C CB  . LEU B 1 95  ? 7.898   -2.413  9.779   1.00 50.33  ? 137 LEU B CB  1 
ATOM   1425 C CG  . LEU B 1 95  ? 8.379   -3.692  9.109   1.00 55.65  ? 137 LEU B CG  1 
ATOM   1426 C CD1 . LEU B 1 95  ? 9.193   -3.425  7.865   1.00 60.57  ? 137 LEU B CD1 1 
ATOM   1427 C CD2 . LEU B 1 95  ? 9.252   -4.468  10.082  1.00 58.94  ? 137 LEU B CD2 1 
ATOM   1428 N N   . PHE B 1 96  ? 6.720   -0.547  12.056  1.00 49.25  ? 138 PHE B N   1 
ATOM   1429 C CA  . PHE B 1 96  ? 6.884   0.341   13.176  1.00 52.24  ? 138 PHE B CA  1 
ATOM   1430 C C   . PHE B 1 96  ? 5.980   0.034   14.335  1.00 46.36  ? 138 PHE B C   1 
ATOM   1431 O O   . PHE B 1 96  ? 6.387   0.058   15.483  1.00 49.93  ? 138 PHE B O   1 
ATOM   1432 C CB  . PHE B 1 96  ? 6.586   1.760   12.737  1.00 61.66  ? 138 PHE B CB  1 
ATOM   1433 C CG  . PHE B 1 96  ? 7.211   2.793   13.624  1.00 67.50  ? 138 PHE B CG  1 
ATOM   1434 C CD1 . PHE B 1 96  ? 8.549   3.138   13.464  1.00 64.56  ? 138 PHE B CD1 1 
ATOM   1435 C CD2 . PHE B 1 96  ? 6.467   3.407   14.614  1.00 69.94  ? 138 PHE B CD2 1 
ATOM   1436 C CE1 . PHE B 1 96  ? 9.124   4.081   14.279  1.00 71.44  ? 138 PHE B CE1 1 
ATOM   1437 C CE2 . PHE B 1 96  ? 7.042   4.348   15.433  1.00 69.66  ? 138 PHE B CE2 1 
ATOM   1438 C CZ  . PHE B 1 96  ? 8.367   4.684   15.270  1.00 71.27  ? 138 PHE B CZ  1 
ATOM   1439 N N   . ALA B 1 97  ? 4.718   -0.178  14.028  1.00 43.76  ? 139 ALA B N   1 
ATOM   1440 C CA  . ALA B 1 97  ? 3.790   -0.730  14.990  1.00 41.14  ? 139 ALA B CA  1 
ATOM   1441 C C   . ALA B 1 97  ? 4.406   -1.917  15.697  1.00 44.08  ? 139 ALA B C   1 
ATOM   1442 O O   . ALA B 1 97  ? 4.298   -2.087  16.888  1.00 47.41  ? 139 ALA B O   1 
ATOM   1443 C CB  . ALA B 1 97  ? 2.546   -1.181  14.268  1.00 42.28  ? 139 ALA B CB  1 
ATOM   1444 N N   . GLN B 1 98  ? 5.065   -2.770  14.954  1.00 46.64  ? 140 GLN B N   1 
ATOM   1445 C CA  . GLN B 1 98  ? 5.579   -3.985  15.572  1.00 51.21  ? 140 GLN B CA  1 
ATOM   1446 C C   . GLN B 1 98  ? 6.655   -3.672  16.659  1.00 50.16  ? 140 GLN B C   1 
ATOM   1447 O O   . GLN B 1 98  ? 6.603   -4.135  17.797  1.00 48.23  ? 140 GLN B O   1 
ATOM   1448 C CB  . GLN B 1 98  ? 6.132   -4.888  14.459  1.00 50.10  ? 140 GLN B CB  1 
ATOM   1449 C CG  . GLN B 1 98  ? 6.219   -6.334  14.822  1.00 49.31  ? 140 GLN B CG  1 
ATOM   1450 C CD  . GLN B 1 98  ? 7.281   -7.059  14.024  1.00 56.86  ? 140 GLN B CD  1 
ATOM   1451 O OE1 . GLN B 1 98  ? 7.349   -6.928  12.796  1.00 65.59  ? 140 GLN B OE1 1 
ATOM   1452 N NE2 . GLN B 1 98  ? 8.099   -7.868  14.716  1.00 60.47  ? 140 GLN B NE2 1 
ATOM   1453 N N   . GLN B 1 99  ? 7.645   -2.901  16.260  1.00 51.52  ? 141 GLN B N   1 
ATOM   1454 C CA  . GLN B 1 99  ? 8.681   -2.454  17.158  1.00 55.58  ? 141 GLN B CA  1 
ATOM   1455 C C   . GLN B 1 99  ? 8.098   -1.706  18.380  1.00 54.76  ? 141 GLN B C   1 
ATOM   1456 O O   . GLN B 1 99  ? 8.576   -1.828  19.515  1.00 50.40  ? 141 GLN B O   1 
ATOM   1457 C CB  . GLN B 1 99  ? 9.610   -1.520  16.393  1.00 59.18  ? 141 GLN B CB  1 
ATOM   1458 C CG  . GLN B 1 99  ? 10.612  -0.879  17.292  1.00 66.43  ? 141 GLN B CG  1 
ATOM   1459 C CD  . GLN B 1 99  ? 11.311  0.267   16.638  1.00 76.56  ? 141 GLN B CD  1 
ATOM   1460 O OE1 . GLN B 1 99  ? 11.257  0.418   15.405  1.00 75.56  ? 141 GLN B OE1 1 
ATOM   1461 N NE2 . GLN B 1 99  ? 12.005  1.089   17.463  1.00 77.33  ? 141 GLN B NE2 1 
ATOM   1462 N N   . MET B 1 100 ? 7.072   -0.911  18.126  1.00 56.08  ? 142 MET B N   1 
ATOM   1463 C CA  . MET B 1 100 ? 6.460   -0.089  19.163  1.00 58.16  ? 142 MET B CA  1 
ATOM   1464 C C   . MET B 1 100 ? 5.610   -0.865  20.114  1.00 53.93  ? 142 MET B C   1 
ATOM   1465 O O   . MET B 1 100 ? 5.530   -0.530  21.278  1.00 60.98  ? 142 MET B O   1 
ATOM   1466 C CB  . MET B 1 100 ? 5.595   0.982   18.532  1.00 61.16  ? 142 MET B CB  1 
ATOM   1467 C CG  . MET B 1 100 ? 6.428   2.045   17.819  1.00 68.13  ? 142 MET B CG  1 
ATOM   1468 S SD  . MET B 1 100 ? 7.645   2.889   18.886  1.00 80.35  ? 142 MET B SD  1 
ATOM   1469 C CE  . MET B 1 100 ? 9.207   2.089   18.515  1.00 66.89  ? 142 MET B CE  1 
ATOM   1470 N N   . ALA B 1 101 ? 4.958   -1.889  19.616  1.00 51.56  ? 143 ALA B N   1 
ATOM   1471 C CA  . ALA B 1 101 ? 4.202   -2.777  20.480  1.00 51.70  ? 143 ALA B CA  1 
ATOM   1472 C C   . ALA B 1 101 ? 5.129   -3.611  21.391  1.00 49.84  ? 143 ALA B C   1 
ATOM   1473 O O   . ALA B 1 101 ? 4.870   -3.718  22.592  1.00 50.47  ? 143 ALA B O   1 
ATOM   1474 C CB  . ALA B 1 101 ? 3.311   -3.685  19.647  1.00 54.77  ? 143 ALA B CB  1 
ATOM   1475 N N   . ALA B 1 102 ? 6.198   -4.190  20.834  1.00 44.03  ? 144 ALA B N   1 
ATOM   1476 C CA  . ALA B 1 102 ? 7.119   -4.969  21.644  1.00 47.34  ? 144 ALA B CA  1 
ATOM   1477 C C   . ALA B 1 102 ? 7.691   -4.114  22.816  1.00 57.72  ? 144 ALA B C   1 
ATOM   1478 O O   . ALA B 1 102 ? 7.826   -4.634  23.924  1.00 59.52  ? 144 ALA B O   1 
ATOM   1479 C CB  . ALA B 1 102 ? 8.229   -5.572  20.780  1.00 46.16  ? 144 ALA B CB  1 
ATOM   1480 N N   . ARG B 1 103 ? 8.005   -2.823  22.551  1.00 60.76  ? 145 ARG B N   1 
ATOM   1481 C CA  . ARG B 1 103 ? 8.488   -1.838  23.541  1.00 59.77  ? 145 ARG B CA  1 
ATOM   1482 C C   . ARG B 1 103 ? 7.465   -1.571  24.661  1.00 57.65  ? 145 ARG B C   1 
ATOM   1483 O O   . ARG B 1 103 ? 7.783   -1.552  25.844  1.00 55.88  ? 145 ARG B O   1 
ATOM   1484 C CB  . ARG B 1 103 ? 8.820   -0.505  22.846  1.00 68.10  ? 145 ARG B CB  1 
ATOM   1485 C CG  . ARG B 1 103 ? 9.690   0.431   23.686  1.00 75.63  ? 145 ARG B CG  1 
ATOM   1486 C CD  . ARG B 1 103 ? 9.668   1.890   23.219  1.00 84.30  ? 145 ARG B CD  1 
ATOM   1487 N NE  . ARG B 1 103 ? 10.969  2.399   22.722  1.00 101.68 ? 145 ARG B NE  1 
ATOM   1488 C CZ  . ARG B 1 103 ? 11.233  3.685   22.412  1.00 120.52 ? 145 ARG B CZ  1 
ATOM   1489 N NH1 . ARG B 1 103 ? 10.300  4.647   22.532  1.00 114.77 ? 145 ARG B NH1 1 
ATOM   1490 N NH2 . ARG B 1 103 ? 12.446  4.028   21.967  1.00 126.49 ? 145 ARG B NH2 1 
ATOM   1491 N N   . ALA B 1 104 ? 6.232   -1.316  24.274  1.00 63.00  ? 146 ALA B N   1 
ATOM   1492 C CA  . ALA B 1 104 ? 5.140   -1.123  25.244  1.00 65.14  ? 146 ALA B CA  1 
ATOM   1493 C C   . ALA B 1 104 ? 4.979   -2.332  26.157  1.00 68.21  ? 146 ALA B C   1 
ATOM   1494 O O   . ALA B 1 104 ? 5.011   -2.217  27.388  1.00 67.87  ? 146 ALA B O   1 
ATOM   1495 C CB  . ALA B 1 104 ? 3.828   -0.875  24.513  1.00 66.04  ? 146 ALA B CB  1 
ATOM   1496 N N   . GLN B 1 105 ? 4.801   -3.498  25.535  1.00 73.68  ? 147 GLN B N   1 
ATOM   1497 C CA  . GLN B 1 105 ? 4.678   -4.785  26.257  1.00 78.35  ? 147 GLN B CA  1 
ATOM   1498 C C   . GLN B 1 105 ? 5.766   -4.952  27.325  1.00 79.83  ? 147 GLN B C   1 
ATOM   1499 O O   . GLN B 1 105 ? 5.534   -5.563  28.378  1.00 80.73  ? 147 GLN B O   1 
ATOM   1500 C CB  . GLN B 1 105 ? 4.787   -5.952  25.277  1.00 72.58  ? 147 GLN B CB  1 
ATOM   1501 C CG  . GLN B 1 105 ? 3.771   -5.919  24.154  1.00 73.10  ? 147 GLN B CG  1 
ATOM   1502 C CD  . GLN B 1 105 ? 2.793   -7.066  24.209  1.00 84.33  ? 147 GLN B CD  1 
ATOM   1503 O OE1 . GLN B 1 105 ? 3.138   -8.192  23.853  1.00 79.31  ? 147 GLN B OE1 1 
ATOM   1504 N NE2 . GLN B 1 105 ? 1.548   -6.788  24.625  1.00 103.25 ? 147 GLN B NE2 1 
ATOM   1505 N N   . LEU B 1 106 ? 6.949   -4.426  27.010  1.00 76.11  ? 148 LEU B N   1 
ATOM   1506 C CA  . LEU B 1 106 ? 8.110   -4.483  27.884  1.00 80.50  ? 148 LEU B CA  1 
ATOM   1507 C C   . LEU B 1 106 ? 8.061   -3.415  28.989  1.00 75.35  ? 148 LEU B C   1 
ATOM   1508 O O   . LEU B 1 106 ? 8.347   -3.703  30.152  1.00 62.43  ? 148 LEU B O   1 
ATOM   1509 C CB  . LEU B 1 106 ? 9.385   -4.336  27.036  1.00 82.40  ? 148 LEU B CB  1 
ATOM   1510 C CG  . LEU B 1 106 ? 10.702  -4.745  27.708  1.00 81.20  ? 148 LEU B CG  1 
ATOM   1511 C CD1 . LEU B 1 106 ? 11.518  -5.577  26.732  1.00 76.32  ? 148 LEU B CD1 1 
ATOM   1512 C CD2 . LEU B 1 106 ? 11.464  -3.508  28.237  1.00 91.40  ? 148 LEU B CD2 1 
ATOM   1513 N N   . GLN B 1 107 ? 7.718   -2.188  28.610  1.00 77.93  ? 149 GLN B N   1 
ATOM   1514 C CA  . GLN B 1 107 ? 7.461   -1.120  29.578  1.00 85.15  ? 149 GLN B CA  1 
ATOM   1515 C C   . GLN B 1 107 ? 6.481   -1.568  30.690  1.00 85.91  ? 149 GLN B C   1 
ATOM   1516 O O   . GLN B 1 107 ? 6.393   -0.953  31.757  1.00 95.17  ? 149 GLN B O   1 
ATOM   1517 C CB  . GLN B 1 107 ? 6.899   0.109   28.870  1.00 95.48  ? 149 GLN B CB  1 
ATOM   1518 C CG  . GLN B 1 107 ? 7.838   1.301   28.817  1.00 107.52 ? 149 GLN B CG  1 
ATOM   1519 C CD  . GLN B 1 107 ? 7.148   2.577   28.325  1.00 130.64 ? 149 GLN B CD  1 
ATOM   1520 O OE1 . GLN B 1 107 ? 7.813   3.502   27.843  1.00 129.62 ? 149 GLN B OE1 1 
ATOM   1521 N NE2 . GLN B 1 107 ? 5.805   2.639   28.449  1.00 140.85 ? 149 GLN B NE2 1 
ATOM   1522 N N   . GLN B 1 108 ? 5.733   -2.628  30.424  1.00 81.83  ? 150 GLN B N   1 
ATOM   1523 C CA  . GLN B 1 108 ? 4.898   -3.274  31.431  1.00 84.93  ? 150 GLN B CA  1 
ATOM   1524 C C   . GLN B 1 108 ? 5.643   -4.197  32.418  1.00 93.93  ? 150 GLN B C   1 
ATOM   1525 O O   . GLN B 1 108 ? 5.023   -4.777  33.331  1.00 103.96 ? 150 GLN B O   1 
ATOM   1526 C CB  . GLN B 1 108 ? 3.832   -4.088  30.728  1.00 86.36  ? 150 GLN B CB  1 
ATOM   1527 C CG  . GLN B 1 108 ? 2.570   -3.311  30.431  1.00 92.10  ? 150 GLN B CG  1 
ATOM   1528 C CD  . GLN B 1 108 ? 1.665   -4.061  29.474  1.00 97.01  ? 150 GLN B CD  1 
ATOM   1529 O OE1 . GLN B 1 108 ? 1.977   -5.185  29.021  1.00 93.44  ? 150 GLN B OE1 1 
ATOM   1530 N NE2 . GLN B 1 108 ? 0.520   -3.448  29.165  1.00 92.30  ? 150 GLN B NE2 1 
ATOM   1531 N N   . MET B 1 109 ? 6.955   -4.355  32.218  1.00 102.15 ? 151 MET B N   1 
ATOM   1532 C CA  . MET B 1 109 ? 7.829   -5.138  33.114  1.00 101.47 ? 151 MET B CA  1 
ATOM   1533 C C   . MET B 1 109 ? 7.737   -4.653  34.530  1.00 101.16 ? 151 MET B C   1 
ATOM   1534 O O   . MET B 1 109 ? 7.855   -5.447  35.464  1.00 110.19 ? 151 MET B O   1 
ATOM   1535 C CB  . MET B 1 109 ? 9.297   -5.052  32.671  1.00 109.08 ? 151 MET B CB  1 
ATOM   1536 C CG  . MET B 1 109 ? 10.012  -3.729  32.977  1.00 109.37 ? 151 MET B CG  1 
ATOM   1537 S SD  . MET B 1 109 ? 11.822  -3.768  32.754  1.00 114.77 ? 151 MET B SD  1 
ATOM   1538 C CE  . MET B 1 109 ? 12.330  -4.856  34.112  1.00 105.79 ? 151 MET B CE  1 
ATOM   1539 N N   . ARG B 1 110 ? 7.570   -3.333  34.657  1.00 105.02 ? 152 ARG B N   1 
ATOM   1540 C CA  . ARG B 1 110 ? 7.361   -2.645  35.926  1.00 109.68 ? 152 ARG B CA  1 
ATOM   1541 C C   . ARG B 1 110 ? 5.870   -2.352  36.186  1.00 96.83  ? 152 ARG B C   1 
ATOM   1542 O O   . ARG B 1 110 ? 5.118   -3.223  36.649  1.00 81.36  ? 152 ARG B O   1 
ATOM   1543 C CB  . ARG B 1 110 ? 8.171   -1.336  35.927  1.00 119.40 ? 152 ARG B CB  1 
ATOM   1544 C CG  . ARG B 1 110 ? 9.685   -1.471  35.713  1.00 126.33 ? 152 ARG B CG  1 
ATOM   1545 C CD  . ARG B 1 110 ? 10.293  -2.666  36.460  1.00 136.56 ? 152 ARG B CD  1 
ATOM   1546 N NE  . ARG B 1 110 ? 11.650  -2.411  36.967  1.00 143.33 ? 152 ARG B NE  1 
ATOM   1547 C CZ  . ARG B 1 110 ? 11.939  -1.884  38.161  1.00 139.06 ? 152 ARG B CZ  1 
ATOM   1548 N NH1 . ARG B 1 110 ? 10.969  -1.526  39.007  1.00 128.18 ? 152 ARG B NH1 1 
ATOM   1549 N NH2 . ARG B 1 110 ? 13.211  -1.703  38.512  1.00 139.83 ? 152 ARG B NH2 1 
HETATM 1550 O O   . HOH C 2 .   ? -11.527 3.294   -9.054  1.00 57.34  ? 201 HOH A O   1 
HETATM 1551 O O   . HOH D 2 .   ? 5.717   -6.814  32.448  1.00 72.44  ? 201 HOH B O   1 
# 
